data_9KEJ
#
_entry.id   9KEJ
#
_cell.length_a   1.00
_cell.length_b   1.00
_cell.length_c   1.00
_cell.angle_alpha   90.00
_cell.angle_beta   90.00
_cell.angle_gamma   90.00
#
_symmetry.space_group_name_H-M   'P 1'
#
loop_
_entity.id
_entity.type
_entity.pdbx_description
1 polymer 'CGAMP-activated phospholipase CapV'
2 non-polymer "2-amino-9-[(2R,3R,3aS,5R,7aR,9R,10R,10aS,12R,14aR)-9-(6-amino-9H-purin-9-yl)-3,5,10,12-tetrahydroxy-5,12-dioxidooctahydro-2H,7H-difuro[3,2-d:3',2'-j][1,3,7,9,2,8]tetraoxadiphosphacyclododecin-2-yl]-1,9-dihydro-6H-purin-6-one"
#
_entity_poly.entity_id   1
_entity_poly.type   'polypeptide(L)'
_entity_poly.pdbx_seq_one_letter_code
;METSENKSEIKILSLNGGGVRGLFTITLLAELESIIEKREKCENVKIGDYFDLITGTAIGGILALGLASGKSARELKEAF
EINATKIFPLKRFKNKQWWNLLRRSIYESEPLYDAVKSMIGETIKFEDLNRRVMITSVNLSTGKPKFFKTPHNPMFTMDR
EIRLIDAAMATSAAPTYFKPHYIEKLENYFADGGLVANNPSYIGIREVLIDMKNDFPDAKPENIKVLNIGTLSEDYCISP
ETLSKNSGKGYLSLWNMGERIVLSTMTANQHLQRFMLLREFEALKIEKNYVEIDETIPNEAAAEITLDNASEGCLKALRG
SGKKLAAERYTKNEELRNFFLKKAEPFVPYIESSEVTAHHHHHH
;
_entity_poly.pdbx_strand_id   A,B,C,D,E,F
#
loop_
_chem_comp.id
_chem_comp.type
_chem_comp.name
_chem_comp.formula
4BW non-polymer 2-amino-9-[(2R,3R,3aS,5R,7aR,9R,10R,10aS,12R,14aR)-9-(6-amino-9H-purin-9-yl)-3,5,10,12-tetrahydroxy-5,12-dioxidooctahydro-2H,7H-difuro[3,2-d:3',2'-j][1,3,7,9,2,8]tetraoxadiphosphacyclododecin-2-yl]-1,9-dihydro-6H-purin-6-one 'C20 H24 N10 O13 P2'
#
# COMPACT_ATOMS: atom_id res chain seq x y z
N SER A 8 0.87 -1.17 60.15
CA SER A 8 1.28 -0.37 61.29
C SER A 8 2.80 -0.21 61.34
N GLU A 9 3.52 -1.20 60.80
CA GLU A 9 4.97 -1.17 60.79
C GLU A 9 5.47 -2.14 59.75
N ILE A 10 6.40 -1.68 58.90
CA ILE A 10 6.99 -2.50 57.86
C ILE A 10 8.51 -2.40 57.99
N LYS A 11 9.17 -3.55 57.97
CA LYS A 11 10.62 -3.62 58.11
C LYS A 11 11.25 -4.10 56.81
N ILE A 12 12.31 -3.43 56.39
CA ILE A 12 13.04 -3.76 55.17
C ILE A 12 14.50 -3.96 55.52
N LEU A 13 15.09 -5.04 55.03
CA LEU A 13 16.52 -5.29 55.15
C LEU A 13 17.17 -5.06 53.80
N SER A 14 18.13 -4.13 53.75
CA SER A 14 18.83 -3.79 52.52
C SER A 14 20.30 -4.14 52.68
N LEU A 15 20.85 -4.87 51.71
CA LEU A 15 22.24 -5.29 51.73
C LEU A 15 22.94 -4.81 50.47
N ASN A 16 24.08 -4.16 50.65
CA ASN A 16 24.85 -3.65 49.53
C ASN A 16 25.72 -4.74 48.93
N GLY A 17 26.47 -4.39 47.91
CA GLY A 17 27.37 -5.32 47.23
C GLY A 17 28.81 -4.88 47.37
N GLY A 18 29.64 -5.79 47.89
CA GLY A 18 31.04 -5.49 48.08
C GLY A 18 31.98 -6.65 47.80
N GLY A 19 31.45 -7.79 47.42
CA GLY A 19 32.28 -8.96 47.18
C GLY A 19 32.60 -9.65 48.49
N VAL A 20 33.90 -9.86 48.74
CA VAL A 20 34.32 -10.47 50.01
C VAL A 20 33.94 -9.60 51.19
N ARG A 21 33.79 -8.29 50.99
CA ARG A 21 33.40 -7.39 52.06
C ARG A 21 31.98 -7.64 52.52
N GLY A 22 31.20 -8.43 51.79
CA GLY A 22 29.90 -8.86 52.25
C GLY A 22 29.94 -9.79 53.45
N LEU A 23 31.13 -10.29 53.79
CA LEU A 23 31.27 -11.06 55.02
C LEU A 23 30.93 -10.20 56.23
N PHE A 24 31.37 -8.94 56.23
CA PHE A 24 31.02 -8.03 57.31
C PHE A 24 29.51 -7.88 57.41
N THR A 25 28.81 -7.91 56.27
CA THR A 25 27.36 -7.85 56.28
C THR A 25 26.77 -9.07 56.98
N ILE A 26 27.32 -10.26 56.70
CA ILE A 26 26.75 -11.47 57.28
C ILE A 26 27.32 -11.72 58.68
N THR A 27 28.54 -11.26 58.95
CA THR A 27 29.08 -11.36 60.31
C THR A 27 28.30 -10.48 61.27
N LEU A 28 27.92 -9.28 60.83
CA LEU A 28 27.08 -8.42 61.65
C LEU A 28 25.72 -9.05 61.89
N LEU A 29 25.14 -9.67 60.86
CA LEU A 29 23.86 -10.35 61.03
C LEU A 29 24.01 -11.60 61.89
N ALA A 30 25.12 -12.32 61.74
CA ALA A 30 25.35 -13.51 62.55
C ALA A 30 25.49 -13.15 64.03
N GLU A 31 26.30 -12.12 64.32
CA GLU A 31 26.48 -11.70 65.70
C GLU A 31 25.18 -11.14 66.27
N LEU A 32 24.38 -10.45 65.45
CA LEU A 32 23.08 -9.98 65.91
C LEU A 32 22.17 -11.14 66.28
N GLU A 33 22.23 -12.24 65.51
CA GLU A 33 21.43 -13.42 65.84
C GLU A 33 21.82 -13.99 67.19
N SER A 34 23.12 -14.07 67.47
CA SER A 34 23.59 -14.60 68.76
C SER A 34 23.16 -13.68 69.90
N ILE A 35 23.19 -12.37 69.68
CA ILE A 35 22.81 -11.43 70.72
C ILE A 35 21.35 -11.61 71.10
N ILE A 36 20.47 -11.77 70.10
CA ILE A 36 19.06 -11.98 70.37
C ILE A 36 18.85 -13.27 71.15
N GLU A 37 19.56 -14.33 70.76
CA GLU A 37 19.45 -15.60 71.48
C GLU A 37 19.92 -15.46 72.93
N LYS A 38 21.03 -14.75 73.14
CA LYS A 38 21.58 -14.61 74.48
C LYS A 38 20.69 -13.77 75.38
N ARG A 39 20.10 -12.71 74.84
CA ARG A 39 19.31 -11.80 75.65
C ARG A 39 17.85 -12.24 75.80
N GLU A 40 17.23 -12.68 74.70
CA GLU A 40 15.84 -13.09 74.74
C GLU A 40 15.65 -14.52 75.22
N LYS A 41 16.75 -15.26 75.44
CA LYS A 41 16.70 -16.64 75.91
C LYS A 41 15.90 -17.53 74.97
N CYS A 42 16.29 -17.51 73.69
CA CYS A 42 15.65 -18.30 72.65
C CYS A 42 16.69 -19.19 71.97
N GLU A 43 16.26 -19.91 70.94
CA GLU A 43 17.14 -20.82 70.23
C GLU A 43 16.86 -20.74 68.74
N ASN A 44 17.87 -21.07 67.94
CA ASN A 44 17.85 -21.11 66.49
C ASN A 44 17.02 -19.99 65.88
N VAL A 45 17.35 -18.74 66.21
CA VAL A 45 16.64 -17.60 65.67
C VAL A 45 17.16 -17.30 64.27
N LYS A 46 16.27 -16.83 63.41
CA LYS A 46 16.60 -16.49 62.03
C LYS A 46 16.54 -14.98 61.86
N ILE A 47 17.64 -14.40 61.37
CA ILE A 47 17.68 -12.96 61.17
C ILE A 47 16.73 -12.52 60.06
N GLY A 48 16.39 -13.42 59.15
CA GLY A 48 15.47 -13.12 58.07
C GLY A 48 14.01 -13.26 58.41
N ASP A 49 13.68 -13.67 59.63
CA ASP A 49 12.30 -13.84 60.05
C ASP A 49 11.69 -12.58 60.64
N TYR A 50 12.48 -11.51 60.80
CA TYR A 50 11.99 -10.26 61.35
C TYR A 50 11.74 -9.19 60.30
N PHE A 51 11.96 -9.50 59.02
CA PHE A 51 11.86 -8.53 57.94
C PHE A 51 10.69 -8.89 57.03
N ASP A 52 9.90 -7.88 56.65
CA ASP A 52 8.82 -8.08 55.70
C ASP A 52 9.29 -8.07 54.25
N LEU A 53 10.51 -7.60 53.99
CA LEU A 53 11.05 -7.60 52.64
C LEU A 53 12.56 -7.53 52.74
N ILE A 54 13.25 -8.43 52.04
CA ILE A 54 14.71 -8.49 52.04
C ILE A 54 15.19 -8.20 50.63
N THR A 55 16.00 -7.16 50.49
CA THR A 55 16.51 -6.75 49.19
C THR A 55 18.02 -6.64 49.24
N GLY A 56 18.67 -6.99 48.13
CA GLY A 56 20.13 -6.97 48.10
C GLY A 56 20.64 -6.85 46.69
N THR A 57 21.95 -6.64 46.59
CA THR A 57 22.64 -6.47 45.32
C THR A 57 24.01 -7.12 45.40
N ALA A 58 24.38 -7.84 44.34
CA ALA A 58 25.67 -8.53 44.24
C ALA A 58 25.79 -9.49 45.41
N ILE A 59 26.82 -9.37 46.26
CA ILE A 59 26.93 -10.28 47.41
C ILE A 59 25.77 -10.09 48.36
N GLY A 60 25.17 -8.90 48.38
CA GLY A 60 23.97 -8.70 49.19
C GLY A 60 22.80 -9.52 48.66
N GLY A 61 22.71 -9.69 47.35
CA GLY A 61 21.65 -10.50 46.79
C GLY A 61 21.77 -11.96 47.15
N ILE A 62 22.99 -12.50 47.11
CA ILE A 62 23.21 -13.90 47.49
C ILE A 62 22.85 -14.12 48.94
N LEU A 63 23.27 -13.21 49.82
CA LEU A 63 22.90 -13.32 51.23
C LEU A 63 21.40 -13.16 51.42
N ALA A 64 20.78 -12.24 50.67
CA ALA A 64 19.34 -12.05 50.77
C ALA A 64 18.58 -13.30 50.34
N LEU A 65 19.04 -13.94 49.26
CA LEU A 65 18.41 -15.18 48.80
C LEU A 65 18.59 -16.30 49.83
N GLY A 66 19.79 -16.41 50.41
CA GLY A 66 20.01 -17.43 51.41
C GLY A 66 19.20 -17.21 52.67
N LEU A 67 19.10 -15.96 53.13
CA LEU A 67 18.34 -15.67 54.33
C LEU A 67 16.86 -15.95 54.15
N ALA A 68 16.32 -15.66 52.97
CA ALA A 68 14.89 -15.86 52.74
C ALA A 68 14.55 -17.34 52.56
N SER A 69 15.49 -18.15 52.09
CA SER A 69 15.24 -19.57 51.91
C SER A 69 15.07 -20.29 53.25
N GLY A 70 15.40 -19.63 54.35
CA GLY A 70 15.29 -20.22 55.68
C GLY A 70 16.61 -20.45 56.38
N LYS A 71 17.72 -20.41 55.64
CA LYS A 71 19.03 -20.62 56.25
C LYS A 71 19.39 -19.45 57.15
N SER A 72 19.94 -19.78 58.32
CA SER A 72 20.31 -18.75 59.30
C SER A 72 21.54 -17.99 58.83
N ALA A 73 21.70 -16.78 59.38
CA ALA A 73 22.89 -15.99 59.08
C ALA A 73 24.16 -16.64 59.59
N ARG A 74 24.07 -17.35 60.72
CA ARG A 74 25.23 -18.07 61.23
C ARG A 74 25.65 -19.18 60.27
N GLU A 75 24.69 -19.91 59.70
CA GLU A 75 25.01 -20.90 58.68
C GLU A 75 25.60 -20.23 57.44
N LEU A 76 25.05 -19.07 57.06
CA LEU A 76 25.63 -18.31 55.96
C LEU A 76 27.03 -17.81 56.29
N LYS A 77 27.27 -17.45 57.56
CA LYS A 77 28.58 -16.94 57.95
C LYS A 77 29.66 -18.01 57.78
N GLU A 78 29.40 -19.23 58.28
CA GLU A 78 30.39 -20.30 58.14
C GLU A 78 30.52 -20.75 56.68
N ALA A 79 29.43 -20.72 55.92
CA ALA A 79 29.51 -21.04 54.50
C ALA A 79 30.34 -20.01 53.76
N PHE A 80 30.22 -18.74 54.14
CA PHE A 80 31.00 -17.68 53.49
C PHE A 80 32.49 -17.88 53.71
N GLU A 81 32.88 -18.25 54.93
CA GLU A 81 34.30 -18.34 55.26
C GLU A 81 35.01 -19.38 54.40
N ILE A 82 34.44 -20.58 54.31
CA ILE A 82 35.08 -21.65 53.55
C ILE A 82 35.02 -21.37 52.06
N ASN A 83 33.89 -20.86 51.58
CA ASN A 83 33.70 -20.68 50.14
C ASN A 83 34.47 -19.47 49.60
N ALA A 84 34.67 -18.44 50.41
CA ALA A 84 35.35 -17.24 49.93
C ALA A 84 36.76 -17.55 49.43
N THR A 85 37.45 -18.50 50.05
CA THR A 85 38.75 -18.91 49.56
C THR A 85 38.66 -19.63 48.22
N LYS A 86 37.52 -20.28 47.95
CA LYS A 86 37.32 -20.97 46.69
C LYS A 86 36.79 -20.03 45.61
N ILE A 87 35.86 -19.15 45.95
CA ILE A 87 35.31 -18.22 44.97
C ILE A 87 36.39 -17.27 44.46
N PHE A 88 37.24 -16.78 45.35
CA PHE A 88 38.32 -15.89 44.98
C PHE A 88 39.65 -16.57 45.25
N PRO A 89 40.14 -17.39 44.31
CA PRO A 89 41.41 -18.08 44.53
C PRO A 89 42.58 -17.11 44.62
N LEU A 90 43.59 -17.52 45.38
CA LEU A 90 44.79 -16.70 45.52
C LEU A 90 45.52 -16.56 44.19
N LYS A 91 45.58 -17.65 43.41
CA LYS A 91 46.29 -17.61 42.13
C LYS A 91 45.64 -16.63 41.17
N ARG A 92 44.31 -16.62 41.11
CA ARG A 92 43.63 -15.69 40.21
C ARG A 92 43.68 -14.26 40.73
N PHE A 93 43.59 -14.09 42.05
CA PHE A 93 43.69 -12.76 42.63
C PHE A 93 45.05 -12.14 42.36
N LYS A 94 46.13 -12.93 42.51
CA LYS A 94 47.47 -12.43 42.27
C LYS A 94 47.74 -12.18 40.80
N ASN A 95 46.93 -12.76 39.90
CA ASN A 95 47.15 -12.68 38.47
C ASN A 95 46.25 -11.66 37.79
N LYS A 96 46.01 -10.52 38.42
CA LYS A 96 45.19 -9.47 37.83
C LYS A 96 46.03 -8.45 37.08
N GLN A 97 46.91 -8.91 36.20
CA GLN A 97 47.63 -7.99 35.34
C GLN A 97 46.70 -7.45 34.25
N TRP A 98 47.16 -6.39 33.58
CA TRP A 98 46.35 -5.77 32.55
C TRP A 98 46.13 -6.70 31.37
N TRP A 99 47.14 -7.49 31.00
CA TRP A 99 46.97 -8.39 29.85
C TRP A 99 45.99 -9.51 30.16
N ASN A 100 45.87 -9.92 31.42
CA ASN A 100 44.89 -10.94 31.77
C ASN A 100 43.48 -10.39 31.70
N LEU A 101 43.26 -9.18 32.20
CA LEU A 101 41.94 -8.56 32.10
C LEU A 101 41.61 -8.18 30.66
N LEU A 102 42.63 -7.87 29.87
CA LEU A 102 42.43 -7.54 28.46
C LEU A 102 42.14 -8.77 27.61
N ARG A 103 42.51 -9.97 28.08
CA ARG A 103 42.30 -11.20 27.34
C ARG A 103 41.05 -11.94 27.77
N ARG A 104 40.73 -11.93 29.06
CA ARG A 104 39.60 -12.67 29.58
C ARG A 104 39.08 -11.97 30.84
N SER A 105 38.15 -12.63 31.52
CA SER A 105 37.66 -12.16 32.80
C SER A 105 38.40 -12.88 33.93
N ILE A 106 38.86 -12.12 34.92
CA ILE A 106 39.55 -12.73 36.04
C ILE A 106 38.57 -13.57 36.85
N TYR A 107 39.11 -14.50 37.63
CA TYR A 107 38.33 -15.45 38.43
C TYR A 107 37.46 -16.33 37.54
N GLU A 108 36.64 -17.18 38.16
CA GLU A 108 35.78 -18.10 37.44
C GLU A 108 34.41 -18.12 38.09
N SER A 109 33.41 -18.51 37.30
CA SER A 109 32.04 -18.58 37.80
C SER A 109 31.69 -19.92 38.40
N GLU A 110 32.46 -20.97 38.10
CA GLU A 110 32.16 -22.28 38.65
C GLU A 110 32.28 -22.33 40.17
N PRO A 111 33.36 -21.86 40.81
CA PRO A 111 33.39 -21.89 42.28
C PRO A 111 32.27 -21.09 42.92
N LEU A 112 31.89 -19.97 42.32
CA LEU A 112 30.78 -19.18 42.86
C LEU A 112 29.46 -19.94 42.72
N TYR A 113 29.29 -20.69 41.63
CA TYR A 113 28.08 -21.47 41.45
C TYR A 113 27.95 -22.55 42.52
N ASP A 114 29.06 -23.22 42.86
CA ASP A 114 29.02 -24.29 43.85
C ASP A 114 28.66 -23.74 45.23
N ALA A 115 29.19 -22.57 45.58
CA ALA A 115 28.93 -22.00 46.89
C ALA A 115 27.44 -21.70 47.09
N VAL A 116 26.79 -21.14 46.08
CA VAL A 116 25.37 -20.84 46.19
C VAL A 116 24.55 -22.13 46.20
N LYS A 117 24.93 -23.10 45.38
CA LYS A 117 24.20 -24.36 45.30
C LYS A 117 24.22 -25.10 46.63
N SER A 118 25.37 -25.11 47.30
CA SER A 118 25.50 -25.84 48.55
C SER A 118 24.67 -25.21 49.66
N MET A 119 24.21 -23.97 49.48
CA MET A 119 23.54 -23.25 50.55
C MET A 119 22.03 -23.24 50.41
N ILE A 120 21.51 -22.94 49.22
CA ILE A 120 20.07 -22.90 48.99
C ILE A 120 19.59 -24.04 48.10
N GLY A 121 20.43 -24.56 47.22
CA GLY A 121 20.06 -25.66 46.34
C GLY A 121 20.16 -25.25 44.89
N GLU A 122 19.65 -26.13 44.03
CA GLU A 122 19.66 -25.91 42.59
C GLU A 122 18.27 -26.05 41.97
N THR A 123 17.23 -26.20 42.77
CA THR A 123 15.87 -26.38 42.26
C THR A 123 14.86 -25.41 42.84
N ILE A 124 15.16 -24.70 43.92
CA ILE A 124 14.20 -23.81 44.54
C ILE A 124 14.02 -22.59 43.65
N LYS A 125 12.77 -22.23 43.37
CA LYS A 125 12.42 -21.08 42.56
C LYS A 125 11.80 -20.00 43.44
N PHE A 126 11.57 -18.84 42.83
CA PHE A 126 11.02 -17.71 43.58
C PHE A 126 9.60 -17.97 44.08
N GLU A 127 8.90 -18.94 43.50
CA GLU A 127 7.55 -19.26 43.96
C GLU A 127 7.54 -20.14 45.21
N ASP A 128 8.68 -20.74 45.56
CA ASP A 128 8.75 -21.56 46.77
C ASP A 128 9.13 -20.77 48.01
N LEU A 129 9.63 -19.55 47.86
CA LEU A 129 10.10 -18.77 48.99
C LEU A 129 8.92 -18.31 49.85
N ASN A 130 9.14 -18.31 51.16
CA ASN A 130 8.17 -17.77 52.11
C ASN A 130 8.54 -16.38 52.61
N ARG A 131 9.56 -15.77 52.00
CA ARG A 131 10.01 -14.43 52.36
C ARG A 131 10.15 -13.60 51.10
N ARG A 132 9.63 -12.37 51.13
CA ARG A 132 9.72 -11.50 49.98
C ARG A 132 11.17 -11.13 49.70
N VAL A 133 11.53 -11.07 48.42
CA VAL A 133 12.91 -10.88 48.00
C VAL A 133 12.94 -9.92 46.81
N MET A 134 13.93 -9.03 46.80
CA MET A 134 14.16 -8.13 45.68
C MET A 134 15.64 -8.20 45.31
N ILE A 135 15.94 -8.68 44.11
CA ILE A 135 17.30 -8.80 43.63
C ILE A 135 17.45 -7.94 42.38
N THR A 136 18.49 -7.12 42.35
CA THR A 136 18.73 -6.19 41.26
C THR A 136 19.76 -6.76 40.29
N SER A 137 19.54 -6.52 39.00
CA SER A 137 20.45 -6.98 37.97
C SER A 137 20.31 -6.08 36.75
N VAL A 138 21.32 -6.15 35.88
CA VAL A 138 21.36 -5.37 34.64
C VAL A 138 21.24 -6.32 33.47
N ASN A 139 20.20 -6.17 32.67
CA ASN A 139 19.97 -7.00 31.50
C ASN A 139 20.86 -6.49 30.37
N LEU A 140 22.00 -7.15 30.16
CA LEU A 140 22.93 -6.71 29.11
C LEU A 140 22.31 -6.84 27.73
N SER A 141 21.38 -7.79 27.55
CA SER A 141 20.78 -8.00 26.23
C SER A 141 19.86 -6.84 25.85
N THR A 142 19.22 -6.20 26.82
CA THR A 142 18.33 -5.09 26.54
C THR A 142 18.85 -3.74 27.02
N GLY A 143 19.65 -3.73 28.08
CA GLY A 143 20.13 -2.51 28.68
C GLY A 143 19.32 -2.00 29.86
N LYS A 144 18.08 -2.47 30.00
CA LYS A 144 17.25 -2.09 31.12
C LYS A 144 17.64 -2.89 32.36
N PRO A 145 17.40 -2.34 33.56
CA PRO A 145 17.65 -3.11 34.78
C PRO A 145 16.52 -4.10 35.04
N LYS A 146 16.88 -5.37 35.22
CA LYS A 146 15.92 -6.42 35.54
C LYS A 146 16.01 -6.73 37.03
N PHE A 147 14.87 -6.69 37.70
CA PHE A 147 14.80 -6.87 39.15
C PHE A 147 14.08 -8.19 39.43
N PHE A 148 14.85 -9.23 39.73
CA PHE A 148 14.26 -10.50 40.13
C PHE A 148 13.58 -10.36 41.48
N LYS A 149 12.38 -10.92 41.60
CA LYS A 149 11.65 -10.79 42.85
C LYS A 149 10.62 -11.90 42.97
N THR A 150 10.28 -12.23 44.20
CA THR A 150 9.20 -13.17 44.47
C THR A 150 7.86 -12.54 44.06
N PRO A 151 6.87 -13.35 43.75
CA PRO A 151 5.58 -12.80 43.32
C PRO A 151 4.76 -12.23 44.47
N HIS A 152 5.26 -11.19 45.15
CA HIS A 152 4.42 -10.53 46.14
C HIS A 152 3.25 -9.81 45.49
N ASN A 153 3.43 -9.32 44.27
CA ASN A 153 2.34 -8.79 43.47
C ASN A 153 1.78 -9.92 42.62
N PRO A 154 0.50 -10.30 42.80
CA PRO A 154 -0.01 -11.51 42.12
C PRO A 154 0.02 -11.42 40.61
N MET A 155 0.05 -10.23 40.03
CA MET A 155 0.09 -10.09 38.58
C MET A 155 1.42 -10.50 37.98
N PHE A 156 2.45 -10.71 38.80
CA PHE A 156 3.75 -11.12 38.28
C PHE A 156 3.65 -12.50 37.64
N THR A 157 4.24 -12.63 36.44
CA THR A 157 4.18 -13.89 35.71
C THR A 157 5.51 -14.26 35.06
N MET A 158 6.62 -13.70 35.53
CA MET A 158 7.91 -13.91 34.89
C MET A 158 8.91 -14.68 35.74
N ASP A 159 8.99 -14.39 37.04
CA ASP A 159 10.03 -14.92 37.90
C ASP A 159 9.58 -16.10 38.75
N ARG A 160 8.38 -16.65 38.48
CA ARG A 160 7.87 -17.74 39.31
C ARG A 160 8.65 -19.03 39.10
N GLU A 161 9.09 -19.30 37.87
CA GLU A 161 9.89 -20.49 37.60
C GLU A 161 11.32 -20.20 37.16
N ILE A 162 12.00 -19.31 37.85
CA ILE A 162 13.44 -19.12 37.67
C ILE A 162 14.12 -19.50 38.97
N ARG A 163 15.13 -20.34 38.87
CA ARG A 163 15.84 -20.82 40.05
C ARG A 163 16.56 -19.67 40.74
N LEU A 164 16.60 -19.74 42.08
CA LEU A 164 17.28 -18.70 42.84
C LEU A 164 18.76 -18.65 42.51
N ILE A 165 19.36 -19.78 42.13
CA ILE A 165 20.75 -19.79 41.74
C ILE A 165 20.97 -19.04 40.43
N ASP A 166 19.92 -18.88 39.63
CA ASP A 166 20.05 -18.08 38.41
C ASP A 166 20.08 -16.60 38.72
N ALA A 167 19.22 -16.15 39.64
CA ALA A 167 19.24 -14.74 40.04
C ALA A 167 20.48 -14.42 40.87
N ALA A 168 20.90 -15.35 41.73
CA ALA A 168 22.07 -15.12 42.56
C ALA A 168 23.33 -14.96 41.72
N MET A 169 23.49 -15.80 40.70
CA MET A 169 24.67 -15.69 39.84
C MET A 169 24.59 -14.46 38.94
N ALA A 170 23.38 -14.04 38.58
CA ALA A 170 23.22 -12.89 37.70
C ALA A 170 23.60 -11.59 38.42
N THR A 171 23.11 -11.40 39.64
CA THR A 171 23.36 -10.16 40.36
C THR A 171 24.80 -10.04 40.84
N SER A 172 25.52 -11.16 40.97
CA SER A 172 26.91 -11.15 41.42
C SER A 172 27.89 -11.16 40.25
N ALA A 173 27.40 -11.09 39.02
CA ALA A 173 28.26 -11.15 37.84
C ALA A 173 28.86 -9.77 37.60
N ALA A 174 29.93 -9.48 38.32
CA ALA A 174 30.63 -8.21 38.16
C ALA A 174 31.13 -8.07 36.73
N PRO A 175 30.99 -6.90 36.11
CA PRO A 175 31.35 -6.78 34.68
C PRO A 175 32.79 -7.16 34.37
N THR A 176 33.72 -6.86 35.27
CA THR A 176 35.13 -7.17 35.03
C THR A 176 35.60 -8.42 35.75
N TYR A 177 35.10 -8.67 36.96
CA TYR A 177 35.56 -9.79 37.77
C TYR A 177 34.85 -11.10 37.48
N PHE A 178 33.80 -11.09 36.67
CA PHE A 178 33.07 -12.31 36.35
C PHE A 178 32.53 -12.20 34.92
N LYS A 179 32.27 -13.36 34.31
CA LYS A 179 31.61 -13.37 33.03
C LYS A 179 30.11 -13.09 33.21
N PRO A 180 29.46 -12.51 32.21
CA PRO A 180 28.02 -12.28 32.31
C PRO A 180 27.27 -13.59 32.45
N HIS A 181 26.25 -13.58 33.30
CA HIS A 181 25.49 -14.79 33.59
C HIS A 181 24.36 -14.95 32.58
N TYR A 182 24.34 -16.09 31.90
CA TYR A 182 23.33 -16.40 30.89
C TYR A 182 22.25 -17.26 31.51
N ILE A 183 21.01 -16.76 31.47
CA ILE A 183 19.86 -17.46 32.02
C ILE A 183 19.13 -18.15 30.88
N GLU A 184 19.09 -19.48 30.91
CA GLU A 184 18.45 -20.23 29.83
C GLU A 184 16.94 -19.99 29.79
N LYS A 185 16.31 -19.83 30.95
CA LYS A 185 14.87 -19.61 30.99
C LYS A 185 14.47 -18.28 30.37
N LEU A 186 15.41 -17.33 30.24
CA LEU A 186 15.13 -16.03 29.67
C LEU A 186 15.92 -15.71 28.42
N GLU A 187 16.99 -16.47 28.13
CA GLU A 187 17.82 -16.27 26.94
C GLU A 187 18.43 -14.88 26.91
N ASN A 188 18.62 -14.28 28.07
CA ASN A 188 19.22 -12.95 28.20
C ASN A 188 20.42 -13.02 29.11
N TYR A 189 21.47 -12.30 28.77
CA TYR A 189 22.66 -12.22 29.60
C TYR A 189 22.50 -11.11 30.63
N PHE A 190 23.08 -11.32 31.81
CA PHE A 190 22.94 -10.39 32.92
C PHE A 190 24.31 -10.06 33.50
N ALA A 191 24.43 -8.85 34.05
CA ALA A 191 25.63 -8.38 34.71
C ALA A 191 25.30 -7.99 36.15
N ASP A 192 26.30 -7.44 36.83
CA ASP A 192 26.15 -7.11 38.24
C ASP A 192 25.05 -6.08 38.45
N GLY A 193 24.28 -6.28 39.52
CA GLY A 193 23.28 -5.30 39.90
C GLY A 193 23.85 -4.07 40.57
N GLY A 194 25.13 -4.07 40.89
CA GLY A 194 25.78 -2.90 41.46
C GLY A 194 26.02 -1.78 40.48
N LEU A 195 25.84 -2.03 39.18
CA LEU A 195 25.91 -0.98 38.18
C LEU A 195 24.76 0.00 38.30
N VAL A 196 23.70 -0.36 39.02
CA VAL A 196 22.48 0.43 39.06
C VAL A 196 22.11 0.77 40.50
N ALA A 197 22.01 -0.23 41.35
CA ALA A 197 21.42 -0.10 42.68
C ALA A 197 22.30 -0.76 43.73
N ASN A 198 23.58 -0.38 43.74
CA ASN A 198 24.51 -0.96 44.72
C ASN A 198 24.05 -0.76 46.15
N ASN A 199 23.23 0.25 46.42
CA ASN A 199 22.59 0.44 47.72
C ASN A 199 21.09 0.28 47.51
N PRO A 200 20.54 -0.92 47.71
CA PRO A 200 19.12 -1.19 47.44
C PRO A 200 18.18 -0.71 48.54
N SER A 201 18.41 0.52 49.01
CA SER A 201 17.62 1.05 50.12
C SER A 201 16.44 1.88 49.62
N TYR A 202 16.69 2.78 48.67
CA TYR A 202 15.61 3.60 48.12
C TYR A 202 14.62 2.75 47.34
N ILE A 203 15.11 1.86 46.49
CA ILE A 203 14.23 1.02 45.70
C ILE A 203 13.47 0.03 46.58
N GLY A 204 14.03 -0.31 47.75
CA GLY A 204 13.34 -1.19 48.67
C GLY A 204 12.07 -0.55 49.22
N ILE A 205 12.14 0.74 49.53
CA ILE A 205 10.94 1.45 49.99
C ILE A 205 9.94 1.59 48.86
N ARG A 206 10.42 1.82 47.64
CA ARG A 206 9.51 2.01 46.51
C ARG A 206 8.68 0.75 46.26
N GLU A 207 9.28 -0.43 46.41
CA GLU A 207 8.56 -1.67 46.17
C GLU A 207 7.40 -1.84 47.14
N VAL A 208 7.59 -1.46 48.41
CA VAL A 208 6.52 -1.58 49.39
C VAL A 208 5.36 -0.65 49.04
N LEU A 209 5.67 0.52 48.49
CA LEU A 209 4.64 1.51 48.17
C LEU A 209 4.05 1.34 46.78
N ILE A 210 4.59 0.43 45.96
CA ILE A 210 4.15 0.25 44.59
C ILE A 210 3.72 -1.18 44.32
N ASP A 211 4.59 -2.15 44.58
CA ASP A 211 4.33 -3.53 44.23
C ASP A 211 3.77 -4.37 45.37
N MET A 212 4.10 -4.04 46.61
CA MET A 212 3.65 -4.81 47.77
C MET A 212 2.35 -4.27 48.36
N LYS A 213 1.51 -3.65 47.54
CA LYS A 213 0.25 -3.08 48.01
C LYS A 213 -0.78 -4.15 48.35
N ASN A 214 -0.56 -5.40 47.97
CA ASN A 214 -1.51 -6.46 48.30
C ASN A 214 -1.43 -6.81 49.78
N ASP A 215 -0.23 -7.18 50.25
CA ASP A 215 -0.05 -7.49 51.66
C ASP A 215 -0.24 -6.25 52.53
N PHE A 216 0.27 -5.10 52.07
CA PHE A 216 0.24 -3.86 52.83
C PHE A 216 -0.48 -2.81 52.00
N PRO A 217 -1.81 -2.71 52.14
CA PRO A 217 -2.56 -1.72 51.35
C PRO A 217 -2.25 -0.29 51.73
N ASP A 218 -2.32 0.03 53.02
CA ASP A 218 -2.09 1.38 53.51
C ASP A 218 -0.66 1.53 54.00
N ALA A 219 0.26 1.52 53.03
CA ALA A 219 1.69 1.63 53.30
C ALA A 219 2.17 3.02 52.93
N LYS A 220 2.82 3.69 53.88
CA LYS A 220 3.42 5.00 53.68
C LYS A 220 4.81 4.99 54.29
N PRO A 221 5.70 5.87 53.85
CA PRO A 221 7.08 5.86 54.39
C PRO A 221 7.14 6.11 55.88
N GLU A 222 6.12 6.71 56.48
CA GLU A 222 6.12 6.91 57.92
C GLU A 222 6.04 5.59 58.67
N ASN A 223 5.44 4.57 58.07
CA ASN A 223 5.30 3.25 58.69
C ASN A 223 6.42 2.29 58.27
N ILE A 224 7.41 2.75 57.51
CA ILE A 224 8.45 1.90 56.95
C ILE A 224 9.75 2.16 57.71
N LYS A 225 10.36 1.10 58.21
CA LYS A 225 11.67 1.15 58.84
C LYS A 225 12.65 0.33 58.01
N VAL A 226 13.82 0.89 57.72
CA VAL A 226 14.80 0.28 56.85
C VAL A 226 16.08 0.04 57.64
N LEU A 227 16.59 -1.19 57.58
CA LEU A 227 17.86 -1.56 58.19
C LEU A 227 18.84 -1.87 57.07
N ASN A 228 19.63 -0.87 56.68
CA ASN A 228 20.62 -1.03 55.62
C ASN A 228 21.95 -1.41 56.24
N ILE A 229 22.44 -2.60 55.90
CA ILE A 229 23.74 -3.07 56.37
C ILE A 229 24.72 -2.93 55.21
N GLY A 230 25.64 -1.99 55.32
CA GLY A 230 26.62 -1.77 54.28
C GLY A 230 27.67 -2.85 54.26
N THR A 231 28.53 -2.78 53.24
CA THR A 231 29.65 -3.70 53.09
C THR A 231 30.98 -2.95 53.13
N LEU A 232 31.06 -1.94 54.00
CA LEU A 232 32.25 -1.10 54.15
C LEU A 232 32.66 -0.50 52.80
N SER A 233 31.75 0.31 52.27
CA SER A 233 31.96 0.96 50.98
C SER A 233 32.74 2.24 51.16
N GLU A 234 33.86 2.36 50.45
CA GLU A 234 34.66 3.57 50.51
C GLU A 234 34.05 4.65 49.63
N ASP A 235 34.23 5.90 50.06
CA ASP A 235 33.76 7.06 49.29
C ASP A 235 34.78 7.33 48.19
N TYR A 236 34.59 6.67 47.05
CA TYR A 236 35.53 6.81 45.95
C TYR A 236 35.49 8.22 45.38
N CYS A 237 36.68 8.75 45.09
CA CYS A 237 36.80 10.06 44.49
C CYS A 237 38.14 10.14 43.76
N ILE A 238 38.20 10.99 42.73
CA ILE A 238 39.43 11.18 41.99
C ILE A 238 40.42 11.96 42.84
N SER A 239 41.67 11.53 42.85
CA SER A 239 42.66 12.15 43.70
C SER A 239 42.91 13.60 43.27
N PRO A 240 43.07 14.52 44.21
CA PRO A 240 43.31 15.92 43.83
C PRO A 240 44.55 16.12 42.97
N GLU A 241 45.61 15.33 43.22
CA GLU A 241 46.82 15.45 42.41
C GLU A 241 46.56 15.05 40.97
N THR A 242 45.83 13.95 40.76
CA THR A 242 45.52 13.52 39.39
C THR A 242 44.58 14.50 38.70
N LEU A 243 43.59 15.03 39.43
CA LEU A 243 42.66 15.98 38.84
C LEU A 243 43.38 17.26 38.42
N SER A 244 44.16 17.84 39.33
CA SER A 244 44.81 19.12 39.02
C SER A 244 45.88 18.96 37.96
N LYS A 245 46.73 17.92 38.08
CA LYS A 245 47.86 17.78 37.18
C LYS A 245 47.45 17.27 35.81
N ASN A 246 46.37 16.50 35.71
CA ASN A 246 46.03 15.81 34.47
C ASN A 246 44.58 16.03 34.06
N SER A 247 44.04 17.21 34.34
CA SER A 247 42.69 17.52 33.88
C SER A 247 42.60 17.68 32.37
N GLY A 248 43.71 18.02 31.72
CA GLY A 248 43.76 18.19 30.29
C GLY A 248 44.19 16.98 29.50
N LYS A 249 44.29 15.81 30.13
CA LYS A 249 44.68 14.58 29.47
C LYS A 249 43.46 13.65 29.36
N GLY A 250 43.67 12.50 28.73
CA GLY A 250 42.57 11.59 28.51
C GLY A 250 42.94 10.11 28.57
N TYR A 251 42.07 9.32 29.20
CA TYR A 251 42.17 7.86 29.23
C TYR A 251 43.43 7.37 29.94
N LEU A 252 44.60 7.56 29.32
CA LEU A 252 45.82 7.01 29.90
C LEU A 252 46.13 7.63 31.26
N SER A 253 46.03 8.96 31.37
CA SER A 253 46.30 9.66 32.62
C SER A 253 45.03 9.93 33.42
N LEU A 254 44.09 10.67 32.85
CA LEU A 254 42.81 10.94 33.47
C LEU A 254 41.78 9.96 32.93
N TRP A 255 40.87 9.52 33.79
CA TRP A 255 39.95 8.41 33.47
C TRP A 255 40.75 7.17 33.08
N ASN A 256 41.51 6.65 34.05
CA ASN A 256 42.42 5.53 33.80
C ASN A 256 41.72 4.41 33.05
N MET A 257 42.16 4.16 31.81
CA MET A 257 41.45 3.28 30.89
C MET A 257 39.95 3.55 30.95
N GLY A 258 39.24 2.82 31.81
CA GLY A 258 37.83 3.08 32.00
C GLY A 258 37.40 3.00 33.46
N GLU A 259 38.34 2.64 34.34
CA GLU A 259 37.97 2.38 35.73
C GLU A 259 37.43 3.63 36.41
N ARG A 260 38.07 4.78 36.17
CA ARG A 260 37.65 6.00 36.86
C ARG A 260 36.23 6.41 36.45
N ILE A 261 35.90 6.27 35.18
CA ILE A 261 34.56 6.64 34.72
C ILE A 261 33.52 5.71 35.34
N VAL A 262 33.79 4.40 35.32
CA VAL A 262 32.83 3.45 35.88
C VAL A 262 32.72 3.61 37.39
N LEU A 263 33.86 3.65 38.08
CA LEU A 263 33.85 3.69 39.54
C LEU A 263 33.18 4.96 40.05
N SER A 264 33.47 6.10 39.41
CA SER A 264 32.80 7.34 39.79
C SER A 264 31.30 7.25 39.54
N THR A 265 30.90 6.59 38.45
CA THR A 265 29.48 6.49 38.13
C THR A 265 28.73 5.67 39.18
N MET A 266 29.34 4.56 39.65
CA MET A 266 28.66 3.73 40.63
C MET A 266 28.52 4.44 41.97
N THR A 267 29.61 5.03 42.48
CA THR A 267 29.53 5.68 43.78
C THR A 267 28.63 6.91 43.74
N ALA A 268 28.69 7.67 42.65
CA ALA A 268 27.82 8.84 42.53
C ALA A 268 26.35 8.43 42.46
N ASN A 269 26.04 7.38 41.70
CA ASN A 269 24.68 6.87 41.69
C ASN A 269 24.30 6.29 43.03
N GLN A 270 25.23 5.56 43.68
CA GLN A 270 24.96 5.04 45.02
C GLN A 270 24.76 6.18 46.01
N HIS A 271 25.56 7.24 45.89
CA HIS A 271 25.35 8.43 46.71
C HIS A 271 23.99 9.07 46.39
N LEU A 272 23.64 9.13 45.11
CA LEU A 272 22.39 9.77 44.72
C LEU A 272 21.19 9.04 45.29
N GLN A 273 21.19 7.70 45.23
CA GLN A 273 20.10 6.93 45.81
C GLN A 273 20.07 7.06 47.33
N ARG A 274 21.24 7.07 47.97
CA ARG A 274 21.30 7.31 49.41
C ARG A 274 20.83 8.73 49.73
N PHE A 275 21.24 9.71 48.92
CA PHE A 275 20.80 11.08 49.15
C PHE A 275 19.29 11.21 49.00
N MET A 276 18.71 10.54 47.99
CA MET A 276 17.27 10.60 47.81
C MET A 276 16.53 10.04 49.03
N LEU A 277 17.04 8.96 49.59
CA LEU A 277 16.44 8.40 50.81
C LEU A 277 16.60 9.35 51.98
N LEU A 278 17.79 9.93 52.15
CA LEU A 278 18.02 10.83 53.26
C LEU A 278 17.17 12.10 53.12
N ARG A 279 17.11 12.66 51.91
CA ARG A 279 16.34 13.88 51.69
C ARG A 279 14.84 13.62 51.85
N GLU A 280 14.35 12.49 51.36
CA GLU A 280 12.94 12.17 51.53
C GLU A 280 12.59 11.97 53.01
N PHE A 281 13.46 11.27 53.75
CA PHE A 281 13.20 11.05 55.17
C PHE A 281 13.35 12.34 55.97
N GLU A 282 14.34 13.16 55.65
CA GLU A 282 14.54 14.41 56.38
C GLU A 282 13.33 15.32 56.25
N ALA A 283 12.76 15.40 55.05
CA ALA A 283 11.57 16.23 54.85
C ALA A 283 10.38 15.70 55.64
N LEU A 284 10.22 14.38 55.70
CA LEU A 284 9.12 13.77 56.42
C LEU A 284 9.33 13.77 57.93
N LYS A 285 10.35 14.51 58.41
CA LYS A 285 10.62 14.74 59.84
C LYS A 285 10.86 13.44 60.61
N ILE A 286 11.01 12.32 59.91
CA ILE A 286 11.41 11.06 60.54
C ILE A 286 12.69 10.57 59.86
N GLU A 287 13.69 10.23 60.67
CA GLU A 287 14.97 9.76 60.17
C GLU A 287 15.48 8.54 60.91
N LYS A 288 14.97 8.29 62.12
CA LYS A 288 15.29 7.09 62.85
C LYS A 288 14.82 5.82 62.15
N ASN A 289 13.90 5.96 61.19
CA ASN A 289 13.44 4.81 60.43
C ASN A 289 14.57 4.19 59.63
N TYR A 290 15.43 5.02 59.05
CA TYR A 290 16.57 4.55 58.27
C TYR A 290 17.73 4.28 59.23
N VAL A 291 17.90 3.02 59.61
CA VAL A 291 19.01 2.59 60.44
C VAL A 291 20.08 2.03 59.50
N GLU A 292 21.16 2.78 59.32
CA GLU A 292 22.25 2.39 58.44
C GLU A 292 23.46 2.03 59.28
N ILE A 293 23.95 0.81 59.13
CA ILE A 293 25.13 0.35 59.86
C ILE A 293 26.26 0.14 58.87
N ASP A 294 27.08 1.16 58.67
CA ASP A 294 28.19 1.10 57.73
C ASP A 294 29.33 1.94 58.27
N GLU A 295 30.53 1.65 57.80
CA GLU A 295 31.72 2.34 58.25
C GLU A 295 32.69 2.43 57.08
N THR A 296 33.79 3.16 57.31
CA THR A 296 34.83 3.34 56.29
C THR A 296 36.13 2.72 56.77
N ILE A 297 36.83 2.06 55.86
CA ILE A 297 38.10 1.41 56.17
C ILE A 297 39.16 2.49 56.37
N PRO A 298 40.00 2.38 57.39
CA PRO A 298 41.10 3.34 57.54
C PRO A 298 42.02 3.31 56.33
N ASN A 299 42.66 4.45 56.07
CA ASN A 299 43.47 4.60 54.86
C ASN A 299 44.61 3.59 54.82
N GLU A 300 45.27 3.36 55.96
CA GLU A 300 46.35 2.38 55.99
C GLU A 300 45.84 0.96 55.78
N ALA A 301 44.55 0.70 55.99
CA ALA A 301 43.97 -0.62 55.78
C ALA A 301 43.14 -0.72 54.52
N ALA A 302 42.89 0.39 53.82
CA ALA A 302 42.10 0.35 52.59
C ALA A 302 42.87 -0.24 51.42
N ALA A 303 44.20 -0.27 51.50
CA ALA A 303 45.01 -0.88 50.44
C ALA A 303 45.05 -2.39 50.54
N GLU A 304 44.52 -2.97 51.62
CA GLU A 304 44.49 -4.42 51.81
C GLU A 304 43.10 -5.01 51.74
N ILE A 305 42.10 -4.35 52.32
CA ILE A 305 40.73 -4.83 52.25
C ILE A 305 40.13 -4.42 50.91
N THR A 306 40.27 -5.27 49.91
CA THR A 306 39.75 -5.04 48.58
C THR A 306 38.50 -5.89 48.38
N LEU A 307 37.69 -5.51 47.39
CA LEU A 307 36.44 -6.21 47.12
C LEU A 307 36.66 -7.65 46.65
N ASP A 308 37.88 -8.02 46.26
CA ASP A 308 38.15 -9.38 45.81
C ASP A 308 39.38 -9.98 46.48
N ASN A 309 39.82 -9.44 47.61
CA ASN A 309 40.97 -9.95 48.35
C ASN A 309 40.47 -10.65 49.61
N ALA A 310 40.94 -11.88 49.83
CA ALA A 310 40.52 -12.66 50.99
C ALA A 310 41.63 -12.83 52.01
N SER A 311 42.77 -13.42 51.62
CA SER A 311 43.90 -13.63 52.52
C SER A 311 43.47 -14.35 53.79
N GLU A 312 44.33 -14.33 54.82
CA GLU A 312 43.95 -14.84 56.12
C GLU A 312 43.66 -13.73 57.11
N GLY A 313 44.13 -12.52 56.85
CA GLY A 313 43.91 -11.39 57.75
C GLY A 313 42.67 -10.59 57.42
N CYS A 314 42.43 -10.38 56.13
CA CYS A 314 41.23 -9.65 55.71
C CYS A 314 39.96 -10.39 56.12
N LEU A 315 40.00 -11.73 56.11
CA LEU A 315 38.90 -12.50 56.66
C LEU A 315 38.68 -12.16 58.13
N LYS A 316 39.78 -12.08 58.90
CA LYS A 316 39.67 -11.71 60.32
C LYS A 316 39.25 -10.26 60.47
N ALA A 317 39.80 -9.37 59.63
CA ALA A 317 39.48 -7.95 59.75
C ALA A 317 38.01 -7.68 59.50
N LEU A 318 37.44 -8.28 58.45
CA LEU A 318 36.02 -8.09 58.16
C LEU A 318 35.15 -8.73 59.24
N ARG A 319 35.53 -9.90 59.73
CA ARG A 319 34.79 -10.53 60.82
C ARG A 319 34.87 -9.70 62.10
N GLY A 320 36.05 -9.15 62.39
CA GLY A 320 36.20 -8.34 63.59
C GLY A 320 35.34 -7.09 63.54
N SER A 321 35.26 -6.45 62.38
CA SER A 321 34.41 -5.28 62.24
C SER A 321 32.94 -5.65 62.41
N GLY A 322 32.53 -6.80 61.89
CA GLY A 322 31.15 -7.22 62.02
C GLY A 322 30.74 -7.46 63.46
N LYS A 323 31.58 -8.18 64.21
CA LYS A 323 31.27 -8.42 65.63
C LYS A 323 31.32 -7.13 66.42
N LYS A 324 32.28 -6.26 66.12
CA LYS A 324 32.41 -5.00 66.85
C LYS A 324 31.19 -4.11 66.61
N LEU A 325 30.84 -3.90 65.34
CA LEU A 325 29.74 -2.99 65.02
C LEU A 325 28.40 -3.54 65.47
N ALA A 326 28.22 -4.86 65.46
CA ALA A 326 26.96 -5.44 65.89
C ALA A 326 26.69 -5.14 67.36
N ALA A 327 27.71 -5.26 68.21
CA ALA A 327 27.53 -5.02 69.63
C ALA A 327 27.41 -3.53 69.94
N GLU A 328 28.21 -2.70 69.25
CA GLU A 328 28.22 -1.28 69.56
C GLU A 328 26.89 -0.62 69.21
N ARG A 329 26.37 -0.87 68.00
CA ARG A 329 25.12 -0.24 67.59
C ARG A 329 23.93 -0.82 68.33
N TYR A 330 23.98 -2.10 68.70
CA TYR A 330 22.89 -2.68 69.47
C TYR A 330 22.77 -2.01 70.83
N THR A 331 23.90 -1.72 71.47
CA THR A 331 23.87 -1.07 72.78
C THR A 331 23.41 0.38 72.69
N LYS A 332 23.75 1.09 71.61
CA LYS A 332 23.45 2.50 71.48
C LYS A 332 22.16 2.74 70.70
N ASN A 333 22.09 2.26 69.46
CA ASN A 333 20.94 2.53 68.60
C ASN A 333 19.72 1.78 69.12
N GLU A 334 18.79 2.51 69.72
CA GLU A 334 17.56 1.90 70.21
C GLU A 334 16.72 1.37 69.06
N GLU A 335 16.65 2.12 67.96
CA GLU A 335 15.83 1.70 66.83
C GLU A 335 16.34 0.43 66.17
N LEU A 336 17.64 0.15 66.31
CA LEU A 336 18.17 -1.12 65.82
C LEU A 336 17.56 -2.29 66.59
N ARG A 337 17.41 -2.14 67.90
CA ARG A 337 16.83 -3.20 68.71
C ARG A 337 15.34 -3.38 68.41
N ASN A 338 14.66 -2.32 67.97
CA ASN A 338 13.24 -2.44 67.66
C ASN A 338 12.97 -3.28 66.43
N PHE A 339 13.98 -3.54 65.61
CA PHE A 339 13.79 -4.36 64.42
C PHE A 339 13.43 -5.80 64.78
N PHE A 340 14.04 -6.33 65.84
CA PHE A 340 13.89 -7.74 66.20
C PHE A 340 12.92 -7.95 67.35
N LEU A 341 12.09 -6.94 67.67
CA LEU A 341 11.14 -7.09 68.75
C LEU A 341 10.01 -8.05 68.42
N LYS A 342 9.74 -8.27 67.14
CA LYS A 342 8.63 -9.13 66.74
C LYS A 342 8.98 -9.80 65.41
N LYS A 343 8.56 -11.05 65.25
CA LYS A 343 8.81 -11.78 64.02
C LYS A 343 7.88 -11.29 62.91
N ALA A 344 8.41 -11.25 61.69
CA ALA A 344 7.60 -10.84 60.55
C ALA A 344 6.63 -11.95 60.15
N GLU A 345 5.48 -11.54 59.63
CA GLU A 345 4.50 -12.50 59.17
C GLU A 345 5.03 -13.23 57.93
N PRO A 346 4.71 -14.51 57.77
CA PRO A 346 5.18 -15.25 56.60
C PRO A 346 4.53 -14.72 55.32
N PHE A 347 5.27 -14.86 54.22
CA PHE A 347 4.79 -14.44 52.90
C PHE A 347 4.11 -15.62 52.23
N VAL A 348 2.80 -15.53 52.05
CA VAL A 348 2.00 -16.56 51.38
C VAL A 348 1.56 -15.99 50.03
N PRO A 349 2.11 -16.47 48.92
CA PRO A 349 1.72 -15.92 47.62
C PRO A 349 0.23 -16.12 47.34
N TYR A 350 -0.36 -15.14 46.67
CA TYR A 350 -1.78 -15.19 46.32
C TYR A 350 -1.96 -15.60 44.86
N SER B 8 -2.02 24.44 43.45
CA SER B 8 -3.11 23.93 42.63
C SER B 8 -2.58 23.14 41.44
N GLU B 9 -1.50 23.64 40.84
CA GLU B 9 -0.88 22.98 39.70
C GLU B 9 0.56 23.47 39.59
N ILE B 10 1.48 22.53 39.37
CA ILE B 10 2.89 22.84 39.22
C ILE B 10 3.39 22.22 37.92
N LYS B 11 4.07 23.01 37.10
CA LYS B 11 4.59 22.57 35.82
C LYS B 11 6.10 22.51 35.88
N ILE B 12 6.66 21.39 35.42
CA ILE B 12 8.10 21.16 35.43
C ILE B 12 8.53 20.83 34.01
N LEU B 13 9.61 21.47 33.56
CA LEU B 13 10.22 21.18 32.27
C LEU B 13 11.55 20.48 32.51
N SER B 14 11.68 19.27 31.98
CA SER B 14 12.88 18.47 32.14
C SER B 14 13.51 18.24 30.78
N LEU B 15 14.81 18.52 30.67
CA LEU B 15 15.54 18.38 29.43
C LEU B 15 16.67 17.37 29.62
N ASN B 16 16.72 16.37 28.76
CA ASN B 16 17.77 15.36 28.83
C ASN B 16 19.06 15.88 28.20
N GLY B 17 20.14 15.13 28.41
CA GLY B 17 21.42 15.46 27.83
C GLY B 17 21.68 14.64 26.60
N GLY B 18 21.96 15.33 25.49
CA GLY B 18 22.20 14.65 24.23
C GLY B 18 23.25 15.30 23.35
N GLY B 19 23.95 16.30 23.88
CA GLY B 19 24.97 16.97 23.09
C GLY B 19 24.36 17.69 21.91
N VAL B 20 24.78 17.29 20.69
CA VAL B 20 24.21 17.89 19.49
C VAL B 20 22.72 17.61 19.40
N ARG B 21 22.29 16.42 19.83
CA ARG B 21 20.88 16.07 19.79
C ARG B 21 20.02 16.98 20.64
N GLY B 22 20.62 17.89 21.42
CA GLY B 22 19.86 18.94 22.06
C GLY B 22 19.26 19.94 21.10
N LEU B 23 19.71 19.94 19.84
CA LEU B 23 19.06 20.76 18.83
C LEU B 23 17.60 20.35 18.65
N PHE B 24 17.33 19.05 18.72
CA PHE B 24 15.94 18.59 18.71
C PHE B 24 15.18 19.13 19.91
N THR B 25 15.83 19.19 21.07
CA THR B 25 15.18 19.70 22.27
C THR B 25 14.80 21.17 22.11
N ILE B 26 15.69 21.96 21.52
CA ILE B 26 15.41 23.38 21.38
C ILE B 26 14.54 23.68 20.16
N THR B 27 14.66 22.88 19.10
CA THR B 27 13.80 23.07 17.93
C THR B 27 12.34 22.76 18.28
N LEU B 28 12.12 21.74 19.10
CA LEU B 28 10.77 21.43 19.54
C LEU B 28 10.22 22.56 20.40
N LEU B 29 11.04 23.12 21.29
CA LEU B 29 10.58 24.22 22.13
C LEU B 29 10.37 25.50 21.31
N ALA B 30 11.29 25.77 20.37
CA ALA B 30 11.11 26.94 19.51
C ALA B 30 9.87 26.81 18.64
N GLU B 31 9.63 25.63 18.07
CA GLU B 31 8.44 25.42 17.27
C GLU B 31 7.18 25.51 18.12
N LEU B 32 7.28 25.13 19.39
CA LEU B 32 6.15 25.31 20.30
C LEU B 32 5.87 26.78 20.57
N GLU B 33 6.92 27.60 20.61
CA GLU B 33 6.74 29.03 20.83
C GLU B 33 5.96 29.67 19.68
N SER B 34 6.29 29.31 18.45
CA SER B 34 5.60 29.89 17.29
C SER B 34 4.15 29.45 17.24
N ILE B 35 3.87 28.21 17.65
CA ILE B 35 2.49 27.71 17.64
C ILE B 35 1.64 28.49 18.62
N ILE B 36 2.18 28.79 19.81
CA ILE B 36 1.42 29.55 20.80
C ILE B 36 1.13 30.96 20.28
N GLU B 37 2.12 31.60 19.67
CA GLU B 37 1.92 32.95 19.14
C GLU B 37 0.89 32.95 18.02
N LYS B 38 0.97 31.97 17.12
CA LYS B 38 0.07 31.96 15.96
C LYS B 38 -1.36 31.66 16.38
N ARG B 39 -1.55 30.68 17.26
CA ARG B 39 -2.90 30.26 17.62
C ARG B 39 -3.56 31.24 18.59
N GLU B 40 -2.79 31.81 19.52
CA GLU B 40 -3.32 32.73 20.50
C GLU B 40 -3.19 34.19 20.10
N LYS B 41 -2.60 34.46 18.93
CA LYS B 41 -2.47 35.83 18.41
C LYS B 41 -1.74 36.74 19.39
N CYS B 42 -0.71 36.22 20.02
CA CYS B 42 0.13 36.97 20.95
C CYS B 42 1.51 37.18 20.33
N GLU B 43 2.37 37.84 21.10
CA GLU B 43 3.74 38.12 20.67
C GLU B 43 4.65 38.12 21.88
N ASN B 44 5.95 38.01 21.61
CA ASN B 44 6.98 37.95 22.66
C ASN B 44 6.68 36.82 23.65
N VAL B 45 6.47 35.62 23.10
CA VAL B 45 6.19 34.43 23.90
C VAL B 45 7.51 33.71 24.14
N LYS B 46 7.83 33.48 25.41
CA LYS B 46 9.00 32.71 25.82
C LYS B 46 8.52 31.42 26.48
N ILE B 47 9.10 30.30 26.06
CA ILE B 47 8.64 29.00 26.56
C ILE B 47 8.93 28.82 28.05
N GLY B 48 9.85 29.60 28.61
CA GLY B 48 10.24 29.45 29.99
C GLY B 48 9.35 30.11 31.02
N ASP B 49 8.30 30.80 30.60
CA ASP B 49 7.43 31.50 31.52
C ASP B 49 6.26 30.65 32.01
N TYR B 50 6.10 29.44 31.49
CA TYR B 50 4.98 28.58 31.85
C TYR B 50 5.36 27.48 32.83
N PHE B 51 6.62 27.45 33.28
CA PHE B 51 7.12 26.38 34.13
C PHE B 51 7.57 26.93 35.46
N ASP B 52 7.15 26.28 36.55
CA ASP B 52 7.58 26.65 37.89
C ASP B 52 8.94 26.10 38.24
N LEU B 53 9.50 25.22 37.41
CA LEU B 53 10.83 24.66 37.64
C LEU B 53 11.33 24.08 36.33
N ILE B 54 12.58 24.40 35.99
CA ILE B 54 13.19 23.95 34.73
C ILE B 54 14.41 23.13 35.10
N THR B 55 14.33 21.82 34.88
CA THR B 55 15.43 20.90 35.19
C THR B 55 16.19 20.55 33.92
N GLY B 56 17.52 20.60 34.00
CA GLY B 56 18.35 20.31 32.86
C GLY B 56 19.52 19.42 33.23
N THR B 57 20.15 18.86 32.20
CA THR B 57 21.30 18.00 32.36
C THR B 57 22.09 17.99 31.06
N ALA B 58 23.40 18.18 31.16
CA ALA B 58 24.32 18.21 30.02
C ALA B 58 23.84 19.31 29.08
N ILE B 59 23.64 19.03 27.78
CA ILE B 59 23.16 20.07 26.87
C ILE B 59 21.74 20.52 27.22
N GLY B 60 20.97 19.68 27.92
CA GLY B 60 19.69 20.12 28.42
C GLY B 60 19.82 21.12 29.55
N GLY B 61 20.91 21.04 30.31
CA GLY B 61 21.15 22.03 31.35
C GLY B 61 21.47 23.40 30.78
N ILE B 62 22.24 23.45 29.69
CA ILE B 62 22.59 24.71 29.07
C ILE B 62 21.34 25.41 28.56
N LEU B 63 20.43 24.66 27.92
CA LEU B 63 19.17 25.25 27.48
C LEU B 63 18.27 25.59 28.66
N ALA B 64 18.37 24.83 29.76
CA ALA B 64 17.57 25.13 30.94
C ALA B 64 17.96 26.47 31.54
N LEU B 65 19.26 26.78 31.57
CA LEU B 65 19.70 28.07 32.07
C LEU B 65 19.24 29.21 31.16
N GLY B 66 19.30 29.00 29.85
CA GLY B 66 18.87 30.03 28.93
C GLY B 66 17.40 30.38 29.06
N LEU B 67 16.55 29.36 29.18
CA LEU B 67 15.12 29.61 29.36
C LEU B 67 14.83 30.23 30.72
N ALA B 68 15.60 29.84 31.74
CA ALA B 68 15.37 30.37 33.08
C ALA B 68 15.64 31.86 33.16
N SER B 69 16.68 32.33 32.46
CA SER B 69 17.00 33.75 32.50
C SER B 69 15.88 34.59 31.89
N GLY B 70 15.30 34.13 30.78
CA GLY B 70 14.21 34.85 30.15
C GLY B 70 14.31 34.90 28.64
N LYS B 71 15.29 34.22 28.06
CA LYS B 71 15.43 34.18 26.62
C LYS B 71 14.45 33.19 26.00
N SER B 72 13.95 33.53 24.82
CA SER B 72 13.04 32.65 24.10
C SER B 72 13.80 31.47 23.50
N ALA B 73 13.08 30.38 23.28
CA ALA B 73 13.69 29.19 22.70
C ALA B 73 14.18 29.44 21.27
N ARG B 74 13.51 30.34 20.55
CA ARG B 74 13.95 30.67 19.20
C ARG B 74 15.33 31.34 19.22
N GLU B 75 15.55 32.26 20.17
CA GLU B 75 16.86 32.90 20.28
C GLU B 75 17.93 31.88 20.61
N LEU B 76 17.64 30.96 21.53
CA LEU B 76 18.58 29.90 21.84
C LEU B 76 18.80 28.98 20.64
N LYS B 77 17.73 28.72 19.89
CA LYS B 77 17.85 27.88 18.69
C LYS B 77 18.76 28.54 17.65
N GLU B 78 18.63 29.85 17.48
CA GLU B 78 19.47 30.57 16.53
C GLU B 78 20.94 30.48 16.93
N ALA B 79 21.24 30.65 18.22
CA ALA B 79 22.61 30.53 18.69
C ALA B 79 23.10 29.10 18.60
N PHE B 80 22.19 28.13 18.76
CA PHE B 80 22.58 26.72 18.67
C PHE B 80 23.11 26.38 17.29
N GLU B 81 22.48 26.90 16.24
CA GLU B 81 22.85 26.53 14.88
C GLU B 81 24.27 26.99 14.54
N ILE B 82 24.57 28.26 14.80
CA ILE B 82 25.88 28.79 14.43
C ILE B 82 26.98 28.20 15.32
N ASN B 83 26.70 28.04 16.61
CA ASN B 83 27.71 27.57 17.54
C ASN B 83 28.00 26.08 17.44
N ALA B 84 27.03 25.28 17.01
CA ALA B 84 27.22 23.83 16.99
C ALA B 84 28.40 23.42 16.12
N THR B 85 28.63 24.15 15.03
CA THR B 85 29.79 23.87 14.19
C THR B 85 31.08 24.23 14.91
N LYS B 86 31.08 25.32 15.68
CA LYS B 86 32.29 25.72 16.40
C LYS B 86 32.55 24.81 17.59
N ILE B 87 31.49 24.39 18.29
CA ILE B 87 31.66 23.51 19.44
C ILE B 87 32.20 22.16 18.99
N PHE B 88 31.75 21.66 17.84
CA PHE B 88 32.14 20.35 17.33
C PHE B 88 32.71 20.53 15.93
N PRO B 89 33.94 21.02 15.80
CA PRO B 89 34.53 21.19 14.48
C PRO B 89 34.73 19.86 13.77
N LEU B 90 34.70 19.93 12.43
CA LEU B 90 34.89 18.73 11.63
C LEU B 90 36.35 18.29 11.60
N LYS B 91 37.29 19.17 11.93
CA LYS B 91 38.69 18.79 11.93
C LYS B 91 38.99 17.78 13.05
N ARG B 92 38.34 17.93 14.19
CA ARG B 92 38.55 17.01 15.31
C ARG B 92 37.55 15.87 15.35
N PHE B 93 36.42 16.00 14.67
CA PHE B 93 35.47 14.88 14.60
C PHE B 93 36.08 13.70 13.85
N LYS B 94 36.81 13.97 12.76
CA LYS B 94 37.43 12.89 12.00
C LYS B 94 38.63 12.29 12.72
N ASN B 95 39.19 13.00 13.71
CA ASN B 95 40.33 12.52 14.47
C ASN B 95 39.92 11.87 15.79
N LYS B 96 38.71 11.31 15.84
CA LYS B 96 38.21 10.64 17.04
C LYS B 96 38.59 9.16 17.07
N GLN B 97 39.88 8.89 17.03
CA GLN B 97 40.39 7.53 17.01
C GLN B 97 41.16 7.24 18.30
N TRP B 98 41.77 6.04 18.35
CA TRP B 98 42.23 5.52 19.63
C TRP B 98 43.41 6.32 20.18
N TRP B 99 44.43 6.58 19.37
CA TRP B 99 45.64 7.19 19.94
C TRP B 99 45.46 8.67 20.23
N ASN B 100 44.50 9.33 19.57
CA ASN B 100 44.17 10.71 19.95
C ASN B 100 43.38 10.73 21.24
N LEU B 101 42.43 9.81 21.41
CA LEU B 101 41.66 9.72 22.64
C LEU B 101 42.52 9.26 23.80
N LEU B 102 43.48 8.36 23.55
CA LEU B 102 44.34 7.87 24.61
C LEU B 102 45.29 8.95 25.12
N ARG B 103 45.49 10.03 24.36
CA ARG B 103 46.42 11.09 24.74
C ARG B 103 45.72 12.29 25.37
N ARG B 104 44.57 12.70 24.85
CA ARG B 104 43.87 13.87 25.36
C ARG B 104 42.39 13.74 25.01
N SER B 105 41.58 14.58 25.67
CA SER B 105 40.18 14.66 25.32
C SER B 105 40.01 15.39 23.99
N ILE B 106 39.06 14.91 23.19
CA ILE B 106 38.79 15.53 21.90
C ILE B 106 38.08 16.87 22.12
N TYR B 107 38.04 17.70 21.07
CA TYR B 107 37.42 19.02 21.13
C TYR B 107 38.07 19.92 22.16
N GLU B 108 37.51 21.10 22.35
CA GLU B 108 38.02 22.06 23.34
C GLU B 108 36.83 22.68 24.06
N SER B 109 37.08 23.16 25.28
CA SER B 109 36.04 23.81 26.07
C SER B 109 35.87 25.29 25.74
N GLU B 110 36.88 25.92 25.13
CA GLU B 110 36.75 27.33 24.78
C GLU B 110 35.62 27.61 23.80
N PRO B 111 35.47 26.88 22.69
CA PRO B 111 34.30 27.11 21.84
C PRO B 111 32.98 26.89 22.57
N LEU B 112 32.93 25.91 23.47
CA LEU B 112 31.73 25.74 24.29
C LEU B 112 31.56 26.91 25.23
N TYR B 113 32.65 27.40 25.82
CA TYR B 113 32.57 28.52 26.75
C TYR B 113 32.03 29.77 26.08
N ASP B 114 32.54 30.09 24.88
CA ASP B 114 32.10 31.30 24.19
C ASP B 114 30.65 31.20 23.75
N ALA B 115 30.19 30.01 23.34
CA ALA B 115 28.82 29.85 22.90
C ALA B 115 27.83 30.15 24.01
N VAL B 116 28.11 29.67 25.23
CA VAL B 116 27.23 29.97 26.35
C VAL B 116 27.36 31.44 26.76
N LYS B 117 28.55 32.01 26.61
CA LYS B 117 28.75 33.41 27.01
C LYS B 117 27.84 34.35 26.22
N SER B 118 27.74 34.16 24.91
CA SER B 118 26.80 34.93 24.12
C SER B 118 25.37 34.51 24.41
N MET B 119 25.16 33.23 24.72
CA MET B 119 23.82 32.71 24.94
C MET B 119 23.24 33.21 26.26
N ILE B 120 24.04 33.19 27.33
CA ILE B 120 23.53 33.46 28.66
C ILE B 120 24.25 34.62 29.36
N GLY B 121 25.47 34.95 28.98
CA GLY B 121 26.23 35.97 29.65
C GLY B 121 27.43 35.38 30.37
N GLU B 122 28.12 36.26 31.12
CA GLU B 122 29.29 35.85 31.89
C GLU B 122 29.30 36.43 33.28
N THR B 123 28.22 37.08 33.72
CA THR B 123 28.19 37.72 35.03
C THR B 123 26.98 37.31 35.86
N ILE B 124 25.84 37.02 35.25
CA ILE B 124 24.61 36.72 35.96
C ILE B 124 24.79 35.45 36.79
N LYS B 125 24.38 35.52 38.06
CA LYS B 125 24.47 34.40 38.98
C LYS B 125 23.07 33.87 39.30
N PHE B 126 23.03 32.79 40.09
CA PHE B 126 21.77 32.16 40.42
C PHE B 126 20.86 33.06 41.27
N GLU B 127 21.43 34.03 41.97
CA GLU B 127 20.63 34.95 42.75
C GLU B 127 19.94 36.02 41.90
N ASP B 128 20.35 36.17 40.64
CA ASP B 128 19.73 37.12 39.72
C ASP B 128 18.62 36.50 38.89
N LEU B 129 18.39 35.20 39.03
CA LEU B 129 17.38 34.51 38.22
C LEU B 129 15.99 34.70 38.82
N ASN B 130 15.02 34.98 37.96
CA ASN B 130 13.62 35.05 38.35
C ASN B 130 12.88 33.73 38.13
N ARG B 131 13.57 32.70 37.66
CA ARG B 131 12.98 31.39 37.42
C ARG B 131 13.85 30.32 38.05
N ARG B 132 13.20 29.35 38.70
CA ARG B 132 13.92 28.25 39.32
C ARG B 132 14.54 27.34 38.27
N VAL B 133 15.73 26.82 38.58
CA VAL B 133 16.47 25.97 37.66
C VAL B 133 17.24 24.94 38.47
N MET B 134 17.55 23.82 37.83
CA MET B 134 18.45 22.80 38.36
C MET B 134 19.45 22.40 37.30
N ILE B 135 20.72 22.35 37.68
CA ILE B 135 21.79 21.92 36.79
C ILE B 135 22.50 20.75 37.48
N THR B 136 22.13 19.54 37.11
CA THR B 136 22.71 18.34 37.70
C THR B 136 24.14 18.16 37.24
N SER B 137 25.01 17.78 38.18
CA SER B 137 26.40 17.53 37.88
C SER B 137 26.97 16.64 38.98
N VAL B 138 28.14 16.06 38.72
CA VAL B 138 28.85 15.25 39.69
C VAL B 138 30.13 15.97 40.09
N ASN B 139 30.53 15.81 41.34
CA ASN B 139 31.74 16.42 41.87
C ASN B 139 32.84 15.36 41.84
N LEU B 140 33.74 15.46 40.86
CA LEU B 140 34.81 14.47 40.75
C LEU B 140 35.76 14.53 41.94
N SER B 141 35.88 15.71 42.57
CA SER B 141 36.80 15.84 43.69
C SER B 141 36.29 15.11 44.93
N THR B 142 34.98 15.04 45.11
CA THR B 142 34.38 14.34 46.24
C THR B 142 33.66 13.06 45.85
N GLY B 143 33.38 12.86 44.57
CA GLY B 143 32.67 11.67 44.12
C GLY B 143 31.17 11.73 44.25
N LYS B 144 30.61 12.83 44.75
CA LYS B 144 29.19 12.94 44.96
C LYS B 144 28.56 13.85 43.91
N PRO B 145 27.29 13.67 43.60
CA PRO B 145 26.62 14.57 42.67
C PRO B 145 26.32 15.91 43.31
N LYS B 146 26.64 16.99 42.60
CA LYS B 146 26.37 18.35 43.04
C LYS B 146 25.32 18.96 42.12
N PHE B 147 24.25 19.45 42.70
CA PHE B 147 23.12 19.99 41.94
C PHE B 147 23.10 21.51 42.11
N PHE B 148 23.52 22.22 41.07
CA PHE B 148 23.42 23.67 41.07
C PHE B 148 21.96 24.08 40.91
N LYS B 149 21.49 24.99 41.75
CA LYS B 149 20.10 25.40 41.68
C LYS B 149 19.95 26.81 42.23
N THR B 150 18.87 27.47 41.83
CA THR B 150 18.54 28.77 42.37
C THR B 150 18.12 28.63 43.83
N PRO B 151 18.32 29.67 44.63
CA PRO B 151 17.91 29.58 46.04
C PRO B 151 16.41 29.59 46.24
N HIS B 152 15.70 28.60 45.69
CA HIS B 152 14.29 28.45 46.01
C HIS B 152 14.07 27.92 47.43
N ASN B 153 15.11 27.37 48.04
CA ASN B 153 15.11 27.05 49.45
C ASN B 153 15.70 28.24 50.21
N PRO B 154 14.96 28.86 51.13
CA PRO B 154 15.50 30.06 51.79
C PRO B 154 16.80 29.84 52.53
N MET B 155 17.08 28.62 52.95
CA MET B 155 18.28 28.31 53.73
C MET B 155 19.47 27.96 52.87
N PHE B 156 19.35 28.03 51.55
CA PHE B 156 20.48 27.72 50.68
C PHE B 156 21.50 28.85 50.72
N THR B 157 22.77 28.50 50.97
CA THR B 157 23.84 29.48 51.09
C THR B 157 25.05 29.13 50.22
N MET B 158 24.92 28.22 49.26
CA MET B 158 26.05 27.75 48.48
C MET B 158 26.01 28.17 47.02
N ASP B 159 24.86 28.04 46.37
CA ASP B 159 24.75 28.29 44.94
C ASP B 159 24.28 29.70 44.61
N ARG B 160 24.18 30.58 45.60
CA ARG B 160 23.63 31.92 45.35
C ARG B 160 24.53 32.76 44.46
N GLU B 161 25.85 32.61 44.59
CA GLU B 161 26.80 33.49 43.90
C GLU B 161 27.84 32.67 43.14
N ILE B 162 27.39 31.67 42.38
CA ILE B 162 28.31 30.86 41.59
C ILE B 162 28.61 31.53 40.26
N ARG B 163 27.57 31.71 39.43
CA ARG B 163 27.55 32.16 38.04
C ARG B 163 26.93 31.08 37.17
N LEU B 164 25.97 31.46 36.32
CA LEU B 164 25.29 30.48 35.49
C LEU B 164 26.24 29.82 34.48
N ILE B 165 27.23 30.56 33.99
CA ILE B 165 28.16 29.99 33.03
C ILE B 165 28.98 28.86 33.66
N ASP B 166 29.28 28.97 34.96
CA ASP B 166 30.00 27.90 35.65
C ASP B 166 29.17 26.62 35.72
N ALA B 167 27.88 26.75 36.02
CA ALA B 167 27.02 25.57 36.07
C ALA B 167 26.83 24.96 34.69
N ALA B 168 26.68 25.80 33.66
CA ALA B 168 26.50 25.29 32.30
C ALA B 168 27.74 24.55 31.83
N MET B 169 28.92 25.08 32.12
CA MET B 169 30.16 24.42 31.70
C MET B 169 30.41 23.14 32.49
N ALA B 170 29.97 23.09 33.76
CA ALA B 170 30.20 21.93 34.59
C ALA B 170 29.38 20.74 34.10
N THR B 171 28.10 20.95 33.81
CA THR B 171 27.22 19.85 33.42
C THR B 171 27.49 19.35 32.01
N SER B 172 28.22 20.12 31.19
CA SER B 172 28.48 19.74 29.82
C SER B 172 29.88 19.18 29.60
N ALA B 173 30.70 19.10 30.65
CA ALA B 173 32.09 18.65 30.53
C ALA B 173 32.09 17.12 30.49
N ALA B 174 31.80 16.58 29.31
CA ALA B 174 31.62 15.14 29.17
C ALA B 174 32.91 14.41 29.55
N PRO B 175 32.81 13.23 30.18
CA PRO B 175 34.02 12.55 30.65
C PRO B 175 35.02 12.25 29.56
N THR B 176 34.55 12.05 28.32
CA THR B 176 35.44 11.79 27.20
C THR B 176 35.48 12.91 26.18
N TYR B 177 34.37 13.62 25.97
CA TYR B 177 34.28 14.63 24.92
C TYR B 177 34.84 15.98 25.33
N PHE B 178 35.00 16.24 26.63
CA PHE B 178 35.46 17.52 27.11
C PHE B 178 36.32 17.33 28.35
N LYS B 179 37.14 18.34 28.65
CA LYS B 179 37.91 18.32 29.88
C LYS B 179 37.01 18.66 31.07
N PRO B 180 37.32 18.14 32.26
CA PRO B 180 36.52 18.46 33.44
C PRO B 180 36.53 19.96 33.73
N HIS B 181 35.39 20.47 34.18
CA HIS B 181 35.24 21.90 34.43
C HIS B 181 35.65 22.24 35.85
N TYR B 182 36.57 23.19 35.98
CA TYR B 182 37.06 23.66 37.28
C TYR B 182 36.29 24.92 37.64
N ILE B 183 35.59 24.89 38.77
CA ILE B 183 34.92 26.05 39.32
C ILE B 183 35.84 26.66 40.37
N GLU B 184 36.36 27.86 40.08
CA GLU B 184 37.29 28.49 41.01
C GLU B 184 36.61 28.87 42.32
N LYS B 185 35.32 29.23 42.26
CA LYS B 185 34.60 29.57 43.49
C LYS B 185 34.49 28.37 44.42
N LEU B 186 34.21 27.19 43.87
CA LEU B 186 34.03 25.98 44.66
C LEU B 186 35.31 25.18 44.85
N GLU B 187 36.35 25.48 44.06
CA GLU B 187 37.64 24.77 44.14
C GLU B 187 37.45 23.27 43.93
N ASN B 188 36.57 22.91 43.01
CA ASN B 188 36.28 21.51 42.73
C ASN B 188 36.09 21.33 41.23
N TYR B 189 36.34 20.10 40.77
CA TYR B 189 36.14 19.73 39.36
C TYR B 189 34.82 18.98 39.22
N PHE B 190 34.19 19.16 38.06
CA PHE B 190 32.84 18.65 37.84
C PHE B 190 32.75 17.96 36.48
N ALA B 191 31.70 17.16 36.33
CA ALA B 191 31.40 16.47 35.08
C ALA B 191 29.88 16.51 34.87
N ASP B 192 29.41 15.74 33.90
CA ASP B 192 28.00 15.79 33.51
C ASP B 192 27.08 15.29 34.62
N GLY B 193 25.87 15.82 34.64
CA GLY B 193 24.81 15.22 35.42
C GLY B 193 24.19 14.01 34.79
N GLY B 194 24.52 13.74 33.53
CA GLY B 194 24.08 12.52 32.88
C GLY B 194 24.76 11.28 33.38
N LEU B 195 25.89 11.43 34.09
CA LEU B 195 26.49 10.29 34.77
C LEU B 195 25.58 9.75 35.86
N VAL B 196 24.76 10.61 36.46
CA VAL B 196 23.84 10.21 37.51
C VAL B 196 22.39 10.30 37.06
N ALA B 197 22.05 11.31 36.26
CA ALA B 197 20.67 11.47 35.80
C ALA B 197 20.69 12.11 34.42
N ASN B 198 20.67 11.27 33.38
CA ASN B 198 20.52 11.79 32.03
C ASN B 198 19.13 12.34 31.78
N ASN B 199 18.12 11.74 32.42
CA ASN B 199 16.74 12.20 32.36
C ASN B 199 16.38 12.78 33.73
N PRO B 200 16.59 14.07 33.96
CA PRO B 200 16.35 14.67 35.28
C PRO B 200 14.89 14.98 35.56
N SER B 201 14.03 14.00 35.28
CA SER B 201 12.59 14.16 35.47
C SER B 201 12.10 13.64 36.81
N TYR B 202 12.66 12.53 37.29
CA TYR B 202 12.29 12.02 38.61
C TYR B 202 12.82 12.91 39.71
N ILE B 203 14.10 13.31 39.62
CA ILE B 203 14.68 14.21 40.62
C ILE B 203 14.00 15.57 40.57
N GLY B 204 13.48 15.97 39.42
CA GLY B 204 12.74 17.22 39.34
C GLY B 204 11.47 17.20 40.17
N ILE B 205 10.76 16.07 40.16
CA ILE B 205 9.56 15.95 40.99
C ILE B 205 9.92 15.97 42.47
N ARG B 206 11.06 15.37 42.83
CA ARG B 206 11.44 15.29 44.24
C ARG B 206 11.69 16.69 44.82
N GLU B 207 12.33 17.57 44.04
CA GLU B 207 12.65 18.90 44.55
C GLU B 207 11.41 19.69 44.92
N VAL B 208 10.37 19.62 44.09
CA VAL B 208 9.14 20.35 44.40
C VAL B 208 8.52 19.83 45.69
N LEU B 209 8.67 18.53 45.95
CA LEU B 209 7.96 17.92 47.07
C LEU B 209 8.61 18.25 48.40
N ILE B 210 9.93 18.42 48.44
CA ILE B 210 10.63 18.49 49.72
C ILE B 210 11.35 19.80 49.92
N ASP B 211 11.76 20.46 48.83
CA ASP B 211 12.56 21.67 48.93
C ASP B 211 11.79 22.93 48.57
N MET B 212 10.99 22.90 47.51
CA MET B 212 10.18 24.05 47.15
C MET B 212 8.89 24.08 47.95
N LYS B 213 9.00 24.01 49.28
CA LYS B 213 7.84 24.08 50.15
C LYS B 213 7.50 25.50 50.58
N ASN B 214 8.47 26.41 50.55
CA ASN B 214 8.17 27.80 50.87
C ASN B 214 7.21 28.41 49.84
N ASP B 215 7.42 28.09 48.56
CA ASP B 215 6.52 28.54 47.51
C ASP B 215 5.30 27.63 47.35
N PHE B 216 5.45 26.34 47.65
CA PHE B 216 4.37 25.36 47.49
C PHE B 216 4.22 24.61 48.81
N PRO B 217 3.49 25.17 49.77
CA PRO B 217 3.34 24.48 51.07
C PRO B 217 2.68 23.13 50.96
N ASP B 218 1.73 22.95 50.05
CA ASP B 218 1.03 21.68 49.86
C ASP B 218 1.25 21.23 48.42
N ALA B 219 2.26 20.38 48.21
CA ALA B 219 2.62 19.90 46.89
C ALA B 219 2.57 18.38 46.90
N LYS B 220 1.67 17.81 46.12
CA LYS B 220 1.55 16.38 45.92
C LYS B 220 1.91 16.01 44.48
N PRO B 221 2.30 14.76 44.23
CA PRO B 221 2.61 14.36 42.86
C PRO B 221 1.44 14.51 41.90
N GLU B 222 0.20 14.50 42.40
CA GLU B 222 -0.95 14.66 41.52
C GLU B 222 -1.00 16.07 40.91
N ASN B 223 -0.56 17.08 41.66
CA ASN B 223 -0.52 18.45 41.16
C ASN B 223 0.74 18.77 40.39
N ILE B 224 1.60 17.79 40.13
CA ILE B 224 2.88 18.02 39.45
C ILE B 224 2.75 17.46 38.03
N LYS B 225 2.96 18.33 37.05
CA LYS B 225 2.96 17.95 35.64
C LYS B 225 4.37 18.11 35.10
N VAL B 226 4.87 17.08 34.42
CA VAL B 226 6.23 17.05 33.91
C VAL B 226 6.18 16.99 32.40
N LEU B 227 6.92 17.89 31.74
CA LEU B 227 7.06 17.91 30.30
C LEU B 227 8.52 17.58 29.99
N ASN B 228 8.80 16.29 29.82
CA ASN B 228 10.16 15.83 29.55
C ASN B 228 10.38 15.82 28.05
N ILE B 229 11.28 16.66 27.57
CA ILE B 229 11.66 16.72 26.17
C ILE B 229 12.97 15.96 26.02
N GLY B 230 12.92 14.81 25.36
CA GLY B 230 14.08 13.99 25.19
C GLY B 230 15.02 14.51 24.13
N THR B 231 16.14 13.81 23.95
CA THR B 231 17.12 14.17 22.94
C THR B 231 17.38 12.99 22.02
N LEU B 232 16.31 12.36 21.54
CA LEU B 232 16.39 11.14 20.73
C LEU B 232 17.11 10.05 21.52
N SER B 233 16.48 9.62 22.61
CA SER B 233 17.08 8.66 23.53
C SER B 233 17.44 7.38 22.80
N GLU B 234 18.73 7.02 22.87
CA GLU B 234 19.23 5.80 22.26
C GLU B 234 19.08 4.66 23.26
N ASP B 235 18.38 3.60 22.85
CA ASP B 235 18.19 2.43 23.69
C ASP B 235 19.41 1.53 23.51
N TYR B 236 20.43 1.74 24.35
CA TYR B 236 21.67 0.99 24.23
C TYR B 236 21.48 -0.44 24.74
N CYS B 237 22.15 -1.36 24.06
CA CYS B 237 22.16 -2.77 24.46
C CYS B 237 23.32 -3.44 23.74
N ILE B 238 23.89 -4.46 24.38
CA ILE B 238 24.99 -5.20 23.76
C ILE B 238 24.43 -6.08 22.65
N SER B 239 25.15 -6.15 21.54
CA SER B 239 24.67 -6.90 20.39
C SER B 239 24.59 -8.38 20.74
N PRO B 240 23.55 -9.09 20.26
CA PRO B 240 23.41 -10.51 20.61
C PRO B 240 24.59 -11.36 20.16
N GLU B 241 25.21 -11.06 19.02
CA GLU B 241 26.37 -11.83 18.58
C GLU B 241 27.54 -11.67 19.54
N THR B 242 27.78 -10.45 20.01
CA THR B 242 28.87 -10.23 20.96
C THR B 242 28.60 -10.94 22.28
N LEU B 243 27.36 -10.85 22.77
CA LEU B 243 27.02 -11.50 24.04
C LEU B 243 27.11 -13.02 23.92
N SER B 244 26.62 -13.58 22.82
CA SER B 244 26.60 -15.02 22.66
C SER B 244 27.97 -15.60 22.31
N LYS B 245 28.88 -14.78 21.79
CA LYS B 245 30.20 -15.26 21.36
C LYS B 245 31.33 -14.81 22.25
N ASN B 246 31.28 -13.59 22.78
CA ASN B 246 32.38 -13.01 23.56
C ASN B 246 32.05 -12.90 25.04
N SER B 247 31.08 -13.67 25.54
CA SER B 247 30.73 -13.60 26.95
C SER B 247 31.88 -14.07 27.83
N GLY B 248 32.65 -15.05 27.36
CA GLY B 248 33.78 -15.55 28.12
C GLY B 248 35.06 -14.75 27.99
N LYS B 249 35.04 -13.68 27.19
CA LYS B 249 36.21 -12.84 26.98
C LYS B 249 36.16 -11.64 27.91
N GLY B 250 37.15 -10.76 27.79
CA GLY B 250 37.23 -9.60 28.64
C GLY B 250 37.91 -8.40 28.03
N TYR B 251 37.31 -7.23 28.19
CA TYR B 251 37.86 -5.94 27.78
C TYR B 251 38.04 -5.83 26.28
N LEU B 252 39.05 -6.50 25.71
CA LEU B 252 39.33 -6.33 24.28
C LEU B 252 38.14 -6.74 23.42
N SER B 253 37.50 -7.86 23.75
CA SER B 253 36.37 -8.37 22.97
C SER B 253 35.04 -7.93 23.56
N LEU B 254 34.76 -8.30 24.81
CA LEU B 254 33.56 -7.85 25.51
C LEU B 254 33.92 -6.65 26.38
N TRP B 255 33.00 -5.69 26.47
CA TRP B 255 33.28 -4.38 27.06
C TRP B 255 34.51 -3.77 26.38
N ASN B 256 34.35 -3.43 25.10
CA ASN B 256 35.46 -2.88 24.35
C ASN B 256 36.04 -1.66 25.04
N MET B 257 37.24 -1.79 25.57
CA MET B 257 37.85 -0.78 26.45
C MET B 257 36.85 -0.48 27.57
N GLY B 258 36.67 0.77 27.97
CA GLY B 258 35.64 1.04 28.94
C GLY B 258 34.28 1.34 28.37
N GLU B 259 34.14 1.32 27.04
CA GLU B 259 32.97 1.90 26.39
C GLU B 259 31.69 1.20 26.81
N ARG B 260 31.64 -0.13 26.71
CA ARG B 260 30.38 -0.83 26.91
C ARG B 260 29.94 -0.83 28.37
N ILE B 261 30.89 -0.75 29.30
CA ILE B 261 30.51 -0.73 30.72
C ILE B 261 29.81 0.57 31.07
N VAL B 262 30.38 1.70 30.67
CA VAL B 262 29.80 2.99 31.04
C VAL B 262 28.50 3.22 30.29
N LEU B 263 28.47 2.90 28.98
CA LEU B 263 27.26 3.10 28.21
C LEU B 263 26.11 2.24 28.75
N SER B 264 26.41 1.01 29.13
CA SER B 264 25.41 0.19 29.81
C SER B 264 25.04 0.79 31.17
N THR B 265 26.04 1.30 31.90
CA THR B 265 25.77 1.91 33.19
C THR B 265 24.92 3.16 33.04
N MET B 266 25.23 4.00 32.05
CA MET B 266 24.43 5.20 31.80
C MET B 266 23.00 4.81 31.40
N THR B 267 22.88 3.91 30.42
CA THR B 267 21.56 3.57 29.89
C THR B 267 20.69 2.90 30.95
N ALA B 268 21.27 1.97 31.71
CA ALA B 268 20.51 1.30 32.76
C ALA B 268 20.09 2.27 33.85
N ASN B 269 21.00 3.15 34.27
CA ASN B 269 20.65 4.17 35.25
C ASN B 269 19.60 5.12 34.72
N GLN B 270 19.74 5.55 33.46
CA GLN B 270 18.75 6.42 32.86
C GLN B 270 17.40 5.72 32.75
N HIS B 271 17.40 4.43 32.38
CA HIS B 271 16.16 3.67 32.33
C HIS B 271 15.55 3.54 33.71
N LEU B 272 16.37 3.30 34.74
CA LEU B 272 15.84 3.12 36.09
C LEU B 272 15.09 4.36 36.56
N GLN B 273 15.73 5.53 36.44
CA GLN B 273 15.11 6.76 36.91
C GLN B 273 13.80 7.04 36.19
N ARG B 274 13.75 6.72 34.88
CA ARG B 274 12.48 6.78 34.17
C ARG B 274 11.51 5.74 34.69
N PHE B 275 12.02 4.55 35.06
CA PHE B 275 11.15 3.49 35.53
C PHE B 275 10.47 3.84 36.84
N MET B 276 11.24 4.33 37.82
CA MET B 276 10.63 4.78 39.06
C MET B 276 9.69 5.95 38.83
N LEU B 277 10.01 6.82 37.88
CA LEU B 277 9.09 7.88 37.48
C LEU B 277 7.80 7.30 36.92
N LEU B 278 7.91 6.32 36.03
CA LEU B 278 6.73 5.69 35.47
C LEU B 278 6.01 4.85 36.52
N ARG B 279 6.74 4.03 37.26
CA ARG B 279 6.11 3.13 38.22
C ARG B 279 5.34 3.88 39.29
N GLU B 280 5.89 5.00 39.77
CA GLU B 280 5.21 5.78 40.79
C GLU B 280 3.90 6.34 40.27
N PHE B 281 3.88 6.84 39.02
CA PHE B 281 2.70 7.53 38.53
C PHE B 281 1.51 6.59 38.35
N GLU B 282 1.75 5.35 37.92
CA GLU B 282 0.67 4.39 37.84
C GLU B 282 0.12 4.04 39.22
N ALA B 283 0.93 4.18 40.26
CA ALA B 283 0.46 3.88 41.60
C ALA B 283 -0.65 4.84 42.02
N LEU B 284 -0.50 6.13 41.72
CA LEU B 284 -1.56 7.10 41.97
C LEU B 284 -2.48 7.30 40.78
N LYS B 285 -2.30 6.52 39.71
CA LYS B 285 -3.16 6.58 38.52
C LYS B 285 -3.17 7.98 37.91
N ILE B 286 -2.01 8.61 37.86
CA ILE B 286 -1.87 9.97 37.36
C ILE B 286 -0.81 10.00 36.27
N GLU B 287 -0.72 8.91 35.51
CA GLU B 287 0.30 8.78 34.47
C GLU B 287 0.21 9.91 33.47
N LYS B 288 -1.00 10.43 33.20
CA LYS B 288 -1.15 11.51 32.24
C LYS B 288 -0.41 12.78 32.64
N ASN B 289 -0.06 12.93 33.92
CA ASN B 289 0.70 14.10 34.35
C ASN B 289 2.10 14.12 33.73
N TYR B 290 2.61 12.97 33.31
CA TYR B 290 3.93 12.88 32.72
C TYR B 290 3.78 12.90 31.19
N VAL B 291 4.20 13.99 30.57
CA VAL B 291 4.18 14.13 29.12
C VAL B 291 5.62 14.04 28.64
N GLU B 292 5.96 12.94 27.98
CA GLU B 292 7.29 12.72 27.44
C GLU B 292 7.22 12.83 25.92
N ILE B 293 7.99 13.77 25.36
CA ILE B 293 8.03 13.96 23.93
C ILE B 293 9.39 13.53 23.41
N ASP B 294 9.50 12.27 23.02
CA ASP B 294 10.75 11.74 22.50
C ASP B 294 10.43 10.61 21.54
N GLU B 295 11.38 10.32 20.66
CA GLU B 295 11.25 9.23 19.70
C GLU B 295 12.58 8.49 19.65
N THR B 296 12.68 7.52 18.75
CA THR B 296 13.88 6.72 18.58
C THR B 296 14.44 6.93 17.19
N ILE B 297 15.76 7.06 17.10
CA ILE B 297 16.42 7.25 15.82
C ILE B 297 16.33 5.94 15.03
N PRO B 298 15.93 5.98 13.76
CA PRO B 298 15.96 4.77 12.94
C PRO B 298 17.37 4.24 12.78
N ASN B 299 17.46 2.96 12.43
CA ASN B 299 18.76 2.28 12.37
C ASN B 299 19.70 2.95 11.37
N GLU B 300 19.18 3.31 10.20
CA GLU B 300 20.00 4.02 9.23
C GLU B 300 20.41 5.40 9.75
N ALA B 301 19.48 6.11 10.40
CA ALA B 301 19.80 7.42 10.93
C ALA B 301 20.61 7.34 12.21
N ALA B 302 20.56 6.21 12.92
CA ALA B 302 21.26 6.09 14.19
C ALA B 302 22.78 6.16 14.00
N ALA B 303 23.28 5.54 12.93
CA ALA B 303 24.72 5.57 12.69
C ALA B 303 25.19 6.97 12.29
N GLU B 304 24.27 7.85 11.90
CA GLU B 304 24.62 9.19 11.49
C GLU B 304 24.44 10.21 12.61
N ILE B 305 23.26 10.22 13.23
CA ILE B 305 22.97 11.18 14.29
C ILE B 305 23.58 10.68 15.60
N THR B 306 24.81 11.07 15.86
CA THR B 306 25.52 10.68 17.07
C THR B 306 25.37 11.78 18.12
N LEU B 307 26.14 11.66 19.21
CA LEU B 307 26.08 12.65 20.28
C LEU B 307 26.75 13.96 19.88
N ASP B 308 27.71 13.93 18.95
CA ASP B 308 28.55 15.07 18.67
C ASP B 308 28.75 15.24 17.17
N ASN B 309 27.72 15.00 16.38
CA ASN B 309 27.80 15.11 14.92
C ASN B 309 27.18 16.43 14.50
N ALA B 310 28.01 17.34 13.98
CA ALA B 310 27.58 18.68 13.60
C ALA B 310 27.39 18.83 12.09
N SER B 311 27.33 17.73 11.36
CA SER B 311 27.13 17.79 9.92
C SER B 311 25.77 18.39 9.60
N GLU B 312 25.70 19.14 8.50
CA GLU B 312 24.47 19.83 8.14
C GLU B 312 23.32 18.86 7.87
N GLY B 313 23.61 17.69 7.31
CA GLY B 313 22.56 16.74 7.02
C GLY B 313 21.84 16.28 8.27
N CYS B 314 22.59 15.93 9.32
CA CYS B 314 21.97 15.50 10.57
C CYS B 314 21.39 16.67 11.35
N LEU B 315 21.97 17.86 11.21
CA LEU B 315 21.38 19.04 11.83
C LEU B 315 20.00 19.33 11.26
N LYS B 316 19.84 19.18 9.93
CA LYS B 316 18.52 19.31 9.32
C LYS B 316 17.57 18.24 9.83
N ALA B 317 18.05 17.01 9.98
CA ALA B 317 17.21 15.93 10.49
C ALA B 317 16.74 16.22 11.90
N LEU B 318 17.63 16.71 12.76
CA LEU B 318 17.25 17.05 14.12
C LEU B 318 16.23 18.19 14.14
N ARG B 319 16.45 19.21 13.32
CA ARG B 319 15.48 20.31 13.23
C ARG B 319 14.14 19.81 12.68
N GLY B 320 14.18 18.97 11.66
CA GLY B 320 12.95 18.45 11.10
C GLY B 320 12.17 17.58 12.08
N SER B 321 12.90 16.75 12.84
CA SER B 321 12.24 15.93 13.85
C SER B 321 11.58 16.79 14.91
N GLY B 322 12.26 17.84 15.36
CA GLY B 322 11.67 18.72 16.36
C GLY B 322 10.44 19.44 15.85
N LYS B 323 10.50 19.97 14.63
CA LYS B 323 9.35 20.65 14.06
C LYS B 323 8.19 19.68 13.86
N LYS B 324 8.48 18.47 13.38
CA LYS B 324 7.42 17.50 13.16
C LYS B 324 6.81 17.02 14.47
N LEU B 325 7.64 16.69 15.45
CA LEU B 325 7.14 16.20 16.73
C LEU B 325 6.34 17.28 17.46
N ALA B 326 6.81 18.53 17.41
CA ALA B 326 6.10 19.60 18.09
C ALA B 326 4.71 19.80 17.52
N ALA B 327 4.58 19.81 16.20
CA ALA B 327 3.28 19.99 15.58
C ALA B 327 2.37 18.79 15.82
N GLU B 328 2.92 17.58 15.70
CA GLU B 328 2.11 16.38 15.87
C GLU B 328 1.61 16.24 17.29
N ARG B 329 2.51 16.38 18.27
CA ARG B 329 2.12 16.18 19.67
C ARG B 329 1.17 17.27 20.14
N TYR B 330 1.30 18.49 19.61
CA TYR B 330 0.38 19.56 19.98
C TYR B 330 -1.04 19.24 19.54
N THR B 331 -1.20 18.67 18.35
CA THR B 331 -2.52 18.36 17.84
C THR B 331 -3.18 17.24 18.64
N LYS B 332 -2.44 16.17 18.94
CA LYS B 332 -3.00 14.99 19.58
C LYS B 332 -2.98 15.11 21.10
N ASN B 333 -1.80 15.31 21.68
CA ASN B 333 -1.66 15.32 23.14
C ASN B 333 -2.31 16.57 23.71
N GLU B 334 -3.48 16.42 24.32
CA GLU B 334 -4.15 17.55 24.96
C GLU B 334 -3.38 18.02 26.18
N GLU B 335 -2.72 17.11 26.89
CA GLU B 335 -1.96 17.50 28.07
C GLU B 335 -0.80 18.41 27.72
N LEU B 336 -0.23 18.24 26.53
CA LEU B 336 0.83 19.15 26.09
C LEU B 336 0.32 20.57 25.94
N ARG B 337 -0.89 20.73 25.42
CA ARG B 337 -1.48 22.05 25.25
C ARG B 337 -1.83 22.70 26.58
N ASN B 338 -1.99 21.91 27.65
CA ASN B 338 -2.36 22.46 28.95
C ASN B 338 -1.20 23.11 29.68
N PHE B 339 0.04 22.88 29.25
CA PHE B 339 1.18 23.51 29.89
C PHE B 339 1.21 25.01 29.66
N PHE B 340 0.73 25.46 28.50
CA PHE B 340 0.83 26.84 28.08
C PHE B 340 -0.47 27.61 28.23
N LEU B 341 -1.46 27.05 28.93
CA LEU B 341 -2.72 27.76 29.13
C LEU B 341 -2.51 29.02 29.97
N LYS B 342 -1.67 28.93 31.00
CA LYS B 342 -1.42 30.05 31.90
C LYS B 342 0.08 30.21 32.11
N LYS B 343 0.47 31.42 32.47
CA LYS B 343 1.87 31.75 32.71
C LYS B 343 2.24 31.46 34.16
N ALA B 344 3.37 30.79 34.36
CA ALA B 344 3.82 30.47 35.70
C ALA B 344 4.25 31.73 36.44
N GLU B 345 3.92 31.79 37.73
CA GLU B 345 4.28 32.95 38.54
C GLU B 345 5.79 33.05 38.65
N PRO B 346 6.35 34.25 38.56
CA PRO B 346 7.81 34.40 38.64
C PRO B 346 8.33 34.04 40.03
N PHE B 347 9.56 33.54 40.05
CA PHE B 347 10.20 33.11 41.29
C PHE B 347 10.87 34.31 41.95
N VAL B 348 10.38 34.68 43.13
CA VAL B 348 10.95 35.77 43.90
C VAL B 348 11.75 35.15 45.05
N PRO B 349 13.08 35.28 45.07
CA PRO B 349 13.86 34.70 46.17
C PRO B 349 13.45 35.29 47.51
N TYR B 350 13.46 34.44 48.54
CA TYR B 350 13.06 34.86 49.87
C TYR B 350 14.22 35.58 50.58
N SER C 8 -21.32 -9.59 20.33
CA SER C 8 -20.89 -9.15 21.64
C SER C 8 -19.41 -8.78 21.64
N GLU C 9 -18.58 -9.64 21.07
CA GLU C 9 -17.14 -9.40 21.00
C GLU C 9 -16.54 -10.31 19.94
N ILE C 10 -15.67 -9.73 19.11
CA ILE C 10 -14.96 -10.46 18.07
C ILE C 10 -13.47 -10.23 18.26
N LYS C 11 -12.70 -11.31 18.28
CA LYS C 11 -11.26 -11.23 18.50
C LYS C 11 -10.54 -11.62 17.22
N ILE C 12 -9.58 -10.79 16.81
CA ILE C 12 -8.78 -11.02 15.61
C ILE C 12 -7.32 -11.06 16.03
N LEU C 13 -6.60 -12.05 15.52
CA LEU C 13 -5.17 -12.17 15.75
C LEU C 13 -4.45 -11.84 14.44
N SER C 14 -3.61 -10.82 14.47
CA SER C 14 -2.88 -10.36 13.29
C SER C 14 -1.39 -10.64 13.47
N LEU C 15 -0.78 -11.24 12.45
CA LEU C 15 0.61 -11.66 12.52
C LEU C 15 1.37 -11.04 11.36
N ASN C 16 2.28 -10.12 11.66
CA ASN C 16 3.08 -9.50 10.62
C ASN C 16 4.16 -10.45 10.12
N GLY C 17 4.78 -10.08 9.01
CA GLY C 17 5.80 -10.90 8.37
C GLY C 17 7.18 -10.28 8.54
N GLY C 18 8.11 -11.09 9.02
CA GLY C 18 9.47 -10.63 9.22
C GLY C 18 10.54 -11.67 8.99
N GLY C 19 10.17 -12.80 8.41
CA GLY C 19 11.14 -13.86 8.16
C GLY C 19 11.52 -14.58 9.44
N VAL C 20 12.81 -14.59 9.78
CA VAL C 20 13.26 -15.22 11.01
C VAL C 20 12.71 -14.51 12.23
N ARG C 21 12.32 -13.24 12.10
CA ARG C 21 11.75 -12.50 13.20
C ARG C 21 10.40 -13.05 13.63
N GLY C 22 9.78 -13.93 12.82
CA GLY C 22 8.58 -14.60 13.27
C GLY C 22 8.81 -15.52 14.45
N LEU C 23 10.06 -15.85 14.73
CA LEU C 23 10.37 -16.60 15.95
C LEU C 23 10.00 -15.80 17.20
N PHE C 24 10.19 -14.48 17.15
CA PHE C 24 9.67 -13.62 18.21
C PHE C 24 8.16 -13.72 18.29
N THR C 25 7.48 -13.75 17.14
CA THR C 25 6.03 -13.85 17.14
C THR C 25 5.56 -15.16 17.75
N ILE C 26 6.25 -16.26 17.44
CA ILE C 26 5.81 -17.56 17.94
C ILE C 26 6.29 -17.79 19.37
N THR C 27 7.44 -17.23 19.76
CA THR C 27 7.88 -17.32 21.14
C THR C 27 6.94 -16.56 22.06
N LEU C 28 6.49 -15.38 21.63
CA LEU C 28 5.51 -14.63 22.40
C LEU C 28 4.21 -15.41 22.54
N LEU C 29 3.77 -16.05 21.47
CA LEU C 29 2.57 -16.86 21.54
C LEU C 29 2.81 -18.13 22.35
N ALA C 30 4.04 -18.63 22.35
CA ALA C 30 4.35 -19.86 23.07
C ALA C 30 4.17 -19.68 24.57
N GLU C 31 4.81 -18.66 25.15
CA GLU C 31 4.69 -18.48 26.59
C GLU C 31 3.40 -17.77 26.98
N LEU C 32 2.73 -17.13 26.03
CA LEU C 32 1.35 -16.70 26.30
C LEU C 32 0.47 -17.90 26.60
N GLU C 33 0.69 -19.00 25.87
CA GLU C 33 0.03 -20.25 26.19
C GLU C 33 0.46 -20.77 27.56
N SER C 34 1.76 -20.68 27.86
CA SER C 34 2.28 -21.19 29.12
C SER C 34 1.69 -20.42 30.31
N ILE C 35 1.58 -19.09 30.18
CA ILE C 35 1.03 -18.29 31.27
C ILE C 35 -0.44 -18.66 31.51
N ILE C 36 -1.19 -18.87 30.43
CA ILE C 36 -2.58 -19.30 30.58
C ILE C 36 -2.63 -20.68 31.23
N GLU C 37 -1.72 -21.58 30.84
CA GLU C 37 -1.69 -22.91 31.42
C GLU C 37 -1.38 -22.87 32.91
N LYS C 38 -0.45 -22.00 33.31
CA LYS C 38 -0.17 -21.78 34.73
C LYS C 38 -1.36 -21.20 35.48
N ARG C 39 -1.74 -19.96 35.14
CA ARG C 39 -2.66 -19.22 35.98
C ARG C 39 -4.02 -19.89 36.04
N GLU C 40 -4.50 -20.41 34.90
CA GLU C 40 -5.79 -21.09 34.88
C GLU C 40 -5.69 -22.56 35.23
N LYS C 41 -4.49 -23.11 35.38
CA LYS C 41 -4.26 -24.50 35.74
C LYS C 41 -4.97 -25.45 34.76
N CYS C 42 -4.65 -25.26 33.49
CA CYS C 42 -5.17 -26.09 32.41
C CYS C 42 -4.01 -26.85 31.77
N GLU C 43 -4.34 -27.61 30.71
CA GLU C 43 -3.33 -28.37 29.99
C GLU C 43 -3.72 -28.44 28.52
N ASN C 44 -2.71 -28.61 27.67
CA ASN C 44 -2.88 -28.71 26.23
C ASN C 44 -3.68 -27.52 25.69
N VAL C 45 -3.35 -26.33 26.18
CA VAL C 45 -4.05 -25.13 25.77
C VAL C 45 -3.67 -24.75 24.35
N LYS C 46 -4.65 -24.28 23.58
CA LYS C 46 -4.45 -23.88 22.20
C LYS C 46 -4.74 -22.39 22.09
N ILE C 47 -3.77 -21.63 21.59
CA ILE C 47 -3.95 -20.18 21.50
C ILE C 47 -4.83 -19.80 20.33
N GLY C 48 -5.01 -20.70 19.36
CA GLY C 48 -5.89 -20.43 18.23
C GLY C 48 -7.36 -20.56 18.52
N ASP C 49 -7.73 -21.11 19.68
CA ASP C 49 -9.13 -21.28 20.03
C ASP C 49 -9.74 -20.03 20.65
N TYR C 50 -8.94 -18.99 20.92
CA TYR C 50 -9.43 -17.77 21.51
C TYR C 50 -9.70 -16.68 20.48
N PHE C 51 -9.48 -16.96 19.20
CA PHE C 51 -9.61 -15.96 18.15
C PHE C 51 -10.67 -16.40 17.15
N ASP C 52 -11.56 -15.48 16.79
CA ASP C 52 -12.58 -15.75 15.78
C ASP C 52 -12.06 -15.60 14.36
N LEU C 53 -10.89 -15.00 14.17
CA LEU C 53 -10.30 -14.87 12.85
C LEU C 53 -8.80 -14.66 13.02
N ILE C 54 -8.00 -15.40 12.26
CA ILE C 54 -6.55 -15.31 12.33
C ILE C 54 -6.06 -14.79 10.99
N THR C 55 -5.36 -13.66 11.02
CA THR C 55 -4.84 -13.01 9.83
C THR C 55 -3.31 -13.03 9.86
N GLY C 56 -2.69 -13.36 8.73
CA GLY C 56 -1.26 -13.49 8.69
C GLY C 56 -0.69 -12.97 7.39
N THR C 57 0.63 -12.82 7.37
CA THR C 57 1.35 -12.35 6.20
C THR C 57 2.79 -12.83 6.30
N ALA C 58 3.32 -13.36 5.18
CA ALA C 58 4.71 -13.85 5.10
C ALA C 58 4.89 -14.92 6.18
N ILE C 59 5.88 -14.80 7.07
CA ILE C 59 6.05 -15.78 8.13
C ILE C 59 4.86 -15.77 9.07
N GLY C 60 4.19 -14.62 9.21
CA GLY C 60 2.96 -14.59 9.98
C GLY C 60 1.85 -15.42 9.39
N GLY C 61 1.81 -15.51 8.06
CA GLY C 61 0.81 -16.34 7.41
C GLY C 61 1.03 -17.81 7.65
N ILE C 62 2.29 -18.25 7.63
CA ILE C 62 2.61 -19.66 7.88
C ILE C 62 2.19 -20.04 9.30
N LEU C 63 2.52 -19.20 10.27
CA LEU C 63 2.12 -19.46 11.64
C LEU C 63 0.61 -19.38 11.82
N ALA C 64 -0.04 -18.49 11.05
CA ALA C 64 -1.50 -18.38 11.13
C ALA C 64 -2.18 -19.67 10.67
N LEU C 65 -1.68 -20.27 9.60
CA LEU C 65 -2.24 -21.53 9.11
C LEU C 65 -2.03 -22.65 10.10
N GLY C 66 -0.85 -22.71 10.73
CA GLY C 66 -0.58 -23.75 11.70
C GLY C 66 -1.48 -23.67 12.92
N LEU C 67 -1.73 -22.45 13.40
CA LEU C 67 -2.57 -22.29 14.59
C LEU C 67 -4.01 -22.68 14.32
N ALA C 68 -4.51 -22.45 13.11
CA ALA C 68 -5.89 -22.81 12.80
C ALA C 68 -6.06 -24.30 12.53
N SER C 69 -4.96 -25.03 12.30
CA SER C 69 -5.06 -26.47 12.14
C SER C 69 -5.45 -27.17 13.44
N GLY C 70 -5.43 -26.45 14.56
CA GLY C 70 -5.75 -27.05 15.84
C GLY C 70 -4.52 -27.31 16.67
N LYS C 71 -3.38 -26.76 16.23
CA LYS C 71 -2.10 -26.97 16.89
C LYS C 71 -1.72 -25.78 17.75
N SER C 72 -1.02 -26.05 18.84
CA SER C 72 -0.61 -25.03 19.78
C SER C 72 0.62 -24.30 19.27
N ALA C 73 0.89 -23.14 19.86
CA ALA C 73 2.03 -22.33 19.45
C ALA C 73 3.35 -22.94 19.89
N ARG C 74 3.35 -23.72 20.98
CA ARG C 74 4.59 -24.32 21.46
C ARG C 74 5.13 -25.35 20.46
N GLU C 75 4.25 -26.18 19.89
CA GLU C 75 4.69 -27.14 18.89
C GLU C 75 5.24 -26.44 17.65
N LEU C 76 4.59 -25.37 17.22
CA LEU C 76 5.09 -24.60 16.09
C LEU C 76 6.43 -23.95 16.42
N LYS C 77 6.61 -23.53 17.68
CA LYS C 77 7.87 -22.92 18.07
C LYS C 77 9.03 -23.90 17.98
N GLU C 78 8.80 -25.16 18.39
CA GLU C 78 9.86 -26.16 18.34
C GLU C 78 10.32 -26.41 16.91
N ALA C 79 9.37 -26.48 15.97
CA ALA C 79 9.73 -26.67 14.58
C ALA C 79 10.44 -25.45 14.00
N PHE C 80 10.14 -24.27 14.53
CA PHE C 80 10.79 -23.05 14.05
C PHE C 80 12.29 -23.10 14.31
N GLU C 81 12.69 -23.55 15.49
CA GLU C 81 14.11 -23.53 15.86
C GLU C 81 14.92 -24.48 14.99
N ILE C 82 14.43 -25.70 14.79
CA ILE C 82 15.18 -26.69 14.03
C ILE C 82 15.21 -26.32 12.54
N ASN C 83 14.09 -25.83 12.02
CA ASN C 83 14.00 -25.52 10.60
C ASN C 83 14.59 -24.17 10.24
N ALA C 84 14.79 -23.28 11.22
CA ALA C 84 15.34 -21.96 10.91
C ALA C 84 16.74 -22.08 10.32
N THR C 85 17.58 -22.94 10.89
CA THR C 85 18.90 -23.18 10.32
C THR C 85 18.83 -24.02 9.04
N LYS C 86 17.67 -24.59 8.73
CA LYS C 86 17.47 -25.34 7.50
C LYS C 86 16.81 -24.50 6.41
N ILE C 87 15.84 -23.66 6.77
CA ILE C 87 15.24 -22.75 5.80
C ILE C 87 16.26 -21.71 5.35
N PHE C 88 17.14 -21.27 6.27
CA PHE C 88 18.13 -20.23 6.02
C PHE C 88 19.50 -20.80 6.30
N PRO C 89 20.06 -21.59 5.38
CA PRO C 89 21.39 -22.15 5.60
C PRO C 89 22.44 -21.05 5.70
N LEU C 90 23.49 -21.33 6.47
CA LEU C 90 24.56 -20.35 6.67
C LEU C 90 25.34 -20.10 5.39
N LYS C 91 25.53 -21.14 4.56
CA LYS C 91 26.27 -20.96 3.32
C LYS C 91 25.56 -19.99 2.38
N ARG C 92 24.23 -20.08 2.30
CA ARG C 92 23.49 -19.12 1.49
C ARG C 92 23.50 -17.73 2.12
N PHE C 93 23.45 -17.66 3.45
CA PHE C 93 23.45 -16.37 4.13
C PHE C 93 24.76 -15.62 3.88
N LYS C 94 25.89 -16.33 3.93
CA LYS C 94 27.18 -15.66 3.73
C LYS C 94 27.35 -15.20 2.28
N ASN C 95 26.78 -15.93 1.33
CA ASN C 95 26.91 -15.60 -0.09
C ASN C 95 25.65 -14.86 -0.53
N LYS C 96 25.63 -13.56 -0.26
CA LYS C 96 24.54 -12.67 -0.66
C LYS C 96 25.08 -11.45 -1.39
N GLN C 97 26.11 -11.65 -2.21
CA GLN C 97 26.68 -10.55 -2.98
C GLN C 97 25.78 -10.22 -4.16
N TRP C 98 26.22 -9.26 -4.97
CA TRP C 98 25.40 -8.84 -6.10
C TRP C 98 25.42 -9.87 -7.24
N TRP C 99 26.53 -10.57 -7.44
CA TRP C 99 26.58 -11.57 -8.50
C TRP C 99 25.65 -12.74 -8.21
N ASN C 100 25.51 -13.12 -6.94
CA ASN C 100 24.58 -14.16 -6.55
C ASN C 100 23.16 -13.66 -6.36
N LEU C 101 22.94 -12.35 -6.47
CA LEU C 101 21.60 -11.79 -6.38
C LEU C 101 21.01 -11.41 -7.74
N LEU C 102 21.85 -11.12 -8.72
CA LEU C 102 21.39 -10.85 -10.07
C LEU C 102 21.39 -12.08 -10.96
N ARG C 103 21.83 -13.23 -10.46
CA ARG C 103 21.82 -14.45 -11.25
C ARG C 103 20.76 -15.45 -10.82
N ARG C 104 20.28 -15.38 -9.58
CA ARG C 104 19.28 -16.32 -9.08
C ARG C 104 18.75 -15.76 -7.77
N SER C 105 17.62 -16.33 -7.34
CA SER C 105 17.12 -16.05 -6.00
C SER C 105 17.97 -16.78 -4.99
N ILE C 106 18.25 -16.13 -3.86
CA ILE C 106 19.11 -16.68 -2.82
C ILE C 106 18.23 -17.23 -1.71
N TYR C 107 18.40 -18.53 -1.42
CA TYR C 107 17.67 -19.38 -0.47
C TYR C 107 16.74 -20.32 -1.23
N GLU C 108 17.03 -21.62 -1.18
CA GLU C 108 16.20 -22.59 -1.86
C GLU C 108 14.81 -22.66 -1.22
N SER C 109 13.83 -23.04 -2.03
CA SER C 109 12.45 -23.08 -1.57
C SER C 109 12.02 -24.43 -1.02
N GLU C 110 12.76 -25.50 -1.35
CA GLU C 110 12.43 -26.82 -0.83
C GLU C 110 12.54 -26.91 0.69
N PRO C 111 13.61 -26.41 1.34
CA PRO C 111 13.66 -26.49 2.81
C PRO C 111 12.48 -25.81 3.49
N LEU C 112 12.01 -24.69 2.93
CA LEU C 112 10.80 -24.07 3.46
C LEU C 112 9.58 -24.95 3.22
N TYR C 113 9.56 -25.67 2.09
CA TYR C 113 8.44 -26.55 1.78
C TYR C 113 8.31 -27.66 2.80
N ASP C 114 9.42 -28.29 3.16
CA ASP C 114 9.37 -29.42 4.10
C ASP C 114 8.98 -28.96 5.50
N ALA C 115 9.44 -27.77 5.91
CA ALA C 115 9.13 -27.28 7.25
C ALA C 115 7.64 -27.09 7.44
N VAL C 116 6.96 -26.51 6.45
CA VAL C 116 5.52 -26.35 6.55
C VAL C 116 4.82 -27.71 6.44
N LYS C 117 5.33 -28.58 5.57
CA LYS C 117 4.71 -29.90 5.40
C LYS C 117 4.78 -30.72 6.68
N SER C 118 5.92 -30.68 7.38
CA SER C 118 6.09 -31.48 8.57
C SER C 118 5.19 -31.03 9.72
N MET C 119 4.61 -29.83 9.64
CA MET C 119 3.82 -29.29 10.74
C MET C 119 2.32 -29.33 10.46
N ILE C 120 1.89 -28.75 9.34
CA ILE C 120 0.47 -28.70 9.02
C ILE C 120 0.02 -29.82 8.08
N GLY C 121 0.95 -30.49 7.42
CA GLY C 121 0.63 -31.55 6.49
C GLY C 121 0.88 -31.14 5.06
N GLU C 122 0.40 -31.96 4.13
CA GLU C 122 0.55 -31.69 2.72
C GLU C 122 -0.73 -31.88 1.92
N THR C 123 -1.81 -32.38 2.53
CA THR C 123 -3.06 -32.60 1.83
C THR C 123 -4.23 -31.81 2.40
N ILE C 124 -4.07 -31.16 3.55
CA ILE C 124 -5.18 -30.42 4.16
C ILE C 124 -5.46 -29.17 3.33
N LYS C 125 -6.74 -28.90 3.11
CA LYS C 125 -7.19 -27.79 2.31
C LYS C 125 -7.99 -26.81 3.16
N PHE C 126 -8.32 -25.66 2.55
CA PHE C 126 -9.03 -24.61 3.28
C PHE C 126 -10.43 -25.03 3.69
N GLU C 127 -10.96 -26.10 3.11
CA GLU C 127 -12.26 -26.61 3.53
C GLU C 127 -12.16 -27.56 4.71
N ASP C 128 -10.95 -27.92 5.14
CA ASP C 128 -10.73 -28.80 6.29
C ASP C 128 -10.20 -28.01 7.48
N LEU C 129 -10.68 -26.78 7.66
CA LEU C 129 -10.26 -25.91 8.76
C LEU C 129 -11.47 -25.52 9.59
N ASN C 130 -11.32 -25.60 10.91
CA ASN C 130 -12.36 -25.20 11.84
C ASN C 130 -12.13 -23.80 12.41
N ARG C 131 -11.17 -23.06 11.88
CA ARG C 131 -10.87 -21.70 12.30
C ARG C 131 -10.72 -20.82 11.07
N ARG C 132 -11.33 -19.65 11.11
CA ARG C 132 -11.25 -18.73 9.98
C ARG C 132 -9.83 -18.20 9.81
N VAL C 133 -9.41 -18.05 8.55
CA VAL C 133 -8.03 -17.69 8.23
C VAL C 133 -8.04 -16.67 7.10
N MET C 134 -7.08 -15.74 7.16
CA MET C 134 -6.78 -14.83 6.06
C MET C 134 -5.30 -14.92 5.75
N ILE C 135 -4.95 -15.14 4.49
CA ILE C 135 -3.57 -15.20 4.05
C ILE C 135 -3.43 -14.24 2.86
N THR C 136 -2.61 -13.21 3.03
CA THR C 136 -2.40 -12.22 1.97
C THR C 136 -1.32 -12.68 1.01
N SER C 137 -1.51 -12.35 -0.26
CA SER C 137 -0.51 -12.68 -1.28
C SER C 137 -0.70 -11.74 -2.47
N VAL C 138 0.33 -11.69 -3.31
CA VAL C 138 0.33 -10.85 -4.50
C VAL C 138 0.31 -11.77 -5.71
N ASN C 139 -0.77 -11.71 -6.48
CA ASN C 139 -0.90 -12.51 -7.69
C ASN C 139 -0.04 -11.86 -8.78
N LEU C 140 1.15 -12.42 -8.98
CA LEU C 140 2.08 -11.84 -9.95
C LEU C 140 1.55 -11.90 -11.37
N SER C 141 0.80 -12.96 -11.70
CA SER C 141 0.29 -13.11 -13.05
C SER C 141 -0.74 -12.05 -13.40
N THR C 142 -1.54 -11.61 -12.43
CA THR C 142 -2.56 -10.61 -12.67
C THR C 142 -2.27 -9.27 -12.01
N GLY C 143 -1.23 -9.18 -11.19
CA GLY C 143 -0.89 -7.92 -10.56
C GLY C 143 -1.86 -7.44 -9.51
N LYS C 144 -2.64 -8.35 -8.93
CA LYS C 144 -3.64 -7.99 -7.94
C LYS C 144 -3.40 -8.78 -6.65
N PRO C 145 -3.83 -8.24 -5.51
CA PRO C 145 -3.71 -8.99 -4.25
C PRO C 145 -4.71 -10.13 -4.21
N LYS C 146 -4.20 -11.35 -4.00
CA LYS C 146 -5.03 -12.54 -3.83
C LYS C 146 -5.01 -12.93 -2.36
N PHE C 147 -6.19 -13.04 -1.76
CA PHE C 147 -6.30 -13.29 -0.32
C PHE C 147 -6.93 -14.67 -0.12
N PHE C 148 -6.07 -15.66 0.13
CA PHE C 148 -6.56 -17.00 0.47
C PHE C 148 -7.27 -16.94 1.82
N LYS C 149 -8.46 -17.52 1.89
CA LYS C 149 -9.20 -17.50 3.14
C LYS C 149 -10.17 -18.67 3.18
N THR C 150 -10.48 -19.11 4.40
CA THR C 150 -11.43 -20.18 4.58
C THR C 150 -12.82 -19.71 4.14
N PRO C 151 -13.68 -20.64 3.70
CA PRO C 151 -15.00 -20.22 3.22
C PRO C 151 -15.93 -19.75 4.32
N HIS C 152 -15.52 -18.73 5.09
CA HIS C 152 -16.46 -18.11 6.03
C HIS C 152 -17.57 -17.38 5.31
N ASN C 153 -17.34 -16.96 4.06
CA ASN C 153 -18.40 -16.47 3.20
C ASN C 153 -18.99 -17.65 2.44
N PRO C 154 -20.28 -17.97 2.63
CA PRO C 154 -20.83 -19.17 2.00
C PRO C 154 -20.78 -19.17 0.48
N MET C 155 -20.64 -18.00 -0.14
CA MET C 155 -20.58 -17.91 -1.60
C MET C 155 -19.17 -18.09 -2.14
N PHE C 156 -18.18 -18.30 -1.30
CA PHE C 156 -16.81 -18.48 -1.77
C PHE C 156 -16.67 -19.82 -2.47
N THR C 157 -16.23 -19.79 -3.73
CA THR C 157 -16.08 -21.00 -4.54
C THR C 157 -14.76 -20.99 -5.29
N MET C 158 -13.71 -20.44 -4.68
CA MET C 158 -12.44 -20.29 -5.35
C MET C 158 -11.33 -21.12 -4.72
N ASP C 159 -11.15 -21.03 -3.41
CA ASP C 159 -10.03 -21.68 -2.73
C ASP C 159 -10.49 -22.70 -1.71
N ARG C 160 -11.62 -23.37 -1.98
CA ARG C 160 -12.10 -24.41 -1.09
C ARG C 160 -11.28 -25.69 -1.21
N GLU C 161 -10.61 -25.92 -2.33
CA GLU C 161 -9.88 -27.15 -2.57
C GLU C 161 -8.42 -26.89 -2.88
N ILE C 162 -7.80 -25.92 -2.22
CA ILE C 162 -6.39 -25.62 -2.37
C ILE C 162 -5.68 -25.99 -1.07
N ARG C 163 -4.55 -26.67 -1.19
CA ARG C 163 -3.80 -27.10 -0.03
C ARG C 163 -3.29 -25.91 0.76
N LEU C 164 -3.35 -26.01 2.09
CA LEU C 164 -2.83 -24.94 2.94
C LEU C 164 -1.34 -24.73 2.72
N ILE C 165 -0.62 -25.79 2.34
CA ILE C 165 0.81 -25.65 2.10
C ILE C 165 1.07 -24.77 0.89
N ASP C 166 0.14 -24.71 -0.05
CA ASP C 166 0.33 -23.84 -1.22
C ASP C 166 0.13 -22.38 -0.85
N ALA C 167 -0.88 -22.08 -0.02
CA ALA C 167 -1.08 -20.71 0.44
C ALA C 167 0.09 -20.24 1.31
N ALA C 168 0.56 -21.11 2.21
CA ALA C 168 1.69 -20.73 3.06
C ALA C 168 2.96 -20.53 2.25
N MET C 169 3.20 -21.38 1.25
CA MET C 169 4.37 -21.22 0.41
C MET C 169 4.28 -19.98 -0.47
N ALA C 170 3.06 -19.61 -0.88
CA ALA C 170 2.90 -18.44 -1.74
C ALA C 170 3.12 -17.15 -0.95
N THR C 171 2.54 -17.05 0.25
CA THR C 171 2.63 -15.82 1.02
C THR C 171 4.03 -15.58 1.59
N SER C 172 4.87 -16.60 1.64
CA SER C 172 6.22 -16.45 2.16
C SER C 172 7.26 -16.23 1.07
N ALA C 173 6.85 -16.12 -0.19
CA ALA C 173 7.78 -16.00 -1.31
C ALA C 173 8.26 -14.55 -1.40
N ALA C 174 9.24 -14.23 -0.55
CA ALA C 174 9.82 -12.89 -0.56
C ALA C 174 10.45 -12.63 -1.93
N PRO C 175 10.13 -11.50 -2.57
CA PRO C 175 10.51 -11.34 -3.99
C PRO C 175 11.99 -11.50 -4.27
N THR C 176 12.85 -11.04 -3.38
CA THR C 176 14.29 -11.17 -3.59
C THR C 176 14.85 -12.48 -3.06
N TYR C 177 14.31 -13.00 -1.96
CA TYR C 177 14.85 -14.18 -1.31
C TYR C 177 14.28 -15.48 -1.89
N PHE C 178 12.96 -15.66 -1.84
CA PHE C 178 12.32 -16.89 -2.29
C PHE C 178 11.69 -16.68 -3.66
N LYS C 179 11.92 -17.63 -4.56
CA LYS C 179 11.37 -17.53 -5.90
C LYS C 179 9.85 -17.61 -5.84
N PRO C 180 9.16 -17.02 -6.82
CA PRO C 180 7.69 -17.00 -6.77
C PRO C 180 7.12 -18.40 -6.78
N HIS C 181 6.02 -18.58 -6.04
CA HIS C 181 5.41 -19.89 -5.86
C HIS C 181 4.34 -20.11 -6.92
N TYR C 182 4.49 -21.19 -7.68
CA TYR C 182 3.54 -21.55 -8.73
C TYR C 182 2.48 -22.47 -8.12
N ILE C 183 1.24 -21.99 -8.07
CA ILE C 183 0.12 -22.79 -7.62
C ILE C 183 -0.45 -23.52 -8.83
N GLU C 184 -0.41 -24.85 -8.80
CA GLU C 184 -0.90 -25.61 -9.94
C GLU C 184 -2.42 -25.55 -10.05
N LYS C 185 -3.11 -25.45 -8.92
CA LYS C 185 -4.57 -25.42 -8.95
C LYS C 185 -5.10 -24.14 -9.60
N LEU C 186 -4.36 -23.04 -9.46
CA LEU C 186 -4.78 -21.75 -10.01
C LEU C 186 -3.98 -21.34 -11.24
N GLU C 187 -2.87 -22.00 -11.53
CA GLU C 187 -2.03 -21.71 -12.69
C GLU C 187 -1.46 -20.30 -12.67
N ASN C 188 -1.43 -19.67 -11.49
CA ASN C 188 -0.93 -18.31 -11.32
C ASN C 188 0.26 -18.32 -10.38
N TYR C 189 1.23 -17.46 -10.65
CA TYR C 189 2.39 -17.30 -9.78
C TYR C 189 2.10 -16.26 -8.72
N PHE C 190 2.65 -16.48 -7.53
CA PHE C 190 2.40 -15.62 -6.38
C PHE C 190 3.73 -15.20 -5.76
N ALA C 191 3.70 -14.05 -5.07
CA ALA C 191 4.86 -13.51 -4.38
C ALA C 191 4.49 -13.21 -2.94
N ASP C 192 5.42 -12.57 -2.23
CA ASP C 192 5.24 -12.30 -0.81
C ASP C 192 3.99 -11.48 -0.55
N GLY C 193 3.26 -11.86 0.48
CA GLY C 193 2.09 -11.10 0.87
C GLY C 193 2.37 -9.80 1.57
N GLY C 194 3.64 -9.55 1.92
CA GLY C 194 4.05 -8.31 2.53
C GLY C 194 4.18 -7.15 1.58
N LEU C 195 4.03 -7.39 0.28
CA LEU C 195 4.03 -6.32 -0.71
C LEU C 195 2.72 -5.54 -0.73
N VAL C 196 1.69 -6.02 -0.04
CA VAL C 196 0.38 -5.37 -0.04
C VAL C 196 0.03 -4.95 1.38
N ALA C 197 0.00 -5.92 2.29
CA ALA C 197 -0.37 -5.67 3.69
C ALA C 197 0.61 -6.41 4.59
N ASN C 198 1.72 -5.75 4.94
CA ASN C 198 2.66 -6.34 5.89
C ASN C 198 2.13 -6.28 7.31
N ASN C 199 1.12 -5.45 7.57
CA ASN C 199 0.43 -5.39 8.86
C ASN C 199 -1.04 -5.66 8.57
N PRO C 200 -1.47 -6.91 8.58
CA PRO C 200 -2.84 -7.25 8.17
C PRO C 200 -3.88 -6.93 9.23
N SER C 201 -3.52 -6.11 10.22
CA SER C 201 -4.48 -5.76 11.26
C SER C 201 -5.65 -4.97 10.71
N TYR C 202 -5.40 -4.05 9.78
CA TYR C 202 -6.48 -3.22 9.25
C TYR C 202 -7.40 -4.03 8.35
N ILE C 203 -6.83 -4.80 7.42
CA ILE C 203 -7.66 -5.60 6.51
C ILE C 203 -8.39 -6.70 7.26
N GLY C 204 -7.89 -7.11 8.43
CA GLY C 204 -8.59 -8.10 9.23
C GLY C 204 -9.92 -7.58 9.75
N ILE C 205 -9.96 -6.31 10.14
CA ILE C 205 -11.21 -5.71 10.59
C ILE C 205 -12.19 -5.59 9.42
N ARG C 206 -11.67 -5.30 8.22
CA ARG C 206 -12.54 -5.15 7.06
C ARG C 206 -13.25 -6.45 6.75
N GLU C 207 -12.54 -7.58 6.86
CA GLU C 207 -13.14 -8.88 6.57
C GLU C 207 -14.31 -9.19 7.50
N VAL C 208 -14.16 -8.89 8.79
CA VAL C 208 -15.23 -9.16 9.74
C VAL C 208 -16.47 -8.34 9.41
N LEU C 209 -16.27 -7.12 8.93
CA LEU C 209 -17.40 -6.24 8.67
C LEU C 209 -18.05 -6.50 7.31
N ILE C 210 -17.31 -7.06 6.35
CA ILE C 210 -17.79 -7.12 4.98
C ILE C 210 -18.20 -8.54 4.60
N ASP C 211 -17.26 -9.48 4.65
CA ASP C 211 -17.57 -10.87 4.27
C ASP C 211 -18.11 -11.70 5.42
N MET C 212 -17.61 -11.49 6.64
CA MET C 212 -18.00 -12.31 7.77
C MET C 212 -19.33 -11.86 8.35
N LYS C 213 -20.34 -11.68 7.48
CA LYS C 213 -21.64 -11.20 7.90
C LYS C 213 -22.62 -12.32 8.19
N ASN C 214 -22.25 -13.58 7.93
CA ASN C 214 -23.12 -14.71 8.21
C ASN C 214 -22.97 -15.20 9.65
N ASP C 215 -21.74 -15.28 10.15
CA ASP C 215 -21.53 -15.69 11.54
C ASP C 215 -21.89 -14.57 12.50
N PHE C 216 -21.56 -13.33 12.16
CA PHE C 216 -21.81 -12.16 12.99
C PHE C 216 -22.63 -11.16 12.18
N PRO C 217 -23.96 -11.25 12.23
CA PRO C 217 -24.78 -10.32 11.43
C PRO C 217 -24.57 -8.85 11.79
N ASP C 218 -24.34 -8.55 13.07
CA ASP C 218 -24.18 -7.18 13.55
C ASP C 218 -22.76 -7.02 14.06
N ALA C 219 -21.85 -6.65 13.17
CA ALA C 219 -20.45 -6.44 13.51
C ALA C 219 -20.08 -4.99 13.25
N LYS C 220 -19.49 -4.34 14.23
CA LYS C 220 -18.99 -2.98 14.15
C LYS C 220 -17.60 -2.93 14.77
N PRO C 221 -16.78 -1.95 14.39
CA PRO C 221 -15.44 -1.87 14.98
C PRO C 221 -15.46 -1.67 16.49
N GLU C 222 -16.57 -1.22 17.06
CA GLU C 222 -16.68 -1.10 18.50
C GLU C 222 -16.58 -2.46 19.18
N ASN C 223 -17.20 -3.48 18.60
CA ASN C 223 -17.20 -4.83 19.16
C ASN C 223 -16.08 -5.70 18.60
N ILE C 224 -15.04 -5.10 18.04
CA ILE C 224 -13.93 -5.84 17.44
C ILE C 224 -12.66 -5.52 18.22
N LYS C 225 -11.98 -6.55 18.67
CA LYS C 225 -10.70 -6.43 19.36
C LYS C 225 -9.61 -7.07 18.52
N VAL C 226 -8.51 -6.36 18.33
CA VAL C 226 -7.41 -6.82 17.49
C VAL C 226 -6.18 -6.99 18.36
N LEU C 227 -5.55 -8.15 18.27
CA LEU C 227 -4.31 -8.46 18.97
C LEU C 227 -3.23 -8.63 17.91
N ASN C 228 -2.59 -7.53 17.54
CA ASN C 228 -1.57 -7.53 16.49
C ASN C 228 -0.22 -7.81 17.13
N ILE C 229 0.33 -9.00 16.88
CA ILE C 229 1.65 -9.38 17.37
C ILE C 229 2.66 -9.00 16.30
N GLY C 230 3.59 -8.12 16.66
CA GLY C 230 4.53 -7.60 15.71
C GLY C 230 5.60 -8.60 15.35
N THR C 231 6.48 -8.17 14.44
CA THR C 231 7.60 -8.97 13.96
C THR C 231 8.93 -8.28 14.22
N LEU C 232 8.98 -7.43 15.26
CA LEU C 232 10.15 -6.62 15.57
C LEU C 232 10.51 -5.74 14.36
N SER C 233 9.48 -5.16 13.75
CA SER C 233 9.65 -4.43 12.50
C SER C 233 10.43 -3.15 12.72
N GLU C 234 11.36 -2.87 11.81
CA GLU C 234 12.14 -1.64 11.85
C GLU C 234 11.46 -0.54 11.07
N ASP C 235 11.37 0.65 11.67
CA ASP C 235 10.82 1.82 11.00
C ASP C 235 11.86 2.31 10.01
N TYR C 236 11.78 1.81 8.79
CA TYR C 236 12.77 2.12 7.77
C TYR C 236 12.69 3.59 7.35
N CYS C 237 13.84 4.17 7.05
CA CYS C 237 13.93 5.53 6.56
C CYS C 237 15.28 5.71 5.88
N ILE C 238 15.32 6.63 4.91
CA ILE C 238 16.57 6.91 4.23
C ILE C 238 17.47 7.75 5.14
N SER C 239 18.75 7.42 5.15
CA SER C 239 19.68 8.10 6.04
C SER C 239 19.77 9.57 5.68
N PRO C 240 19.74 10.48 6.67
CA PRO C 240 19.86 11.91 6.36
C PRO C 240 21.15 12.27 5.64
N GLU C 241 22.24 11.55 5.91
CA GLU C 241 23.47 11.80 5.18
C GLU C 241 23.32 11.50 3.69
N THR C 242 22.62 10.41 3.35
CA THR C 242 22.41 10.09 1.95
C THR C 242 21.44 11.04 1.29
N LEU C 243 20.36 11.41 2.00
CA LEU C 243 19.38 12.34 1.44
C LEU C 243 19.98 13.71 1.20
N SER C 244 20.79 14.20 2.14
CA SER C 244 21.34 15.55 1.99
C SER C 244 22.38 15.63 0.90
N LYS C 245 23.26 14.61 0.81
CA LYS C 245 24.39 14.70 -0.11
C LYS C 245 24.11 14.10 -1.47
N ASN C 246 23.21 13.12 -1.57
CA ASN C 246 23.03 12.37 -2.81
C ASN C 246 21.58 12.38 -3.31
N SER C 247 20.81 13.43 -2.98
CA SER C 247 19.46 13.53 -3.53
C SER C 247 19.46 13.97 -4.99
N GLY C 248 20.58 14.50 -5.48
CA GLY C 248 20.72 14.87 -6.86
C GLY C 248 21.27 13.78 -7.77
N LYS C 249 21.45 12.57 -7.25
CA LYS C 249 21.95 11.45 -8.01
C LYS C 249 20.83 10.43 -8.21
N GLY C 250 21.15 9.35 -8.93
CA GLY C 250 20.14 8.37 -9.25
C GLY C 250 20.60 6.93 -9.16
N TYR C 251 19.75 6.08 -8.59
CA TYR C 251 19.96 4.64 -8.52
C TYR C 251 21.21 4.25 -7.74
N LEU C 252 22.39 4.38 -8.36
CA LEU C 252 23.60 3.87 -7.71
C LEU C 252 23.83 4.52 -6.34
N SER C 253 23.63 5.84 -6.26
CA SER C 253 23.84 6.54 -4.99
C SER C 253 22.56 6.59 -4.16
N LEU C 254 21.51 7.19 -4.71
CA LEU C 254 20.21 7.25 -4.05
C LEU C 254 19.29 6.21 -4.67
N TRP C 255 18.51 5.54 -3.81
CA TRP C 255 17.76 4.35 -4.19
C TRP C 255 18.71 3.27 -4.72
N ASN C 256 19.57 2.76 -3.83
CA ASN C 256 20.60 1.80 -4.23
C ASN C 256 19.97 0.65 -5.00
N MET C 257 20.31 0.53 -6.28
CA MET C 257 19.59 -0.33 -7.20
C MET C 257 18.09 -0.07 -7.08
N GLY C 258 17.38 -0.92 -6.33
CA GLY C 258 15.99 -0.68 -6.10
C GLY C 258 15.59 -0.87 -4.65
N GLU C 259 16.56 -1.22 -3.81
CA GLU C 259 16.27 -1.64 -2.45
C GLU C 259 15.57 -0.53 -1.67
N ARG C 260 16.03 0.71 -1.81
CA ARG C 260 15.42 1.81 -1.06
C ARG C 260 14.00 2.08 -1.51
N ILE C 261 13.70 1.94 -2.80
CA ILE C 261 12.35 2.22 -3.28
C ILE C 261 11.36 1.20 -2.75
N VAL C 262 11.70 -0.10 -2.83
CA VAL C 262 10.81 -1.12 -2.34
C VAL C 262 10.64 -1.02 -0.83
N LEU C 263 11.74 -0.82 -0.11
CA LEU C 263 11.68 -0.74 1.34
C LEU C 263 10.87 0.48 1.79
N SER C 264 11.09 1.63 1.13
CA SER C 264 10.30 2.82 1.45
C SER C 264 8.83 2.61 1.11
N THR C 265 8.55 1.98 -0.03
CA THR C 265 7.17 1.73 -0.43
C THR C 265 6.48 0.78 0.55
N MET C 266 7.16 -0.29 0.96
CA MET C 266 6.56 -1.24 1.89
C MET C 266 6.41 -0.64 3.28
N THR C 267 7.44 0.06 3.76
CA THR C 267 7.37 0.66 5.09
C THR C 267 6.29 1.73 5.15
N ALA C 268 6.21 2.58 4.13
CA ALA C 268 5.19 3.62 4.11
C ALA C 268 3.79 3.01 4.02
N ASN C 269 3.62 2.00 3.17
CA ASN C 269 2.33 1.32 3.07
C ASN C 269 1.98 0.63 4.38
N GLN C 270 2.95 -0.05 5.00
CA GLN C 270 2.72 -0.65 6.30
C GLN C 270 2.38 0.41 7.34
N HIS C 271 3.08 1.55 7.31
CA HIS C 271 2.72 2.66 8.17
C HIS C 271 1.33 3.18 7.85
N LEU C 272 1.01 3.30 6.55
CA LEU C 272 -0.28 3.86 6.16
C LEU C 272 -1.43 3.00 6.67
N GLN C 273 -1.39 1.70 6.39
CA GLN C 273 -2.45 0.81 6.86
C GLN C 273 -2.52 0.79 8.39
N ARG C 274 -1.37 0.89 9.06
CA ARG C 274 -1.39 1.03 10.51
C ARG C 274 -2.03 2.34 10.93
N PHE C 275 -1.79 3.41 10.18
CA PHE C 275 -2.32 4.73 10.53
C PHE C 275 -3.84 4.75 10.45
N MET C 276 -4.41 4.30 9.31
CA MET C 276 -5.86 4.32 9.17
C MET C 276 -6.52 3.46 10.22
N LEU C 277 -5.85 2.40 10.67
CA LEU C 277 -6.35 1.61 11.79
C LEU C 277 -6.41 2.46 13.06
N LEU C 278 -5.36 3.24 13.30
CA LEU C 278 -5.34 4.09 14.50
C LEU C 278 -6.34 5.23 14.39
N ARG C 279 -6.41 5.88 13.22
CA ARG C 279 -7.33 7.00 13.05
C ARG C 279 -8.78 6.56 13.20
N GLU C 280 -9.14 5.41 12.63
CA GLU C 280 -10.51 4.92 12.74
C GLU C 280 -10.86 4.60 14.18
N PHE C 281 -9.94 3.99 14.92
CA PHE C 281 -10.20 3.66 16.31
C PHE C 281 -10.19 4.90 17.20
N GLU C 282 -9.34 5.89 16.88
CA GLU C 282 -9.33 7.13 17.64
C GLU C 282 -10.63 7.89 17.46
N ALA C 283 -11.19 7.87 16.25
CA ALA C 283 -12.43 8.59 15.99
C ALA C 283 -13.59 8.03 16.81
N LEU C 284 -13.64 6.71 16.96
CA LEU C 284 -14.72 6.05 17.68
C LEU C 284 -14.43 5.89 19.17
N LYS C 285 -13.30 6.41 19.65
CA LYS C 285 -12.92 6.32 21.06
C LYS C 285 -12.84 4.89 21.55
N ILE C 286 -12.30 4.01 20.71
CA ILE C 286 -12.14 2.59 21.04
C ILE C 286 -10.69 2.18 20.84
N GLU C 287 -9.76 3.12 21.08
CA GLU C 287 -8.35 2.84 20.88
C GLU C 287 -7.88 1.65 21.71
N LYS C 288 -8.51 1.40 22.86
CA LYS C 288 -8.13 0.27 23.69
C LYS C 288 -8.40 -1.08 23.01
N ASN C 289 -9.28 -1.11 22.00
CA ASN C 289 -9.59 -2.36 21.33
C ASN C 289 -8.37 -2.91 20.59
N TYR C 290 -7.56 -2.02 20.03
CA TYR C 290 -6.36 -2.43 19.30
C TYR C 290 -5.22 -2.65 20.29
N VAL C 291 -4.80 -3.90 20.43
CA VAL C 291 -3.68 -4.26 21.31
C VAL C 291 -2.51 -4.65 20.42
N GLU C 292 -1.50 -3.80 20.36
CA GLU C 292 -0.32 -4.05 19.55
C GLU C 292 0.86 -4.38 20.46
N ILE C 293 1.51 -5.51 20.19
CA ILE C 293 2.65 -5.96 20.98
C ILE C 293 3.85 -6.02 20.03
N ASP C 294 4.60 -4.93 19.96
CA ASP C 294 5.77 -4.86 19.11
C ASP C 294 6.79 -3.94 19.76
N GLU C 295 8.05 -4.11 19.35
CA GLU C 295 9.14 -3.34 19.93
C GLU C 295 10.24 -3.18 18.89
N THR C 296 10.74 -1.97 18.73
CA THR C 296 11.85 -1.73 17.82
C THR C 296 13.13 -2.35 18.36
N ILE C 297 13.94 -2.89 17.45
CA ILE C 297 15.23 -3.45 17.82
C ILE C 297 16.21 -2.31 18.07
N PRO C 298 17.11 -2.42 19.04
CA PRO C 298 18.12 -1.38 19.24
C PRO C 298 19.05 -1.28 18.04
N ASN C 299 19.73 -0.14 17.95
CA ASN C 299 20.62 0.11 16.82
C ASN C 299 21.74 -0.93 16.76
N GLU C 300 22.30 -1.29 17.92
CA GLU C 300 23.34 -2.30 17.95
C GLU C 300 22.81 -3.66 17.51
N ALA C 301 21.60 -4.01 17.93
CA ALA C 301 21.00 -5.28 17.55
C ALA C 301 20.48 -5.27 16.12
N ALA C 302 20.24 -4.09 15.55
CA ALA C 302 19.66 -4.01 14.20
C ALA C 302 20.62 -4.58 13.16
N ALA C 303 21.91 -4.31 13.31
CA ALA C 303 22.89 -4.84 12.36
C ALA C 303 23.05 -6.36 12.47
N GLU C 304 22.51 -6.96 13.52
CA GLU C 304 22.61 -8.40 13.74
C GLU C 304 21.31 -9.14 13.43
N ILE C 305 20.18 -8.62 13.90
CA ILE C 305 18.88 -9.27 13.68
C ILE C 305 18.35 -8.74 12.34
N THR C 306 18.77 -9.41 11.26
CA THR C 306 18.27 -9.08 9.93
C THR C 306 17.05 -9.95 9.64
N LEU C 307 16.51 -9.83 8.42
CA LEU C 307 15.31 -10.56 8.06
C LEU C 307 15.58 -12.03 7.77
N ASP C 308 16.84 -12.42 7.56
CA ASP C 308 17.16 -13.77 7.13
C ASP C 308 18.36 -14.34 7.88
N ASN C 309 18.56 -13.92 9.13
CA ASN C 309 19.66 -14.43 9.94
C ASN C 309 19.10 -15.40 10.98
N ALA C 310 19.58 -16.64 10.94
CA ALA C 310 19.14 -17.69 11.85
C ALA C 310 20.28 -18.19 12.73
N SER C 311 21.29 -17.34 12.96
CA SER C 311 22.40 -17.71 13.82
C SER C 311 21.92 -17.88 15.26
N GLU C 312 22.66 -18.69 16.02
CA GLU C 312 22.25 -19.00 17.38
C GLU C 312 22.19 -17.75 18.26
N GLY C 313 23.03 -16.76 17.98
CA GLY C 313 22.96 -15.51 18.73
C GLY C 313 21.67 -14.76 18.45
N CYS C 314 21.29 -14.66 17.17
CA CYS C 314 20.07 -13.96 16.81
C CYS C 314 18.83 -14.72 17.27
N LEU C 315 18.86 -16.05 17.20
CA LEU C 315 17.73 -16.83 17.66
C LEU C 315 17.50 -16.65 19.16
N LYS C 316 18.58 -16.57 19.94
CA LYS C 316 18.44 -16.33 21.37
C LYS C 316 17.79 -14.98 21.65
N ALA C 317 18.23 -13.94 20.92
CA ALA C 317 17.67 -12.61 21.13
C ALA C 317 16.20 -12.55 20.75
N LEU C 318 15.84 -13.14 19.61
CA LEU C 318 14.44 -13.15 19.20
C LEU C 318 13.59 -13.95 20.18
N ARG C 319 14.09 -15.10 20.63
CA ARG C 319 13.39 -15.86 21.66
C ARG C 319 13.35 -15.09 22.98
N GLY C 320 14.46 -14.45 23.35
CA GLY C 320 14.49 -13.70 24.60
C GLY C 320 13.53 -12.53 24.59
N SER C 321 13.47 -11.80 23.48
CA SER C 321 12.54 -10.68 23.39
C SER C 321 11.10 -11.14 23.48
N GLY C 322 10.77 -12.25 22.82
CA GLY C 322 9.42 -12.79 22.93
C GLY C 322 9.10 -13.26 24.34
N LYS C 323 10.06 -13.89 25.00
CA LYS C 323 9.86 -14.31 26.38
C LYS C 323 9.65 -13.11 27.29
N LYS C 324 10.45 -12.06 27.11
CA LYS C 324 10.33 -10.87 27.95
C LYS C 324 9.03 -10.13 27.71
N LEU C 325 8.68 -9.91 26.43
CA LEU C 325 7.49 -9.13 26.11
C LEU C 325 6.22 -9.82 26.57
N ALA C 326 6.15 -11.15 26.44
CA ALA C 326 4.93 -11.86 26.79
C ALA C 326 4.59 -11.71 28.27
N ALA C 327 5.60 -11.80 29.14
CA ALA C 327 5.35 -11.68 30.57
C ALA C 327 5.02 -10.26 30.97
N GLU C 328 5.73 -9.28 30.40
CA GLU C 328 5.52 -7.88 30.78
C GLU C 328 4.13 -7.41 30.36
N ARG C 329 3.76 -7.66 29.10
CA ARG C 329 2.49 -7.16 28.59
C ARG C 329 1.30 -7.83 29.28
N TYR C 330 1.43 -9.11 29.62
CA TYR C 330 0.35 -9.79 30.34
C TYR C 330 0.12 -9.14 31.71
N THR C 331 1.20 -8.78 32.41
CA THR C 331 1.07 -8.15 33.71
C THR C 331 0.41 -6.77 33.61
N LYS C 332 0.82 -5.97 32.61
CA LYS C 332 0.36 -4.58 32.51
C LYS C 332 -0.93 -4.46 31.69
N ASN C 333 -0.90 -4.92 30.45
CA ASN C 333 -2.02 -4.75 29.54
C ASN C 333 -3.18 -5.65 29.97
N GLU C 334 -4.20 -5.04 30.57
CA GLU C 334 -5.38 -5.81 30.95
C GLU C 334 -6.14 -6.30 29.72
N GLU C 335 -6.17 -5.49 28.66
CA GLU C 335 -6.87 -5.90 27.44
C GLU C 335 -6.23 -7.12 26.80
N LEU C 336 -4.91 -7.30 26.99
CA LEU C 336 -4.26 -8.52 26.52
C LEU C 336 -4.79 -9.74 27.27
N ARG C 337 -5.01 -9.61 28.57
CA ARG C 337 -5.55 -10.72 29.36
C ARG C 337 -6.98 -11.05 28.96
N ASN C 338 -7.76 -10.05 28.54
CA ASN C 338 -9.16 -10.27 28.22
C ASN C 338 -9.35 -11.07 26.93
N PHE C 339 -8.32 -11.19 26.10
CA PHE C 339 -8.42 -11.98 24.89
C PHE C 339 -8.66 -13.45 25.21
N PHE C 340 -7.97 -13.96 26.22
CA PHE C 340 -7.98 -15.39 26.56
C PHE C 340 -8.94 -15.70 27.70
N LEU C 341 -9.95 -14.88 27.93
CA LEU C 341 -10.93 -15.18 28.96
C LEU C 341 -11.87 -16.30 28.53
N LYS C 342 -12.24 -16.33 27.25
CA LYS C 342 -13.17 -17.31 26.73
C LYS C 342 -12.66 -17.83 25.39
N LYS C 343 -13.03 -19.06 25.07
CA LYS C 343 -12.64 -19.67 23.80
C LYS C 343 -13.63 -19.30 22.70
N ALA C 344 -13.10 -19.00 21.52
CA ALA C 344 -13.94 -18.66 20.38
C ALA C 344 -14.64 -19.89 19.83
N GLU C 345 -15.87 -19.71 19.39
CA GLU C 345 -16.63 -20.81 18.84
C GLU C 345 -15.97 -21.30 17.55
N PRO C 346 -15.92 -22.61 17.32
CA PRO C 346 -15.25 -23.12 16.12
C PRO C 346 -15.97 -22.71 14.86
N PHE C 347 -15.19 -22.55 13.78
CA PHE C 347 -15.74 -22.18 12.48
C PHE C 347 -16.27 -23.42 11.78
N VAL C 348 -17.58 -23.45 11.54
CA VAL C 348 -18.22 -24.52 10.79
C VAL C 348 -18.34 -24.05 9.33
N PRO C 349 -17.62 -24.66 8.39
CA PRO C 349 -17.71 -24.21 7.00
C PRO C 349 -19.13 -24.36 6.46
N TYR C 350 -19.54 -23.39 5.64
CA TYR C 350 -20.89 -23.36 5.10
C TYR C 350 -20.87 -23.09 3.60
N SER D 8 -28.39 14.87 3.64
CA SER D 8 -27.26 15.67 3.18
C SER D 8 -26.39 14.87 2.20
N GLU D 9 -25.53 15.58 1.47
CA GLU D 9 -24.65 14.95 0.50
C GLU D 9 -23.27 15.58 0.58
N ILE D 10 -22.25 14.74 0.44
CA ILE D 10 -20.85 15.18 0.45
C ILE D 10 -20.19 14.68 -0.83
N LYS D 11 -19.53 15.57 -1.56
CA LYS D 11 -18.91 15.25 -2.83
C LYS D 11 -17.40 15.31 -2.69
N ILE D 12 -16.72 14.30 -3.24
CA ILE D 12 -15.27 14.20 -3.20
C ILE D 12 -14.77 14.03 -4.61
N LEU D 13 -13.75 14.80 -4.99
CA LEU D 13 -13.07 14.64 -6.26
C LEU D 13 -11.70 14.04 -6.01
N SER D 14 -11.42 12.90 -6.64
CA SER D 14 -10.16 12.19 -6.47
C SER D 14 -9.46 12.08 -7.82
N LEU D 15 -8.20 12.49 -7.87
CA LEU D 15 -7.42 12.47 -9.09
C LEU D 15 -6.19 11.59 -8.89
N ASN D 16 -6.01 10.63 -9.77
CA ASN D 16 -4.89 9.71 -9.68
C ASN D 16 -3.66 10.31 -10.34
N GLY D 17 -2.49 9.78 -9.96
CA GLY D 17 -1.25 10.24 -10.54
C GLY D 17 -0.97 9.56 -11.87
N GLY D 18 0.21 9.87 -12.42
CA GLY D 18 0.61 9.28 -13.68
C GLY D 18 1.43 10.17 -14.58
N GLY D 19 1.56 11.45 -14.24
CA GLY D 19 2.42 12.33 -15.01
C GLY D 19 1.67 12.96 -16.17
N VAL D 20 2.27 12.86 -17.36
CA VAL D 20 1.70 13.52 -18.53
C VAL D 20 0.34 12.94 -18.90
N ARG D 21 0.04 11.72 -18.46
CA ARG D 21 -1.28 11.15 -18.68
C ARG D 21 -2.36 11.88 -17.90
N GLY D 22 -1.98 12.75 -16.97
CA GLY D 22 -2.96 13.60 -16.31
C GLY D 22 -3.60 14.62 -17.23
N LEU D 23 -3.08 14.79 -18.45
CA LEU D 23 -3.76 15.60 -19.44
C LEU D 23 -5.17 15.08 -19.71
N PHE D 24 -5.34 13.76 -19.66
CA PHE D 24 -6.67 13.18 -19.74
C PHE D 24 -7.52 13.61 -18.54
N THR D 25 -6.91 13.69 -17.36
CA THR D 25 -7.65 14.09 -16.17
C THR D 25 -8.14 15.53 -16.28
N ILE D 26 -7.29 16.42 -16.81
CA ILE D 26 -7.68 17.82 -16.88
C ILE D 26 -8.53 18.11 -18.11
N THR D 27 -8.33 17.37 -19.20
CA THR D 27 -9.17 17.56 -20.38
C THR D 27 -10.61 17.12 -20.09
N LEU D 28 -10.77 16.02 -19.36
CA LEU D 28 -12.11 15.57 -18.99
C LEU D 28 -12.81 16.59 -18.10
N LEU D 29 -12.08 17.15 -17.14
CA LEU D 29 -12.67 18.18 -16.28
C LEU D 29 -12.95 19.46 -17.05
N ALA D 30 -12.07 19.83 -17.98
CA ALA D 30 -12.31 21.01 -18.80
C ALA D 30 -13.54 20.83 -19.68
N GLU D 31 -13.68 19.66 -20.31
CA GLU D 31 -14.85 19.40 -21.14
C GLU D 31 -16.12 19.38 -20.32
N LEU D 32 -16.04 18.85 -19.09
CA LEU D 32 -17.21 18.85 -18.22
C LEU D 32 -17.62 20.28 -17.86
N GLU D 33 -16.63 21.16 -17.66
CA GLU D 33 -16.94 22.56 -17.38
C GLU D 33 -17.70 23.20 -18.54
N SER D 34 -17.25 22.97 -19.77
CA SER D 34 -17.91 23.55 -20.93
C SER D 34 -19.30 22.96 -21.12
N ILE D 35 -19.46 21.68 -20.82
CA ILE D 35 -20.78 21.05 -20.94
C ILE D 35 -21.77 21.67 -19.96
N ILE D 36 -21.33 21.92 -18.73
CA ILE D 36 -22.21 22.57 -17.76
C ILE D 36 -22.59 23.96 -18.23
N GLU D 37 -21.63 24.71 -18.78
CA GLU D 37 -21.92 26.04 -19.30
C GLU D 37 -22.92 25.97 -20.45
N LYS D 38 -22.74 25.00 -21.35
CA LYS D 38 -23.53 24.97 -22.57
C LYS D 38 -24.98 24.57 -22.30
N ARG D 39 -25.20 23.54 -21.49
CA ARG D 39 -26.56 23.07 -21.23
C ARG D 39 -27.29 23.87 -20.17
N GLU D 40 -26.58 24.43 -19.19
CA GLU D 40 -27.22 25.25 -18.17
C GLU D 40 -27.27 26.72 -18.54
N LYS D 41 -26.64 27.12 -19.65
CA LYS D 41 -26.65 28.49 -20.15
C LYS D 41 -26.16 29.47 -19.08
N CYS D 42 -24.91 29.28 -18.66
CA CYS D 42 -24.27 30.14 -17.69
C CYS D 42 -22.83 30.38 -18.15
N GLU D 43 -22.05 31.03 -17.29
CA GLU D 43 -20.68 31.38 -17.64
C GLU D 43 -19.82 31.36 -16.38
N ASN D 44 -18.51 31.26 -16.59
CA ASN D 44 -17.53 31.22 -15.52
C ASN D 44 -17.82 30.06 -14.55
N VAL D 45 -17.76 28.86 -15.10
CA VAL D 45 -17.97 27.64 -14.31
C VAL D 45 -16.62 27.13 -13.83
N LYS D 46 -16.50 26.90 -12.54
CA LYS D 46 -15.31 26.32 -11.92
C LYS D 46 -15.66 24.92 -11.45
N ILE D 47 -14.91 23.93 -11.93
CA ILE D 47 -15.20 22.55 -11.57
C ILE D 47 -14.86 22.28 -10.10
N GLY D 48 -14.02 23.11 -9.49
CA GLY D 48 -13.68 22.93 -8.10
C GLY D 48 -14.70 23.45 -7.10
N ASP D 49 -15.72 24.15 -7.58
CA ASP D 49 -16.74 24.71 -6.69
C ASP D 49 -17.88 23.74 -6.43
N TYR D 50 -17.83 22.53 -6.97
CA TYR D 50 -18.88 21.54 -6.78
C TYR D 50 -18.47 20.41 -5.85
N PHE D 51 -17.29 20.48 -5.23
CA PHE D 51 -16.77 19.42 -4.40
C PHE D 51 -16.42 19.96 -3.01
N ASP D 52 -16.74 19.18 -1.99
CA ASP D 52 -16.40 19.54 -0.62
C ASP D 52 -15.00 19.11 -0.21
N LEU D 53 -14.32 18.31 -1.05
CA LEU D 53 -12.95 17.91 -0.78
C LEU D 53 -12.34 17.41 -2.09
N ILE D 54 -11.11 17.84 -2.37
CA ILE D 54 -10.41 17.46 -3.59
C ILE D 54 -9.15 16.73 -3.18
N THR D 55 -9.08 15.43 -3.48
CA THR D 55 -7.94 14.59 -3.15
C THR D 55 -7.11 14.37 -4.40
N GLY D 56 -5.78 14.41 -4.24
CA GLY D 56 -4.90 14.29 -5.38
C GLY D 56 -3.60 13.60 -5.05
N THR D 57 -2.89 13.23 -6.10
CA THR D 57 -1.57 12.60 -6.00
C THR D 57 -0.81 12.82 -7.29
N ALA D 58 0.47 13.15 -7.18
CA ALA D 58 1.37 13.36 -8.32
C ALA D 58 0.75 14.43 -9.22
N ILE D 59 0.54 14.17 -10.50
CA ILE D 59 -0.08 15.18 -11.36
C ILE D 59 -1.53 15.43 -10.95
N GLY D 60 -2.17 14.45 -10.30
CA GLY D 60 -3.49 14.68 -9.77
C GLY D 60 -3.49 15.66 -8.61
N GLY D 61 -2.44 15.62 -7.79
CA GLY D 61 -2.33 16.57 -6.70
C GLY D 61 -2.07 17.99 -7.18
N ILE D 62 -1.23 18.13 -8.21
CA ILE D 62 -0.96 19.46 -8.77
C ILE D 62 -2.24 20.07 -9.30
N LEU D 63 -3.03 19.28 -10.03
CA LEU D 63 -4.32 19.79 -10.51
C LEU D 63 -5.29 20.04 -9.37
N ALA D 64 -5.21 19.24 -8.30
CA ALA D 64 -6.09 19.43 -7.16
C ALA D 64 -5.82 20.77 -6.48
N LEU D 65 -4.55 21.13 -6.32
CA LEU D 65 -4.22 22.43 -5.73
C LEU D 65 -4.68 23.58 -6.62
N GLY D 66 -4.49 23.43 -7.93
CA GLY D 66 -4.95 24.48 -8.84
C GLY D 66 -6.46 24.66 -8.79
N LEU D 67 -7.21 23.56 -8.77
CA LEU D 67 -8.66 23.66 -8.70
C LEU D 67 -9.12 24.22 -7.36
N ALA D 68 -8.47 23.81 -6.27
CA ALA D 68 -8.86 24.32 -4.95
C ALA D 68 -8.48 25.79 -4.79
N SER D 69 -7.46 26.24 -5.51
CA SER D 69 -7.09 27.66 -5.45
C SER D 69 -8.20 28.54 -5.98
N GLY D 70 -8.98 28.04 -6.94
CA GLY D 70 -10.12 28.77 -7.46
C GLY D 70 -10.09 28.93 -8.96
N LYS D 71 -9.13 28.29 -9.61
CA LYS D 71 -8.95 28.44 -11.05
C LYS D 71 -9.70 27.35 -11.80
N SER D 72 -10.14 27.69 -13.02
CA SER D 72 -10.93 26.77 -13.82
C SER D 72 -10.07 25.62 -14.35
N ALA D 73 -10.74 24.50 -14.65
CA ALA D 73 -10.04 23.38 -15.26
C ALA D 73 -9.53 23.71 -16.65
N ARG D 74 -10.26 24.55 -17.38
CA ARG D 74 -9.79 24.98 -18.70
C ARG D 74 -8.50 25.78 -18.60
N GLU D 75 -8.42 26.67 -17.61
CA GLU D 75 -7.18 27.41 -17.41
C GLU D 75 -6.03 26.49 -17.05
N LEU D 76 -6.29 25.49 -16.20
CA LEU D 76 -5.27 24.48 -15.92
C LEU D 76 -4.95 23.67 -17.17
N LYS D 77 -5.97 23.36 -17.96
CA LYS D 77 -5.75 22.58 -19.19
C LYS D 77 -4.89 23.36 -20.17
N GLU D 78 -5.13 24.66 -20.32
CA GLU D 78 -4.35 25.46 -21.26
C GLU D 78 -2.87 25.45 -20.89
N ALA D 79 -2.57 25.66 -19.61
CA ALA D 79 -1.19 25.62 -19.16
C ALA D 79 -0.61 24.21 -19.19
N PHE D 80 -1.45 23.19 -19.12
CA PHE D 80 -0.97 21.82 -19.18
C PHE D 80 -0.32 21.52 -20.53
N GLU D 81 -0.96 21.95 -21.62
CA GLU D 81 -0.42 21.66 -22.95
C GLU D 81 0.88 22.40 -23.20
N ILE D 82 0.98 23.65 -22.78
CA ILE D 82 2.20 24.41 -23.01
C ILE D 82 3.35 23.88 -22.15
N ASN D 83 3.05 23.59 -20.88
CA ASN D 83 4.11 23.21 -19.94
C ASN D 83 4.52 21.75 -20.05
N ALA D 84 3.69 20.91 -20.68
CA ALA D 84 4.02 19.49 -20.77
C ALA D 84 5.30 19.27 -21.56
N THR D 85 5.53 20.08 -22.60
CA THR D 85 6.73 19.91 -23.41
C THR D 85 7.98 20.29 -22.63
N LYS D 86 7.93 21.38 -21.85
CA LYS D 86 9.10 21.80 -21.09
C LYS D 86 9.32 20.93 -19.85
N ILE D 87 8.23 20.48 -19.22
CA ILE D 87 8.37 19.59 -18.07
C ILE D 87 9.00 18.26 -18.48
N PHE D 88 8.63 17.76 -19.66
CA PHE D 88 9.13 16.50 -20.20
C PHE D 88 9.79 16.78 -21.55
N PRO D 89 10.99 17.36 -21.56
CA PRO D 89 11.65 17.66 -22.83
C PRO D 89 11.97 16.39 -23.61
N LEU D 90 11.95 16.52 -24.93
CA LEU D 90 12.20 15.36 -25.79
C LEU D 90 13.66 14.91 -25.71
N LYS D 91 14.58 15.85 -25.50
CA LYS D 91 15.99 15.47 -25.40
C LYS D 91 16.23 14.57 -24.19
N ARG D 92 15.62 14.89 -23.05
CA ARG D 92 15.75 14.06 -21.87
C ARG D 92 14.89 12.81 -21.96
N PHE D 93 13.75 12.88 -22.65
CA PHE D 93 12.87 11.72 -22.75
C PHE D 93 13.55 10.57 -23.49
N LYS D 94 14.22 10.88 -24.60
CA LYS D 94 14.89 9.83 -25.38
C LYS D 94 16.18 9.35 -24.75
N ASN D 95 16.77 10.14 -23.86
CA ASN D 95 18.01 9.74 -23.19
C ASN D 95 17.69 9.18 -21.81
N LYS D 96 17.05 8.01 -21.82
CA LYS D 96 16.71 7.28 -20.61
C LYS D 96 17.44 5.94 -20.52
N GLN D 97 18.65 5.88 -21.07
CA GLN D 97 19.43 4.66 -21.02
C GLN D 97 19.82 4.34 -19.57
N TRP D 98 20.32 3.12 -19.38
CA TRP D 98 20.68 2.69 -18.03
C TRP D 98 21.82 3.50 -17.46
N TRP D 99 22.81 3.85 -18.29
CA TRP D 99 23.97 4.58 -17.77
C TRP D 99 23.64 6.02 -17.40
N ASN D 100 22.53 6.56 -17.90
CA ASN D 100 22.08 7.89 -17.46
C ASN D 100 21.22 7.81 -16.21
N LEU D 101 20.37 6.78 -16.11
CA LEU D 101 19.55 6.61 -14.92
C LEU D 101 20.39 6.16 -13.72
N LEU D 102 21.41 5.35 -13.96
CA LEU D 102 22.30 4.90 -12.90
C LEU D 102 23.16 6.02 -12.34
N ARG D 103 23.25 7.15 -13.03
CA ARG D 103 24.09 8.26 -12.62
C ARG D 103 23.29 9.40 -11.97
N ARG D 104 22.16 9.78 -12.55
CA ARG D 104 21.36 10.86 -12.03
C ARG D 104 19.91 10.67 -12.48
N SER D 105 19.00 11.35 -11.79
CA SER D 105 17.59 11.25 -12.13
C SER D 105 17.31 11.93 -13.47
N ILE D 106 16.45 11.30 -14.27
CA ILE D 106 16.08 11.88 -15.56
C ILE D 106 15.29 13.17 -15.33
N TYR D 107 15.21 13.98 -16.39
CA TYR D 107 14.50 15.25 -16.37
C TYR D 107 15.07 16.20 -15.31
N GLU D 108 14.40 17.34 -15.13
CA GLU D 108 14.76 18.30 -14.09
C GLU D 108 13.49 18.84 -13.47
N SER D 109 13.59 19.26 -12.21
CA SER D 109 12.44 19.77 -11.48
C SER D 109 12.24 21.27 -11.67
N GLU D 110 13.19 21.97 -12.27
CA GLU D 110 13.03 23.40 -12.50
C GLU D 110 11.88 23.72 -13.45
N PRO D 111 11.77 23.10 -14.63
CA PRO D 111 10.59 23.37 -15.47
C PRO D 111 9.28 23.02 -14.79
N LEU D 112 9.26 21.97 -13.98
CA LEU D 112 8.07 21.65 -13.21
C LEU D 112 7.78 22.72 -12.16
N TYR D 113 8.83 23.30 -11.57
CA TYR D 113 8.64 24.35 -10.58
C TYR D 113 7.99 25.59 -11.19
N ASP D 114 8.48 26.02 -12.36
CA ASP D 114 7.95 27.21 -13.01
C ASP D 114 6.52 26.99 -13.50
N ALA D 115 6.24 25.78 -13.99
CA ALA D 115 4.89 25.48 -14.47
C ALA D 115 3.86 25.59 -13.35
N VAL D 116 4.20 25.07 -12.16
CA VAL D 116 3.30 25.21 -11.02
C VAL D 116 3.28 26.66 -10.54
N LYS D 117 4.43 27.34 -10.55
CA LYS D 117 4.49 28.73 -10.11
C LYS D 117 3.63 29.62 -10.99
N SER D 118 3.67 29.41 -12.31
CA SER D 118 2.89 30.24 -13.22
C SER D 118 1.39 30.00 -13.07
N MET D 119 0.98 28.96 -12.37
CA MET D 119 -0.43 28.57 -12.30
C MET D 119 -1.08 29.06 -11.01
N ILE D 120 -0.50 28.70 -9.86
CA ILE D 120 -1.05 29.11 -8.57
C ILE D 120 -0.24 30.20 -7.88
N GLY D 121 1.03 30.37 -8.25
CA GLY D 121 1.86 31.38 -7.64
C GLY D 121 3.03 30.80 -6.86
N GLU D 122 3.59 31.61 -5.95
CA GLU D 122 4.71 31.15 -5.15
C GLU D 122 4.58 31.57 -3.68
N THR D 123 3.45 32.15 -3.28
CA THR D 123 3.27 32.63 -1.92
C THR D 123 1.98 32.16 -1.27
N ILE D 124 1.02 31.63 -2.02
CA ILE D 124 -0.22 31.14 -1.43
C ILE D 124 0.08 29.94 -0.53
N LYS D 125 -0.62 29.85 0.59
CA LYS D 125 -0.40 28.81 1.57
C LYS D 125 -1.71 28.12 1.88
N PHE D 126 -1.61 27.00 2.62
CA PHE D 126 -2.79 26.17 2.86
C PHE D 126 -3.84 26.88 3.72
N GLU D 127 -3.47 27.94 4.44
CA GLU D 127 -4.46 28.69 5.20
C GLU D 127 -5.23 29.67 4.33
N ASP D 128 -4.76 29.93 3.12
CA ASP D 128 -5.44 30.85 2.21
C ASP D 128 -6.51 30.18 1.36
N LEU D 129 -6.44 28.85 1.22
CA LEU D 129 -7.39 28.15 0.36
C LEU D 129 -8.80 28.18 0.96
N ASN D 130 -9.79 28.38 0.10
CA ASN D 130 -11.18 28.30 0.49
C ASN D 130 -11.81 26.94 0.21
N ARG D 131 -11.03 25.99 -0.28
CA ARG D 131 -11.50 24.64 -0.55
C ARG D 131 -10.54 23.64 0.06
N ARG D 132 -11.09 22.60 0.68
CA ARG D 132 -10.27 21.55 1.28
C ARG D 132 -9.54 20.76 0.20
N VAL D 133 -8.39 20.19 0.56
CA VAL D 133 -7.56 19.49 -0.41
C VAL D 133 -6.62 18.56 0.36
N MET D 134 -6.23 17.47 -0.31
CA MET D 134 -5.14 16.61 0.11
C MET D 134 -3.98 16.70 -0.87
N ILE D 135 -2.78 16.44 -0.35
CA ILE D 135 -1.60 16.21 -1.16
C ILE D 135 -0.82 15.07 -0.52
N THR D 136 -0.99 13.86 -1.05
CA THR D 136 -0.31 12.71 -0.48
C THR D 136 1.16 12.71 -0.88
N SER D 137 2.02 12.31 0.06
CA SER D 137 3.46 12.29 -0.20
C SER D 137 4.10 11.28 0.74
N VAL D 138 5.35 10.93 0.43
CA VAL D 138 6.14 10.01 1.23
C VAL D 138 7.28 10.80 1.86
N ASN D 139 7.32 10.81 3.19
CA ASN D 139 8.39 11.49 3.93
C ASN D 139 9.61 10.58 3.94
N LEU D 140 10.52 10.81 3.00
CA LEU D 140 11.69 9.94 2.87
C LEU D 140 12.58 10.02 4.11
N SER D 141 12.61 11.17 4.79
CA SER D 141 13.48 11.31 5.95
C SER D 141 13.00 10.48 7.12
N THR D 142 11.69 10.24 7.25
CA THR D 142 11.15 9.43 8.32
C THR D 142 10.58 8.10 7.86
N GLY D 143 10.19 7.98 6.59
CA GLY D 143 9.62 6.76 6.07
C GLY D 143 8.10 6.72 6.09
N LYS D 144 7.46 7.55 6.89
CA LYS D 144 6.01 7.57 6.98
C LYS D 144 5.42 8.43 5.85
N PRO D 145 4.16 8.18 5.49
CA PRO D 145 3.50 9.03 4.48
C PRO D 145 2.98 10.31 5.11
N LYS D 146 3.32 11.44 4.50
CA LYS D 146 2.87 12.75 4.94
C LYS D 146 1.79 13.26 4.00
N PHE D 147 0.66 13.67 4.56
CA PHE D 147 -0.50 14.13 3.78
C PHE D 147 -0.67 15.62 4.02
N PHE D 148 -0.20 16.44 3.07
CA PHE D 148 -0.46 17.87 3.13
C PHE D 148 -1.95 18.12 2.93
N LYS D 149 -2.52 18.99 3.77
CA LYS D 149 -3.94 19.26 3.67
C LYS D 149 -4.26 20.59 4.33
N THR D 150 -5.36 21.20 3.88
CA THR D 150 -5.82 22.44 4.47
C THR D 150 -6.33 22.17 5.88
N PRO D 151 -6.32 23.18 6.74
CA PRO D 151 -6.79 22.98 8.12
C PRO D 151 -8.29 22.81 8.23
N HIS D 152 -8.87 21.79 7.59
CA HIS D 152 -10.28 21.50 7.84
C HIS D 152 -10.49 20.97 9.25
N ASN D 153 -9.44 20.41 9.87
CA ASN D 153 -9.46 20.12 11.29
C ASN D 153 -8.88 21.30 12.05
N PRO D 154 -9.62 21.94 12.94
CA PRO D 154 -9.11 23.16 13.59
C PRO D 154 -7.86 22.93 14.43
N MET D 155 -7.57 21.68 14.80
CA MET D 155 -6.40 21.41 15.62
C MET D 155 -5.11 21.27 14.82
N PHE D 156 -5.20 21.31 13.49
CA PHE D 156 -4.00 21.19 12.66
C PHE D 156 -3.11 22.41 12.83
N THR D 157 -1.79 22.16 12.91
CA THR D 157 -0.85 23.24 13.16
C THR D 157 0.42 23.14 12.32
N MET D 158 0.49 22.22 11.37
CA MET D 158 1.72 21.94 10.65
C MET D 158 1.74 22.50 9.24
N ASP D 159 0.71 22.21 8.45
CA ASP D 159 0.67 22.58 7.04
C ASP D 159 0.10 23.96 6.78
N ARG D 160 -0.31 24.68 7.83
CA ARG D 160 -0.98 25.97 7.63
C ARG D 160 -0.07 26.97 6.92
N GLU D 161 1.20 27.03 7.32
CA GLU D 161 2.14 27.99 6.75
C GLU D 161 3.09 27.35 5.74
N ILE D 162 2.61 26.38 4.97
CA ILE D 162 3.39 25.75 3.92
C ILE D 162 2.84 26.20 2.58
N ARG D 163 3.73 26.68 1.72
CA ARG D 163 3.33 27.13 0.40
C ARG D 163 2.82 25.96 -0.44
N LEU D 164 1.78 26.22 -1.23
CA LEU D 164 1.19 25.16 -2.05
C LEU D 164 2.19 24.63 -3.07
N ILE D 165 3.10 25.47 -3.54
CA ILE D 165 4.09 25.03 -4.52
C ILE D 165 5.01 23.99 -3.91
N ASP D 166 5.21 24.03 -2.59
CA ASP D 166 6.05 23.03 -1.95
C ASP D 166 5.34 21.68 -1.86
N ALA D 167 4.04 21.69 -1.52
CA ALA D 167 3.29 20.44 -1.45
C ALA D 167 3.09 19.85 -2.85
N ALA D 168 2.76 20.70 -3.83
CA ALA D 168 2.56 20.22 -5.19
C ALA D 168 3.85 19.61 -5.75
N MET D 169 4.99 20.24 -5.49
CA MET D 169 6.26 19.69 -5.94
C MET D 169 6.67 18.47 -5.14
N ALA D 170 6.16 18.31 -3.92
CA ALA D 170 6.47 17.13 -3.13
C ALA D 170 5.77 15.88 -3.66
N THR D 171 4.49 16.00 -3.98
CA THR D 171 3.72 14.83 -4.42
C THR D 171 4.07 14.41 -5.85
N SER D 172 4.64 15.30 -6.64
CA SER D 172 5.01 14.98 -8.02
C SER D 172 6.42 14.45 -8.16
N ALA D 173 7.14 14.29 -7.04
CA ALA D 173 8.53 13.83 -7.08
C ALA D 173 8.56 12.31 -7.24
N ALA D 174 8.33 11.87 -8.47
CA ALA D 174 8.41 10.45 -8.78
C ALA D 174 9.81 9.94 -8.48
N PRO D 175 9.95 8.87 -7.69
CA PRO D 175 11.30 8.50 -7.20
C PRO D 175 12.33 8.30 -8.29
N THR D 176 11.93 7.75 -9.44
CA THR D 176 12.88 7.53 -10.52
C THR D 176 12.94 8.69 -11.50
N TYR D 177 11.90 9.52 -11.57
CA TYR D 177 11.77 10.54 -12.60
C TYR D 177 12.09 11.94 -12.10
N PHE D 178 11.74 12.27 -10.86
CA PHE D 178 11.98 13.59 -10.31
C PHE D 178 12.74 13.48 -9.00
N LYS D 179 13.69 14.38 -8.78
CA LYS D 179 14.47 14.38 -7.56
C LYS D 179 13.56 14.64 -6.36
N PRO D 180 13.89 14.09 -5.20
CA PRO D 180 13.06 14.31 -4.01
C PRO D 180 12.99 15.79 -3.67
N HIS D 181 11.81 16.25 -3.27
CA HIS D 181 11.58 17.65 -2.98
C HIS D 181 11.92 17.94 -1.52
N TYR D 182 12.82 18.90 -1.31
CA TYR D 182 13.26 19.28 0.03
C TYR D 182 12.48 20.52 0.46
N ILE D 183 11.60 20.37 1.43
CA ILE D 183 10.82 21.47 1.96
C ILE D 183 11.65 22.18 3.02
N GLU D 184 11.94 23.45 2.80
CA GLU D 184 12.74 24.21 3.75
C GLU D 184 12.01 24.38 5.08
N LYS D 185 10.70 24.60 5.04
CA LYS D 185 9.94 24.83 6.26
C LYS D 185 9.86 23.58 7.13
N LEU D 186 10.05 22.39 6.56
CA LEU D 186 9.95 21.14 7.30
C LEU D 186 11.27 20.41 7.44
N GLU D 187 12.30 20.78 6.68
CA GLU D 187 13.62 20.16 6.73
C GLU D 187 13.56 18.65 6.47
N ASN D 188 12.54 18.22 5.72
CA ASN D 188 12.35 16.82 5.38
C ASN D 188 12.23 16.67 3.87
N TYR D 189 12.82 15.61 3.34
CA TYR D 189 12.70 15.30 1.92
C TYR D 189 11.44 14.48 1.68
N PHE D 190 10.85 14.68 0.49
CA PHE D 190 9.59 14.04 0.15
C PHE D 190 9.68 13.41 -1.22
N ALA D 191 8.91 12.34 -1.40
CA ALA D 191 8.83 11.62 -2.67
C ALA D 191 7.38 11.61 -3.16
N ASP D 192 7.16 10.92 -4.28
CA ASP D 192 5.85 10.87 -4.89
C ASP D 192 4.84 10.24 -3.93
N GLY D 193 3.65 10.80 -3.90
CA GLY D 193 2.60 10.24 -3.08
C GLY D 193 1.97 8.98 -3.65
N GLY D 194 2.28 8.64 -4.88
CA GLY D 194 1.79 7.43 -5.50
C GLY D 194 2.42 6.16 -4.97
N LEU D 195 3.43 6.29 -4.12
CA LEU D 195 4.02 5.15 -3.46
C LEU D 195 3.11 4.57 -2.38
N VAL D 196 2.15 5.34 -1.88
CA VAL D 196 1.24 4.86 -0.84
C VAL D 196 -0.19 4.88 -1.34
N ALA D 197 -0.49 5.79 -2.27
CA ALA D 197 -1.85 5.87 -2.82
C ALA D 197 -1.77 6.49 -4.21
N ASN D 198 -1.78 5.65 -5.24
CA ASN D 198 -1.96 6.16 -6.60
C ASN D 198 -3.40 6.53 -6.87
N ASN D 199 -4.35 5.86 -6.22
CA ASN D 199 -5.77 6.16 -6.32
C ASN D 199 -6.22 6.74 -4.99
N PRO D 200 -6.33 8.05 -4.87
CA PRO D 200 -6.64 8.71 -3.60
C PRO D 200 -8.13 8.74 -3.27
N SER D 201 -8.81 7.63 -3.52
CA SER D 201 -10.26 7.59 -3.36
C SER D 201 -10.66 7.05 -2.00
N TYR D 202 -10.09 5.90 -1.61
CA TYR D 202 -10.45 5.31 -0.32
C TYR D 202 -10.05 6.21 0.84
N ILE D 203 -8.85 6.79 0.78
CA ILE D 203 -8.41 7.70 1.83
C ILE D 203 -9.23 8.98 1.83
N GLY D 204 -9.85 9.33 0.70
CA GLY D 204 -10.70 10.50 0.67
C GLY D 204 -11.96 10.34 1.51
N ILE D 205 -12.59 9.17 1.44
CA ILE D 205 -13.78 8.92 2.25
C ILE D 205 -13.43 8.90 3.72
N ARG D 206 -12.25 8.39 4.06
CA ARG D 206 -11.86 8.30 5.47
C ARG D 206 -11.79 9.68 6.11
N GLU D 207 -11.28 10.68 5.38
CA GLU D 207 -11.12 12.00 5.94
C GLU D 207 -12.45 12.62 6.35
N VAL D 208 -13.47 12.46 5.50
CA VAL D 208 -14.77 13.05 5.80
C VAL D 208 -15.33 12.46 7.09
N LEU D 209 -15.02 11.19 7.35
CA LEU D 209 -15.54 10.52 8.53
C LEU D 209 -14.66 10.71 9.76
N ILE D 210 -13.42 11.17 9.59
CA ILE D 210 -12.45 11.26 10.67
C ILE D 210 -12.10 12.70 11.00
N ASP D 211 -11.54 13.44 10.04
CA ASP D 211 -11.04 14.79 10.31
C ASP D 211 -12.10 15.85 10.12
N MET D 212 -12.84 15.79 9.01
CA MET D 212 -13.83 16.81 8.72
C MET D 212 -15.13 16.54 9.45
N LYS D 213 -15.04 16.32 10.76
CA LYS D 213 -16.22 16.14 11.60
C LYS D 213 -16.76 17.45 12.15
N ASN D 214 -16.05 18.55 11.96
CA ASN D 214 -16.53 19.84 12.44
C ASN D 214 -17.51 20.45 11.43
N ASP D 215 -17.16 20.42 10.15
CA ASP D 215 -18.08 20.91 9.13
C ASP D 215 -19.19 19.91 8.86
N PHE D 216 -18.89 18.61 8.97
CA PHE D 216 -19.83 17.53 8.69
C PHE D 216 -19.92 16.63 9.91
N PRO D 217 -20.74 16.98 10.90
CA PRO D 217 -20.82 16.14 12.10
C PRO D 217 -21.38 14.75 11.83
N ASP D 218 -22.52 14.66 11.14
CA ASP D 218 -23.15 13.37 10.85
C ASP D 218 -22.76 12.95 9.43
N ALA D 219 -21.53 12.48 9.29
CA ALA D 219 -20.99 12.05 8.01
C ALA D 219 -20.91 10.53 7.98
N LYS D 220 -21.48 9.93 6.94
CA LYS D 220 -21.48 8.50 6.73
C LYS D 220 -21.09 8.20 5.30
N PRO D 221 -20.52 7.02 5.03
CA PRO D 221 -20.23 6.66 3.63
C PRO D 221 -21.45 6.59 2.75
N GLU D 222 -22.64 6.44 3.33
CA GLU D 222 -23.87 6.47 2.54
C GLU D 222 -24.08 7.83 1.89
N ASN D 223 -23.78 8.91 2.61
CA ASN D 223 -23.97 10.27 2.13
C ASN D 223 -22.76 10.80 1.37
N ILE D 224 -21.74 9.97 1.17
CA ILE D 224 -20.50 10.39 0.52
C ILE D 224 -20.53 9.93 -0.92
N LYS D 225 -20.38 10.87 -1.85
CA LYS D 225 -20.32 10.59 -3.27
C LYS D 225 -18.92 10.92 -3.77
N VAL D 226 -18.34 9.98 -4.51
CA VAL D 226 -16.96 10.09 -4.97
C VAL D 226 -16.94 10.09 -6.48
N LEU D 227 -16.22 11.05 -7.07
CA LEU D 227 -16.00 11.14 -8.51
C LEU D 227 -14.50 10.98 -8.75
N ASN D 228 -14.07 9.73 -8.92
CA ASN D 228 -12.65 9.43 -9.11
C ASN D 228 -12.34 9.46 -10.60
N ILE D 229 -11.60 10.48 -11.02
CA ILE D 229 -11.19 10.61 -12.42
C ILE D 229 -9.87 9.88 -12.59
N GLY D 230 -9.84 8.88 -13.46
CA GLY D 230 -8.65 8.09 -13.67
C GLY D 230 -7.61 8.86 -14.47
N THR D 231 -6.49 8.18 -14.71
CA THR D 231 -5.38 8.74 -15.48
C THR D 231 -4.93 7.69 -16.50
N LEU D 232 -5.92 7.05 -17.14
CA LEU D 232 -5.67 5.96 -18.08
C LEU D 232 -4.80 4.89 -17.44
N SER D 233 -5.22 4.45 -16.26
CA SER D 233 -4.42 3.56 -15.45
C SER D 233 -4.23 2.22 -16.15
N GLU D 234 -3.00 1.70 -16.12
CA GLU D 234 -2.68 0.43 -16.74
C GLU D 234 -2.60 -0.66 -15.68
N ASP D 235 -3.24 -1.78 -15.96
CA ASP D 235 -3.21 -2.94 -15.06
C ASP D 235 -1.90 -3.68 -15.29
N TYR D 236 -0.87 -3.26 -14.57
CA TYR D 236 0.44 -3.86 -14.75
C TYR D 236 0.47 -5.29 -14.22
N CYS D 237 1.18 -6.15 -14.93
CA CYS D 237 1.39 -7.52 -14.51
C CYS D 237 2.64 -8.05 -15.20
N ILE D 238 3.23 -9.09 -14.59
CA ILE D 238 4.42 -9.70 -15.18
C ILE D 238 4.01 -10.56 -16.37
N SER D 239 4.84 -10.54 -17.40
CA SER D 239 4.52 -11.27 -18.62
C SER D 239 4.47 -12.77 -18.33
N PRO D 240 3.42 -13.48 -18.80
CA PRO D 240 3.35 -14.92 -18.53
C PRO D 240 4.54 -15.70 -19.07
N GLU D 241 5.14 -15.25 -20.17
CA GLU D 241 6.37 -15.88 -20.64
C GLU D 241 7.50 -15.70 -19.65
N THR D 242 7.62 -14.50 -19.08
CA THR D 242 8.68 -14.24 -18.10
C THR D 242 8.45 -15.03 -16.82
N LEU D 243 7.21 -15.05 -16.31
CA LEU D 243 6.91 -15.78 -15.09
C LEU D 243 7.09 -17.28 -15.25
N SER D 244 7.03 -17.80 -16.47
CA SER D 244 7.21 -19.22 -16.73
C SER D 244 8.63 -19.57 -17.14
N LYS D 245 9.22 -18.79 -18.04
CA LYS D 245 10.61 -19.05 -18.45
C LYS D 245 11.59 -18.72 -17.35
N ASN D 246 11.40 -17.59 -16.67
CA ASN D 246 12.31 -17.11 -15.64
C ASN D 246 11.53 -16.90 -14.35
N SER D 247 11.36 -17.98 -13.57
CA SER D 247 10.80 -17.90 -12.24
C SER D 247 11.80 -18.27 -11.16
N GLY D 248 12.90 -18.93 -11.51
CA GLY D 248 13.98 -19.22 -10.59
C GLY D 248 15.16 -18.29 -10.69
N LYS D 249 15.15 -17.35 -11.64
CA LYS D 249 16.20 -16.35 -11.76
C LYS D 249 15.91 -15.19 -10.81
N GLY D 250 16.77 -14.18 -10.83
CA GLY D 250 16.59 -13.05 -9.95
C GLY D 250 17.27 -11.77 -10.38
N TYR D 251 16.51 -10.68 -10.41
CA TYR D 251 17.00 -9.31 -10.51
C TYR D 251 17.65 -8.98 -11.85
N LEU D 252 17.81 -9.96 -12.74
CA LEU D 252 18.25 -9.68 -14.10
C LEU D 252 17.22 -10.11 -15.14
N SER D 253 16.80 -11.37 -15.12
CA SER D 253 15.71 -11.83 -15.97
C SER D 253 14.36 -11.64 -15.28
N LEU D 254 14.27 -12.02 -14.00
CA LEU D 254 13.12 -11.71 -13.20
C LEU D 254 13.33 -10.36 -12.52
N TRP D 255 12.25 -9.60 -12.41
CA TRP D 255 12.20 -8.29 -11.76
C TRP D 255 12.89 -7.20 -12.57
N ASN D 256 13.65 -7.58 -13.60
CA ASN D 256 14.40 -6.66 -14.48
C ASN D 256 14.99 -5.49 -13.67
N MET D 257 15.90 -5.86 -12.75
CA MET D 257 16.39 -5.00 -11.68
C MET D 257 15.27 -4.78 -10.67
N GLY D 258 15.15 -3.56 -10.14
CA GLY D 258 14.10 -3.31 -9.18
C GLY D 258 12.81 -2.80 -9.77
N GLU D 259 12.73 -2.65 -11.08
CA GLU D 259 11.58 -1.98 -11.70
C GLU D 259 10.31 -2.79 -11.55
N ARG D 260 10.38 -4.09 -11.77
CA ARG D 260 9.17 -4.91 -11.70
C ARG D 260 8.67 -5.04 -10.26
N ILE D 261 9.55 -4.99 -9.27
CA ILE D 261 9.12 -5.11 -7.89
C ILE D 261 8.35 -3.87 -7.46
N VAL D 262 8.88 -2.68 -7.79
CA VAL D 262 8.21 -1.44 -7.40
C VAL D 262 6.92 -1.25 -8.19
N LEU D 263 6.93 -1.62 -9.47
CA LEU D 263 5.73 -1.48 -10.28
C LEU D 263 4.63 -2.42 -9.81
N SER D 264 4.97 -3.67 -9.51
CA SER D 264 3.99 -4.61 -8.99
C SER D 264 3.48 -4.17 -7.62
N THR D 265 4.39 -3.68 -6.77
CA THR D 265 3.97 -3.22 -5.44
C THR D 265 3.06 -2.01 -5.53
N MET D 266 3.36 -1.08 -6.43
CA MET D 266 2.54 0.11 -6.58
C MET D 266 1.17 -0.23 -7.13
N THR D 267 1.11 -1.08 -8.17
CA THR D 267 -0.17 -1.43 -8.76
C THR D 267 -1.02 -2.28 -7.82
N ALA D 268 -0.38 -3.22 -7.11
CA ALA D 268 -1.12 -4.04 -6.17
C ALA D 268 -1.70 -3.20 -5.04
N ASN D 269 -0.93 -2.24 -4.53
CA ASN D 269 -1.44 -1.34 -3.51
C ASN D 269 -2.56 -0.47 -4.05
N GLN D 270 -2.41 0.03 -5.28
CA GLN D 270 -3.48 0.78 -5.91
C GLN D 270 -4.70 -0.09 -6.12
N HIS D 271 -4.51 -1.34 -6.54
CA HIS D 271 -5.62 -2.27 -6.66
C HIS D 271 -6.28 -2.51 -5.31
N LEU D 272 -5.47 -2.67 -4.26
CA LEU D 272 -6.02 -2.96 -2.94
C LEU D 272 -6.91 -1.84 -2.45
N GLN D 273 -6.45 -0.60 -2.54
CA GLN D 273 -7.22 0.53 -2.05
C GLN D 273 -8.53 0.67 -2.81
N ARG D 274 -8.50 0.43 -4.12
CA ARG D 274 -9.74 0.37 -4.89
C ARG D 274 -10.61 -0.81 -4.43
N PHE D 275 -9.98 -1.94 -4.11
CA PHE D 275 -10.74 -3.12 -3.73
C PHE D 275 -11.50 -2.90 -2.43
N MET D 276 -10.84 -2.38 -1.40
CA MET D 276 -11.54 -2.10 -0.14
C MET D 276 -12.59 -1.02 -0.32
N LEU D 277 -12.38 -0.12 -1.28
CA LEU D 277 -13.39 0.88 -1.59
C LEU D 277 -14.64 0.23 -2.17
N LEU D 278 -14.46 -0.64 -3.18
CA LEU D 278 -15.59 -1.32 -3.79
C LEU D 278 -16.26 -2.27 -2.80
N ARG D 279 -15.46 -2.99 -2.00
CA ARG D 279 -16.02 -3.92 -1.04
C ARG D 279 -16.87 -3.22 0.01
N GLU D 280 -16.38 -2.07 0.51
CA GLU D 280 -17.12 -1.34 1.52
C GLU D 280 -18.44 -0.81 0.96
N PHE D 281 -18.40 -0.23 -0.24
CA PHE D 281 -19.63 0.28 -0.85
C PHE D 281 -20.58 -0.86 -1.17
N GLU D 282 -20.07 -2.00 -1.63
CA GLU D 282 -20.92 -3.15 -1.89
C GLU D 282 -21.57 -3.66 -0.62
N ALA D 283 -20.92 -3.48 0.53
CA ALA D 283 -21.48 -3.98 1.79
C ALA D 283 -22.78 -3.27 2.13
N LEU D 284 -22.86 -1.97 1.92
CA LEU D 284 -24.07 -1.20 2.19
C LEU D 284 -24.93 -1.01 0.96
N LYS D 285 -24.58 -1.67 -0.16
CA LYS D 285 -25.36 -1.59 -1.40
C LYS D 285 -25.49 -0.15 -1.89
N ILE D 286 -24.40 0.61 -1.81
CA ILE D 286 -24.37 1.99 -2.27
C ILE D 286 -23.28 2.13 -3.32
N GLU D 287 -23.10 1.10 -4.15
CA GLU D 287 -22.05 1.12 -5.16
C GLU D 287 -22.21 2.26 -6.14
N LYS D 288 -23.42 2.80 -6.28
CA LYS D 288 -23.64 3.94 -7.17
C LYS D 288 -22.96 5.21 -6.68
N ASN D 289 -22.65 5.29 -5.39
CA ASN D 289 -22.00 6.49 -4.85
C ASN D 289 -20.61 6.68 -5.42
N TYR D 290 -19.98 5.62 -5.88
CA TYR D 290 -18.62 5.67 -6.42
C TYR D 290 -18.73 5.75 -7.93
N VAL D 291 -18.37 6.90 -8.50
CA VAL D 291 -18.35 7.11 -9.94
C VAL D 291 -16.89 7.19 -10.37
N GLU D 292 -16.44 6.18 -11.11
CA GLU D 292 -15.08 6.13 -11.61
C GLU D 292 -15.12 6.31 -13.12
N ILE D 293 -14.44 7.35 -13.61
CA ILE D 293 -14.38 7.60 -15.04
C ILE D 293 -12.96 7.33 -15.52
N ASP D 294 -12.72 6.11 -15.99
CA ASP D 294 -11.40 5.73 -16.46
C ASP D 294 -11.56 4.60 -17.47
N GLU D 295 -10.52 4.43 -18.29
CA GLU D 295 -10.45 3.34 -19.25
C GLU D 295 -9.02 2.83 -19.26
N THR D 296 -8.69 2.00 -20.24
CA THR D 296 -7.35 1.44 -20.38
C THR D 296 -6.84 1.68 -21.79
N ILE D 297 -5.57 2.03 -21.90
CA ILE D 297 -4.97 2.28 -23.21
C ILE D 297 -4.91 0.97 -23.99
N PRO D 298 -5.21 0.97 -25.28
CA PRO D 298 -5.02 -0.24 -26.09
C PRO D 298 -3.56 -0.66 -26.13
N ASN D 299 -3.35 -1.93 -26.49
CA ASN D 299 -2.03 -2.54 -26.36
C ASN D 299 -0.99 -1.83 -27.22
N GLU D 300 -1.33 -1.54 -28.48
CA GLU D 300 -0.38 -0.86 -29.36
C GLU D 300 -0.24 0.61 -28.99
N ALA D 301 -1.34 1.25 -28.57
CA ALA D 301 -1.27 2.64 -28.15
C ALA D 301 -0.45 2.80 -26.88
N ALA D 302 -0.54 1.83 -25.96
CA ALA D 302 0.17 1.93 -24.69
C ALA D 302 1.68 1.90 -24.88
N ALA D 303 2.17 1.26 -25.95
CA ALA D 303 3.59 1.29 -26.23
C ALA D 303 4.08 2.70 -26.54
N GLU D 304 3.17 3.61 -26.89
CA GLU D 304 3.49 5.00 -27.14
C GLU D 304 3.10 5.91 -25.99
N ILE D 305 1.87 5.76 -25.48
CA ILE D 305 1.39 6.59 -24.39
C ILE D 305 1.99 6.07 -23.09
N THR D 306 3.04 6.73 -22.61
CA THR D 306 3.67 6.38 -21.35
C THR D 306 3.33 7.44 -20.31
N LEU D 307 3.95 7.33 -19.13
CA LEU D 307 3.68 8.29 -18.07
C LEU D 307 4.42 9.60 -18.28
N ASP D 308 5.39 9.63 -19.18
CA ASP D 308 6.20 10.82 -19.40
C ASP D 308 6.43 11.07 -20.89
N ASN D 309 5.43 10.76 -21.72
CA ASN D 309 5.51 10.99 -23.16
C ASN D 309 4.76 12.27 -23.48
N ALA D 310 5.51 13.30 -23.90
CA ALA D 310 4.95 14.61 -24.23
C ALA D 310 4.96 14.87 -25.73
N SER D 311 5.00 13.82 -26.54
CA SER D 311 4.97 13.98 -27.99
C SER D 311 3.61 14.53 -28.43
N GLU D 312 3.62 15.21 -29.58
CA GLU D 312 2.39 15.85 -30.06
C GLU D 312 1.30 14.83 -30.33
N GLY D 313 1.66 13.67 -30.88
CA GLY D 313 0.67 12.64 -31.12
C GLY D 313 0.08 12.08 -29.84
N CYS D 314 0.91 11.84 -28.83
CA CYS D 314 0.42 11.31 -27.57
C CYS D 314 -0.48 12.30 -26.85
N LEU D 315 -0.16 13.59 -26.93
CA LEU D 315 -0.99 14.60 -26.29
C LEU D 315 -2.38 14.66 -26.90
N LYS D 316 -2.46 14.53 -28.23
CA LYS D 316 -3.77 14.54 -28.89
C LYS D 316 -4.62 13.36 -28.43
N ALA D 317 -4.00 12.18 -28.31
CA ALA D 317 -4.75 11.01 -27.86
C ALA D 317 -5.30 11.19 -26.46
N LEU D 318 -4.48 11.72 -25.54
CA LEU D 318 -4.94 11.96 -24.19
C LEU D 318 -6.03 13.03 -24.16
N ARG D 319 -5.85 14.10 -24.93
CA ARG D 319 -6.89 15.13 -25.03
C ARG D 319 -8.14 14.56 -25.69
N GLY D 320 -7.97 13.75 -26.74
CA GLY D 320 -9.13 13.17 -27.41
C GLY D 320 -9.91 12.24 -26.50
N SER D 321 -9.21 11.41 -25.72
CA SER D 321 -9.88 10.52 -24.79
C SER D 321 -10.65 11.30 -23.74
N GLY D 322 -10.06 12.38 -23.21
CA GLY D 322 -10.76 13.19 -22.24
C GLY D 322 -12.01 13.83 -22.79
N LYS D 323 -11.94 14.36 -24.00
CA LYS D 323 -13.13 14.92 -24.63
C LYS D 323 -14.16 13.84 -24.92
N LYS D 324 -13.72 12.67 -25.37
CA LYS D 324 -14.65 11.59 -25.71
C LYS D 324 -15.36 11.07 -24.48
N LEU D 325 -14.61 10.73 -23.43
CA LEU D 325 -15.22 10.15 -22.23
C LEU D 325 -16.13 11.15 -21.51
N ALA D 326 -15.78 12.44 -21.53
CA ALA D 326 -16.57 13.43 -20.82
C ALA D 326 -18.00 13.50 -21.37
N ALA D 327 -18.15 13.43 -22.70
CA ALA D 327 -19.48 13.50 -23.28
C ALA D 327 -20.26 12.21 -23.10
N GLU D 328 -19.59 11.06 -23.25
CA GLU D 328 -20.30 9.79 -23.14
C GLU D 328 -20.80 9.54 -21.73
N ARG D 329 -19.93 9.70 -20.73
CA ARG D 329 -20.35 9.42 -19.35
C ARG D 329 -21.38 10.41 -18.87
N TYR D 330 -21.33 11.66 -19.34
CA TYR D 330 -22.35 12.63 -18.97
C TYR D 330 -23.72 12.20 -19.48
N THR D 331 -23.77 11.68 -20.71
CA THR D 331 -25.03 11.23 -21.28
C THR D 331 -25.60 10.04 -20.52
N LYS D 332 -24.76 9.05 -20.21
CA LYS D 332 -25.22 7.80 -19.63
C LYS D 332 -25.32 7.87 -18.11
N ASN D 333 -24.20 8.19 -17.45
CA ASN D 333 -24.13 8.15 -15.99
C ASN D 333 -24.97 9.28 -15.41
N GLU D 334 -26.13 8.94 -14.87
CA GLU D 334 -26.95 9.95 -14.18
C GLU D 334 -26.27 10.45 -12.92
N GLU D 335 -25.52 9.57 -12.23
CA GLU D 335 -24.82 9.99 -11.02
C GLU D 335 -23.74 11.01 -11.32
N LEU D 336 -23.11 10.93 -12.50
CA LEU D 336 -22.12 11.93 -12.87
C LEU D 336 -22.76 13.31 -13.04
N ARG D 337 -23.95 13.35 -13.63
CA ARG D 337 -24.65 14.62 -13.77
C ARG D 337 -25.10 15.17 -12.42
N ASN D 338 -25.39 14.30 -11.46
CA ASN D 338 -25.85 14.75 -10.15
C ASN D 338 -24.76 15.46 -9.37
N PHE D 339 -23.50 15.27 -9.74
CA PHE D 339 -22.42 15.97 -9.05
C PHE D 339 -22.52 17.47 -9.24
N PHE D 340 -22.70 17.91 -10.48
CA PHE D 340 -22.74 19.34 -10.82
C PHE D 340 -24.17 19.87 -10.83
N LEU D 341 -24.90 19.64 -9.74
CA LEU D 341 -26.24 20.18 -9.58
C LEU D 341 -26.32 21.33 -8.59
N LYS D 342 -25.42 21.38 -7.63
CA LYS D 342 -25.40 22.45 -6.64
C LYS D 342 -23.94 22.74 -6.29
N LYS D 343 -23.62 24.02 -6.17
CA LYS D 343 -22.24 24.41 -5.85
C LYS D 343 -21.92 24.04 -4.41
N ALA D 344 -20.69 23.58 -4.20
CA ALA D 344 -20.25 23.20 -2.85
C ALA D 344 -20.04 24.44 -2.00
N GLU D 345 -20.38 24.31 -0.71
CA GLU D 345 -20.19 25.42 0.22
C GLU D 345 -18.70 25.71 0.38
N PRO D 346 -18.28 26.97 0.33
CA PRO D 346 -16.85 27.27 0.51
C PRO D 346 -16.38 26.92 1.91
N PHE D 347 -15.11 26.54 2.00
CA PHE D 347 -14.51 26.14 3.26
C PHE D 347 -13.80 27.34 3.89
N VAL D 348 -14.23 27.71 5.10
CA VAL D 348 -13.63 28.79 5.86
C VAL D 348 -12.93 28.18 7.07
N PRO D 349 -11.61 28.34 7.21
CA PRO D 349 -10.91 27.74 8.36
C PRO D 349 -11.44 28.30 9.68
N TYR D 350 -11.50 27.44 10.68
CA TYR D 350 -12.01 27.82 12.00
C TYR D 350 -10.86 28.24 12.91
N SER E 8 -41.92 -17.38 -19.07
CA SER E 8 -40.87 -18.30 -19.50
C SER E 8 -39.51 -17.61 -19.50
N GLU E 9 -38.49 -18.32 -19.96
CA GLU E 9 -37.13 -17.79 -19.99
C GLU E 9 -36.30 -18.63 -20.94
N ILE E 10 -35.55 -17.95 -21.82
CA ILE E 10 -34.72 -18.61 -22.82
C ILE E 10 -33.27 -18.22 -22.56
N LYS E 11 -32.40 -19.23 -22.49
CA LYS E 11 -30.99 -19.03 -22.22
C LYS E 11 -30.17 -19.27 -23.49
N ILE E 12 -29.26 -18.35 -23.79
CA ILE E 12 -28.41 -18.42 -24.96
C ILE E 12 -26.96 -18.35 -24.51
N LEU E 13 -26.13 -19.23 -25.06
CA LEU E 13 -24.69 -19.22 -24.80
C LEU E 13 -23.99 -18.77 -26.08
N SER E 14 -23.21 -17.69 -25.97
CA SER E 14 -22.49 -17.12 -27.09
C SER E 14 -21.00 -17.21 -26.83
N LEU E 15 -20.25 -17.68 -27.83
CA LEU E 15 -18.81 -17.81 -27.72
C LEU E 15 -18.14 -17.09 -28.87
N ASN E 16 -17.04 -16.39 -28.57
CA ASN E 16 -16.28 -15.66 -29.56
C ASN E 16 -15.12 -16.50 -30.07
N GLY E 17 -14.46 -15.99 -31.12
CA GLY E 17 -13.37 -16.73 -31.74
C GLY E 17 -12.01 -16.09 -31.59
N GLY E 18 -11.08 -16.82 -30.98
CA GLY E 18 -9.74 -16.29 -30.77
C GLY E 18 -8.61 -17.30 -30.88
N GLY E 19 -8.86 -18.43 -31.54
CA GLY E 19 -7.82 -19.44 -31.65
C GLY E 19 -7.48 -20.04 -30.29
N VAL E 20 -6.19 -20.02 -29.94
CA VAL E 20 -5.77 -20.53 -28.64
C VAL E 20 -6.38 -19.73 -27.50
N ARG E 21 -6.81 -18.49 -27.76
CA ARG E 21 -7.49 -17.72 -26.73
C ARG E 21 -8.85 -18.30 -26.39
N GLY E 22 -9.34 -19.27 -27.17
CA GLY E 22 -10.53 -20.00 -26.80
C GLY E 22 -10.33 -20.98 -25.67
N LEU E 23 -9.07 -21.23 -25.28
CA LEU E 23 -8.80 -22.02 -24.09
C LEU E 23 -9.40 -21.36 -22.86
N PHE E 24 -9.40 -20.02 -22.83
CA PHE E 24 -10.09 -19.31 -21.76
C PHE E 24 -11.58 -19.60 -21.78
N THR E 25 -12.16 -19.70 -22.98
CA THR E 25 -13.60 -19.94 -23.09
C THR E 25 -13.97 -21.32 -22.52
N ILE E 26 -13.16 -22.34 -22.81
CA ILE E 26 -13.50 -23.68 -22.37
C ILE E 26 -13.05 -23.91 -20.93
N THR E 27 -11.97 -23.25 -20.49
CA THR E 27 -11.56 -23.38 -19.10
C THR E 27 -12.59 -22.75 -18.16
N LEU E 28 -13.16 -21.61 -18.56
CA LEU E 28 -14.19 -20.99 -17.75
C LEU E 28 -15.42 -21.87 -17.65
N LEU E 29 -15.83 -22.48 -18.76
CA LEU E 29 -16.98 -23.38 -18.74
C LEU E 29 -16.67 -24.65 -17.97
N ALA E 30 -15.46 -25.18 -18.11
CA ALA E 30 -15.07 -26.36 -17.35
C ALA E 30 -15.08 -26.09 -15.86
N GLU E 31 -14.56 -24.95 -15.43
CA GLU E 31 -14.58 -24.60 -14.02
C GLU E 31 -16.00 -24.31 -13.54
N LEU E 32 -16.85 -23.75 -14.42
CA LEU E 32 -18.25 -23.59 -14.07
C LEU E 32 -18.94 -24.93 -13.89
N GLU E 33 -18.52 -25.94 -14.66
CA GLU E 33 -19.08 -27.28 -14.51
C GLU E 33 -18.73 -27.88 -13.16
N SER E 34 -17.50 -27.67 -12.69
CA SER E 34 -17.09 -28.23 -11.41
C SER E 34 -17.76 -27.51 -10.24
N ILE E 35 -18.02 -26.21 -10.38
CA ILE E 35 -18.59 -25.44 -9.28
C ILE E 35 -20.01 -25.92 -8.98
N ILE E 36 -20.83 -26.10 -10.02
CA ILE E 36 -22.19 -26.57 -9.80
C ILE E 36 -22.17 -28.01 -9.29
N GLU E 37 -21.22 -28.82 -9.74
CA GLU E 37 -21.08 -30.18 -9.23
C GLU E 37 -20.84 -30.17 -7.72
N LYS E 38 -19.92 -29.33 -7.27
CA LYS E 38 -19.59 -29.28 -5.84
C LYS E 38 -20.72 -28.66 -5.04
N ARG E 39 -21.25 -27.53 -5.50
CA ARG E 39 -22.23 -26.79 -4.71
C ARG E 39 -23.56 -27.55 -4.60
N GLU E 40 -23.99 -28.20 -5.67
CA GLU E 40 -25.24 -28.95 -5.67
C GLU E 40 -25.04 -30.43 -5.42
N LYS E 41 -23.80 -30.90 -5.28
CA LYS E 41 -23.49 -32.30 -5.01
C LYS E 41 -24.14 -33.24 -6.03
N CYS E 42 -24.12 -32.82 -7.30
CA CYS E 42 -24.66 -33.62 -8.39
C CYS E 42 -23.55 -33.88 -9.40
N GLU E 43 -23.38 -35.14 -9.77
CA GLU E 43 -22.38 -35.53 -10.74
C GLU E 43 -23.01 -35.64 -12.13
N ASN E 44 -22.15 -35.80 -13.14
CA ASN E 44 -22.57 -35.92 -14.53
C ASN E 44 -23.40 -34.72 -14.98
N VAL E 45 -22.83 -33.53 -14.79
CA VAL E 45 -23.45 -32.30 -15.24
C VAL E 45 -22.80 -31.87 -16.55
N LYS E 46 -23.59 -31.26 -17.43
CA LYS E 46 -23.11 -30.81 -18.71
C LYS E 46 -23.50 -29.34 -18.89
N ILE E 47 -22.53 -28.52 -19.30
CA ILE E 47 -22.80 -27.10 -19.47
C ILE E 47 -23.73 -26.85 -20.65
N GLY E 48 -23.83 -27.78 -21.60
CA GLY E 48 -24.71 -27.62 -22.73
C GLY E 48 -26.15 -27.95 -22.47
N ASP E 49 -26.46 -28.55 -21.33
CA ASP E 49 -27.83 -28.92 -20.99
C ASP E 49 -28.62 -27.79 -20.36
N TYR E 50 -27.99 -26.63 -20.14
CA TYR E 50 -28.64 -25.51 -19.48
C TYR E 50 -29.00 -24.38 -20.43
N PHE E 51 -28.70 -24.53 -21.72
CA PHE E 51 -28.95 -23.48 -22.71
C PHE E 51 -29.92 -23.98 -23.75
N ASP E 52 -30.93 -23.15 -24.05
CA ASP E 52 -31.88 -23.47 -25.11
C ASP E 52 -31.31 -23.26 -26.50
N LEU E 53 -30.21 -22.51 -26.63
CA LEU E 53 -29.60 -22.27 -27.93
C LEU E 53 -28.14 -21.91 -27.70
N ILE E 54 -27.25 -22.45 -28.52
CA ILE E 54 -25.83 -22.18 -28.44
C ILE E 54 -25.37 -21.55 -29.75
N THR E 55 -24.61 -20.47 -29.63
CA THR E 55 -24.09 -19.75 -30.79
C THR E 55 -22.59 -19.60 -30.66
N GLY E 56 -21.87 -19.80 -31.77
CA GLY E 56 -20.43 -19.74 -31.74
C GLY E 56 -19.87 -19.18 -33.03
N THR E 57 -18.56 -18.93 -33.01
CA THR E 57 -17.85 -18.38 -34.16
C THR E 57 -16.37 -18.70 -34.01
N ALA E 58 -15.76 -19.20 -35.09
CA ALA E 58 -14.34 -19.55 -35.13
C ALA E 58 -14.10 -20.60 -34.04
N ILE E 59 -13.14 -20.41 -33.13
CA ILE E 59 -12.90 -21.40 -32.09
C ILE E 59 -14.08 -21.53 -31.15
N GLY E 60 -14.91 -20.48 -31.03
CA GLY E 60 -16.12 -20.60 -30.25
C GLY E 60 -17.19 -21.44 -30.91
N GLY E 61 -17.15 -21.53 -32.24
CA GLY E 61 -18.08 -22.40 -32.94
C GLY E 61 -17.75 -23.87 -32.77
N ILE E 62 -16.45 -24.21 -32.75
CA ILE E 62 -16.05 -25.60 -32.54
C ILE E 62 -16.47 -26.07 -31.17
N LEU E 63 -16.28 -25.25 -30.14
CA LEU E 63 -16.73 -25.61 -28.81
C LEU E 63 -18.25 -25.67 -28.74
N ALA E 64 -18.93 -24.81 -29.50
CA ALA E 64 -20.39 -24.84 -29.53
C ALA E 64 -20.91 -26.16 -30.08
N LEU E 65 -20.26 -26.68 -31.12
CA LEU E 65 -20.67 -27.95 -31.69
C LEU E 65 -20.36 -29.10 -30.74
N GLY E 66 -19.23 -29.04 -30.05
CA GLY E 66 -18.89 -30.07 -29.09
C GLY E 66 -19.88 -30.16 -27.95
N LEU E 67 -20.32 -29.00 -27.44
CA LEU E 67 -21.31 -28.99 -26.37
C LEU E 67 -22.67 -29.47 -26.87
N ALA E 68 -22.91 -29.38 -28.18
CA ALA E 68 -24.21 -29.79 -28.72
C ALA E 68 -24.38 -31.30 -28.68
N SER E 69 -23.33 -32.05 -29.03
CA SER E 69 -23.44 -33.50 -29.06
C SER E 69 -23.74 -34.07 -27.68
N GLY E 70 -23.14 -33.49 -26.65
CA GLY E 70 -23.39 -33.94 -25.30
C GLY E 70 -22.11 -34.01 -24.48
N LYS E 71 -20.98 -33.78 -25.12
CA LYS E 71 -19.70 -33.85 -24.43
C LYS E 71 -19.54 -32.66 -23.50
N SER E 72 -19.07 -32.91 -22.29
CA SER E 72 -18.96 -31.86 -21.28
C SER E 72 -17.81 -30.91 -21.62
N ALA E 73 -17.84 -29.74 -20.98
CA ALA E 73 -16.79 -28.75 -21.20
C ALA E 73 -15.43 -29.25 -20.73
N ARG E 74 -15.41 -30.09 -19.69
CA ARG E 74 -14.14 -30.62 -19.20
C ARG E 74 -13.48 -31.52 -20.25
N GLU E 75 -14.27 -32.36 -20.92
CA GLU E 75 -13.70 -33.26 -21.92
C GLU E 75 -13.09 -32.48 -23.08
N LEU E 76 -13.78 -31.43 -23.53
CA LEU E 76 -13.22 -30.59 -24.58
C LEU E 76 -11.96 -29.86 -24.11
N LYS E 77 -11.87 -29.55 -22.82
CA LYS E 77 -10.72 -28.85 -22.30
C LYS E 77 -9.46 -29.70 -22.37
N GLU E 78 -9.57 -30.99 -22.05
CA GLU E 78 -8.41 -31.87 -22.09
C GLU E 78 -7.87 -32.01 -23.52
N ALA E 79 -8.77 -32.22 -24.48
CA ALA E 79 -8.35 -32.33 -25.87
C ALA E 79 -7.82 -31.01 -26.41
N PHE E 80 -8.33 -29.89 -25.87
CA PHE E 80 -7.82 -28.59 -26.29
C PHE E 80 -6.34 -28.44 -25.94
N GLU E 81 -5.95 -28.87 -24.74
CA GLU E 81 -4.56 -28.78 -24.32
C GLU E 81 -3.67 -29.68 -25.18
N ILE E 82 -4.12 -30.90 -25.46
CA ILE E 82 -3.33 -31.83 -26.26
C ILE E 82 -3.21 -31.32 -27.69
N ASN E 83 -4.32 -30.84 -28.26
CA ASN E 83 -4.34 -30.47 -29.68
C ASN E 83 -3.80 -29.07 -29.95
N ALA E 84 -3.75 -28.20 -28.94
CA ALA E 84 -3.26 -26.85 -29.17
C ALA E 84 -1.82 -26.86 -29.67
N THR E 85 -0.99 -27.73 -29.11
CA THR E 85 0.38 -27.86 -29.59
C THR E 85 0.43 -28.47 -30.99
N LYS E 86 -0.63 -29.15 -31.42
CA LYS E 86 -0.70 -29.73 -32.76
C LYS E 86 -1.42 -28.84 -33.76
N ILE E 87 -2.52 -28.20 -33.35
CA ILE E 87 -3.20 -27.26 -34.24
C ILE E 87 -2.32 -26.07 -34.53
N PHE E 88 -1.54 -25.63 -33.54
CA PHE E 88 -0.67 -24.46 -33.65
C PHE E 88 0.75 -24.88 -33.31
N PRO E 89 1.45 -25.53 -34.25
CA PRO E 89 2.81 -25.99 -33.96
C PRO E 89 3.76 -24.83 -33.70
N LEU E 90 4.84 -25.13 -32.98
CA LEU E 90 5.83 -24.12 -32.65
C LEU E 90 6.72 -23.76 -33.83
N LYS E 91 7.03 -24.71 -34.70
CA LYS E 91 7.82 -24.40 -35.89
C LYS E 91 7.05 -23.52 -36.87
N ARG E 92 5.73 -23.69 -36.93
CA ARG E 92 4.89 -22.84 -37.79
C ARG E 92 4.42 -21.57 -37.10
N PHE E 93 4.74 -21.39 -35.81
CA PHE E 93 4.43 -20.13 -35.13
C PHE E 93 5.54 -19.11 -35.27
N LYS E 94 6.80 -19.54 -35.31
CA LYS E 94 7.93 -18.65 -35.45
C LYS E 94 8.32 -18.41 -36.91
N ASN E 95 7.59 -19.00 -37.85
CA ASN E 95 7.85 -18.83 -39.28
C ASN E 95 6.74 -18.03 -39.95
N LYS E 96 6.21 -17.03 -39.24
CA LYS E 96 5.17 -16.16 -39.77
C LYS E 96 5.73 -14.95 -40.50
N GLN E 97 6.94 -15.06 -41.03
CA GLN E 97 7.53 -13.96 -41.79
C GLN E 97 6.73 -13.70 -43.06
N TRP E 98 6.95 -12.51 -43.63
CA TRP E 98 6.12 -12.06 -44.75
C TRP E 98 6.27 -12.95 -45.97
N TRP E 99 7.47 -13.48 -46.22
CA TRP E 99 7.65 -14.32 -47.41
C TRP E 99 6.93 -15.64 -47.27
N ASN E 100 6.84 -16.19 -46.06
CA ASN E 100 6.03 -17.38 -45.83
C ASN E 100 4.55 -17.07 -45.77
N LEU E 101 4.18 -15.86 -45.36
CA LEU E 101 2.78 -15.44 -45.35
C LEU E 101 2.30 -15.01 -46.73
N LEU E 102 3.21 -14.84 -47.69
CA LEU E 102 2.86 -14.42 -49.05
C LEU E 102 2.80 -15.57 -50.03
N ARG E 103 3.46 -16.70 -49.74
CA ARG E 103 3.44 -17.85 -50.63
C ARG E 103 2.35 -18.85 -50.30
N ARG E 104 1.86 -18.86 -49.06
CA ARG E 104 0.86 -19.81 -48.61
C ARG E 104 0.29 -19.33 -47.29
N SER E 105 -0.73 -20.03 -46.81
CA SER E 105 -1.30 -19.76 -45.51
C SER E 105 -0.50 -20.47 -44.42
N ILE E 106 -0.31 -19.80 -43.29
CA ILE E 106 0.38 -20.42 -42.17
C ILE E 106 -0.46 -21.57 -41.62
N TYR E 107 0.20 -22.48 -40.91
CA TYR E 107 -0.44 -23.64 -40.28
C TYR E 107 -1.08 -24.55 -41.32
N GLU E 108 -1.76 -25.59 -40.85
CA GLU E 108 -2.43 -26.55 -41.73
C GLU E 108 -3.80 -26.86 -41.16
N SER E 109 -4.69 -27.31 -42.04
CA SER E 109 -6.03 -27.69 -41.65
C SER E 109 -6.14 -29.13 -41.17
N GLU E 110 -5.19 -29.99 -41.55
CA GLU E 110 -5.24 -31.38 -41.13
C GLU E 110 -5.14 -31.56 -39.61
N PRO E 111 -4.20 -30.93 -38.89
CA PRO E 111 -4.20 -31.08 -37.43
C PRO E 111 -5.47 -30.60 -36.77
N LEU E 112 -6.09 -29.54 -37.30
CA LEU E 112 -7.36 -29.09 -36.76
C LEU E 112 -8.49 -30.06 -37.08
N TYR E 113 -8.42 -30.72 -38.25
CA TYR E 113 -9.46 -31.67 -38.62
C TYR E 113 -9.53 -32.84 -37.66
N ASP E 114 -8.37 -33.38 -37.27
CA ASP E 114 -8.36 -34.51 -36.35
C ASP E 114 -8.82 -34.12 -34.96
N ALA E 115 -8.53 -32.89 -34.53
CA ALA E 115 -8.91 -32.46 -33.19
C ALA E 115 -10.42 -32.45 -33.02
N VAL E 116 -11.15 -31.95 -34.03
CA VAL E 116 -12.60 -31.96 -33.96
C VAL E 116 -13.14 -33.38 -34.10
N LYS E 117 -12.52 -34.18 -34.98
CA LYS E 117 -12.97 -35.55 -35.18
C LYS E 117 -12.83 -36.37 -33.91
N SER E 118 -11.75 -36.14 -33.15
CA SER E 118 -11.53 -36.90 -31.93
C SER E 118 -12.60 -36.63 -30.88
N MET E 119 -13.28 -35.49 -30.97
CA MET E 119 -14.29 -35.08 -30.00
C MET E 119 -15.70 -35.03 -30.55
N ILE E 120 -15.88 -34.67 -31.82
CA ILE E 120 -17.21 -34.62 -32.41
C ILE E 120 -17.48 -35.80 -33.34
N GLY E 121 -16.44 -36.48 -33.83
CA GLY E 121 -16.64 -37.56 -34.78
C GLY E 121 -16.53 -37.07 -36.22
N GLU E 122 -17.00 -37.91 -37.13
CA GLU E 122 -16.97 -37.59 -38.55
C GLU E 122 -18.25 -37.96 -39.28
N THR E 123 -19.26 -38.48 -38.60
CA THR E 123 -20.50 -38.90 -39.25
C THR E 123 -21.74 -38.21 -38.72
N ILE E 124 -21.69 -37.61 -37.52
CA ILE E 124 -22.86 -36.95 -36.96
C ILE E 124 -23.20 -35.72 -37.81
N LYS E 125 -24.49 -35.48 -37.98
CA LYS E 125 -24.99 -34.37 -38.78
C LYS E 125 -25.92 -33.51 -37.94
N PHE E 126 -26.29 -32.36 -38.49
CA PHE E 126 -27.11 -31.41 -37.74
C PHE E 126 -28.48 -31.98 -37.38
N GLU E 127 -28.96 -32.98 -38.12
CA GLU E 127 -30.24 -33.60 -37.80
C GLU E 127 -30.14 -34.58 -36.64
N ASP E 128 -28.92 -35.02 -36.28
CA ASP E 128 -28.74 -35.88 -35.13
C ASP E 128 -28.62 -35.13 -33.82
N LEU E 129 -28.36 -33.82 -33.87
CA LEU E 129 -28.17 -33.05 -32.66
C LEU E 129 -29.48 -32.89 -31.89
N ASN E 130 -29.39 -32.95 -30.57
CA ASN E 130 -30.53 -32.74 -29.70
C ASN E 130 -30.54 -31.35 -29.08
N ARG E 131 -29.65 -30.46 -29.51
CA ARG E 131 -29.55 -29.11 -28.97
C ARG E 131 -29.44 -28.12 -30.12
N ARG E 132 -30.11 -26.99 -29.98
CA ARG E 132 -30.10 -25.97 -31.03
C ARG E 132 -28.78 -25.23 -31.04
N VAL E 133 -28.17 -25.11 -32.23
CA VAL E 133 -26.86 -24.51 -32.39
C VAL E 133 -26.82 -23.68 -33.66
N MET E 134 -26.13 -22.53 -33.58
CA MET E 134 -25.74 -21.75 -34.75
C MET E 134 -24.24 -21.82 -34.92
N ILE E 135 -23.80 -21.94 -36.16
CA ILE E 135 -22.40 -21.77 -36.52
C ILE E 135 -22.33 -20.73 -37.63
N THR E 136 -21.64 -19.62 -37.36
CA THR E 136 -21.53 -18.53 -38.31
C THR E 136 -20.33 -18.75 -39.22
N SER E 137 -20.51 -18.46 -40.51
CA SER E 137 -19.44 -18.63 -41.48
C SER E 137 -19.69 -17.68 -42.65
N VAL E 138 -18.66 -17.49 -43.46
CA VAL E 138 -18.70 -16.61 -44.61
C VAL E 138 -18.61 -17.47 -45.87
N ASN E 139 -19.61 -17.34 -46.74
CA ASN E 139 -19.63 -18.06 -48.01
C ASN E 139 -18.80 -17.27 -49.02
N LEU E 140 -17.54 -17.69 -49.21
CA LEU E 140 -16.67 -16.97 -50.14
C LEU E 140 -17.17 -17.06 -51.57
N SER E 141 -17.77 -18.19 -51.95
CA SER E 141 -18.21 -18.36 -53.33
C SER E 141 -19.32 -17.38 -53.69
N THR E 142 -20.24 -17.12 -52.77
CA THR E 142 -21.34 -16.21 -53.02
C THR E 142 -21.12 -14.83 -52.42
N GLY E 143 -20.31 -14.72 -51.36
CA GLY E 143 -20.07 -13.47 -50.70
C GLY E 143 -20.98 -13.19 -49.51
N LYS E 144 -22.10 -13.89 -49.41
CA LYS E 144 -23.03 -13.70 -48.31
C LYS E 144 -22.60 -14.51 -47.09
N PRO E 145 -23.00 -14.10 -45.89
CA PRO E 145 -22.71 -14.90 -44.70
C PRO E 145 -23.66 -16.09 -44.62
N LYS E 146 -23.08 -17.29 -44.49
CA LYS E 146 -23.85 -18.52 -44.36
C LYS E 146 -23.80 -19.00 -42.92
N PHE E 147 -24.98 -19.23 -42.34
CA PHE E 147 -25.11 -19.64 -40.94
C PHE E 147 -25.53 -21.10 -40.89
N PHE E 148 -24.62 -21.97 -40.46
CA PHE E 148 -24.96 -23.37 -40.22
C PHE E 148 -25.75 -23.48 -38.93
N LYS E 149 -26.90 -24.15 -38.99
CA LYS E 149 -27.72 -24.29 -37.79
C LYS E 149 -28.54 -25.56 -37.87
N THR E 150 -28.92 -26.05 -36.69
CA THR E 150 -29.79 -27.21 -36.62
C THR E 150 -31.20 -26.82 -37.05
N PRO E 151 -31.98 -27.79 -37.54
CA PRO E 151 -33.35 -27.46 -37.98
C PRO E 151 -34.29 -27.16 -36.82
N HIS E 152 -34.05 -26.08 -36.08
CA HIS E 152 -35.01 -25.66 -35.07
C HIS E 152 -36.27 -25.07 -35.69
N ASN E 153 -36.22 -24.70 -36.96
CA ASN E 153 -37.38 -24.31 -37.73
C ASN E 153 -37.74 -25.44 -38.69
N PRO E 154 -38.99 -25.91 -38.69
CA PRO E 154 -39.33 -27.07 -39.54
C PRO E 154 -39.06 -26.85 -41.02
N MET E 155 -39.18 -25.61 -41.50
CA MET E 155 -38.97 -25.34 -42.92
C MET E 155 -37.52 -25.45 -43.34
N PHE E 156 -36.58 -25.55 -42.40
CA PHE E 156 -35.18 -25.68 -42.75
C PHE E 156 -34.93 -27.01 -43.45
N THR E 157 -34.37 -26.96 -44.67
CA THR E 157 -34.16 -28.17 -45.46
C THR E 157 -32.80 -28.14 -46.15
N MET E 158 -31.84 -27.39 -45.62
CA MET E 158 -30.51 -27.29 -46.21
C MET E 158 -29.41 -27.78 -45.29
N ASP E 159 -29.43 -27.39 -44.01
CA ASP E 159 -28.39 -27.77 -43.08
C ASP E 159 -28.68 -29.09 -42.38
N ARG E 160 -29.77 -29.77 -42.73
CA ARG E 160 -30.17 -30.97 -42.00
C ARG E 160 -29.15 -32.09 -42.14
N GLU E 161 -28.60 -32.28 -43.35
CA GLU E 161 -27.73 -33.42 -43.63
C GLU E 161 -26.29 -33.01 -43.94
N ILE E 162 -25.77 -32.03 -43.21
CA ILE E 162 -24.37 -31.64 -43.32
C ILE E 162 -23.65 -32.02 -42.03
N ARG E 163 -22.49 -32.65 -42.17
CA ARG E 163 -21.72 -33.11 -41.01
C ARG E 163 -21.26 -31.93 -40.17
N LEU E 164 -21.29 -32.11 -38.85
CA LEU E 164 -20.86 -31.05 -37.95
C LEU E 164 -19.39 -30.72 -38.12
N ILE E 165 -18.56 -31.71 -38.46
CA ILE E 165 -17.14 -31.44 -38.67
C ILE E 165 -16.93 -30.52 -39.87
N ASP E 166 -17.88 -30.47 -40.80
CA ASP E 166 -17.77 -29.53 -41.91
C ASP E 166 -18.05 -28.10 -41.46
N ALA E 167 -19.07 -27.91 -40.63
CA ALA E 167 -19.39 -26.58 -40.13
C ALA E 167 -18.26 -26.04 -39.24
N ALA E 168 -17.74 -26.88 -38.36
CA ALA E 168 -16.66 -26.45 -37.48
C ALA E 168 -15.40 -26.12 -38.26
N MET E 169 -15.08 -26.93 -39.27
CA MET E 169 -13.89 -26.67 -40.07
C MET E 169 -14.01 -25.38 -40.87
N ALA E 170 -15.23 -25.08 -41.33
CA ALA E 170 -15.43 -23.86 -42.13
C ALA E 170 -15.35 -22.61 -41.27
N THR E 171 -16.01 -22.61 -40.11
CA THR E 171 -16.07 -21.40 -39.29
C THR E 171 -14.72 -21.04 -38.67
N SER E 172 -13.79 -21.98 -38.56
CA SER E 172 -12.49 -21.73 -37.98
C SER E 172 -11.43 -21.39 -39.03
N ALA E 173 -11.79 -21.37 -40.30
CA ALA E 173 -10.83 -21.13 -41.38
C ALA E 173 -10.55 -19.63 -41.45
N ALA E 174 -9.57 -19.18 -40.68
CA ALA E 174 -9.16 -17.80 -40.73
C ALA E 174 -8.62 -17.45 -42.12
N PRO E 175 -8.83 -16.21 -42.58
CA PRO E 175 -8.40 -15.87 -43.94
C PRO E 175 -6.91 -16.04 -44.19
N THR E 176 -6.07 -15.80 -43.18
CA THR E 176 -4.63 -15.92 -43.35
C THR E 176 -4.01 -17.08 -42.57
N TYR E 177 -4.60 -17.44 -41.43
CA TYR E 177 -4.05 -18.52 -40.61
C TYR E 177 -4.48 -19.90 -41.05
N PHE E 178 -5.43 -20.01 -41.98
CA PHE E 178 -5.91 -21.30 -42.47
C PHE E 178 -6.33 -21.15 -43.92
N LYS E 179 -6.37 -22.28 -44.62
CA LYS E 179 -6.91 -22.25 -45.97
C LYS E 179 -8.43 -22.29 -45.93
N PRO E 180 -9.10 -21.77 -46.96
CA PRO E 180 -10.57 -21.85 -47.00
C PRO E 180 -11.03 -23.30 -47.02
N HIS E 181 -12.11 -23.56 -46.30
CA HIS E 181 -12.64 -24.92 -46.16
C HIS E 181 -13.68 -25.17 -47.25
N TYR E 182 -13.46 -26.22 -48.03
CA TYR E 182 -14.35 -26.57 -49.14
C TYR E 182 -15.31 -27.65 -48.67
N ILE E 183 -16.61 -27.36 -48.73
CA ILE E 183 -17.64 -28.31 -48.33
C ILE E 183 -18.14 -29.01 -49.58
N GLU E 184 -17.97 -30.34 -49.61
CA GLU E 184 -18.40 -31.11 -50.79
C GLU E 184 -19.91 -31.09 -50.94
N LYS E 185 -20.65 -31.17 -49.83
CA LYS E 185 -22.10 -31.21 -49.91
C LYS E 185 -22.71 -29.92 -50.44
N LEU E 186 -21.99 -28.81 -50.32
CA LEU E 186 -22.49 -27.52 -50.80
C LEU E 186 -21.71 -26.98 -51.99
N GLU E 187 -20.55 -27.54 -52.30
CA GLU E 187 -19.73 -27.11 -53.44
C GLU E 187 -19.33 -25.64 -53.33
N ASN E 188 -19.16 -25.15 -52.11
CA ASN E 188 -18.79 -23.76 -51.87
C ASN E 188 -17.64 -23.69 -50.87
N TYR E 189 -16.76 -22.72 -51.07
CA TYR E 189 -15.66 -22.48 -50.15
C TYR E 189 -16.11 -21.51 -49.06
N PHE E 190 -15.64 -21.75 -47.83
CA PHE E 190 -16.06 -20.98 -46.68
C PHE E 190 -14.85 -20.44 -45.94
N ALA E 191 -15.05 -19.34 -45.22
CA ALA E 191 -13.98 -18.72 -44.46
C ALA E 191 -14.39 -18.52 -43.02
N ASP E 192 -13.56 -17.81 -42.25
CA ASP E 192 -13.82 -17.62 -40.83
C ASP E 192 -15.16 -16.91 -40.61
N GLY E 193 -15.88 -17.37 -39.59
CA GLY E 193 -17.12 -16.71 -39.23
C GLY E 193 -16.95 -15.40 -38.51
N GLY E 194 -15.72 -15.05 -38.14
CA GLY E 194 -15.42 -13.80 -37.49
C GLY E 194 -15.39 -12.59 -38.42
N LEU E 195 -15.46 -12.82 -39.73
CA LEU E 195 -15.53 -11.71 -40.67
C LEU E 195 -16.78 -10.87 -40.47
N VAL E 196 -17.93 -11.51 -40.25
CA VAL E 196 -19.18 -10.80 -40.11
C VAL E 196 -19.65 -10.70 -38.67
N ALA E 197 -19.27 -11.64 -37.80
CA ALA E 197 -19.70 -11.58 -36.40
C ALA E 197 -18.65 -12.32 -35.56
N ASN E 198 -17.74 -11.57 -34.96
CA ASN E 198 -16.83 -12.15 -33.97
C ASN E 198 -17.51 -12.33 -32.62
N ASN E 199 -18.60 -11.63 -32.37
CA ASN E 199 -19.41 -11.78 -31.17
C ASN E 199 -20.81 -12.15 -31.61
N PRO E 200 -21.14 -13.44 -31.67
CA PRO E 200 -22.44 -13.85 -32.20
C PRO E 200 -23.56 -13.72 -31.18
N SER E 201 -23.34 -12.95 -30.12
CA SER E 201 -24.36 -12.79 -29.08
C SER E 201 -25.60 -12.08 -29.63
N TYR E 202 -25.40 -11.02 -30.42
CA TYR E 202 -26.53 -10.23 -30.90
C TYR E 202 -27.40 -11.02 -31.87
N ILE E 203 -26.77 -11.71 -32.83
CA ILE E 203 -27.54 -12.50 -33.78
C ILE E 203 -28.23 -13.67 -33.12
N GLY E 204 -27.77 -14.08 -31.93
CA GLY E 204 -28.46 -15.13 -31.21
C GLY E 204 -29.85 -14.72 -30.74
N ILE E 205 -30.00 -13.48 -30.27
CA ILE E 205 -31.30 -13.02 -29.81
C ILE E 205 -32.29 -12.95 -30.96
N ARG E 206 -31.82 -12.57 -32.15
CA ARG E 206 -32.71 -12.43 -33.30
C ARG E 206 -33.32 -13.76 -33.68
N GLU E 207 -32.54 -14.85 -33.60
CA GLU E 207 -33.01 -16.15 -34.03
C GLU E 207 -34.19 -16.63 -33.19
N VAL E 208 -34.13 -16.40 -31.87
CA VAL E 208 -35.19 -16.87 -30.99
C VAL E 208 -36.51 -16.20 -31.34
N LEU E 209 -36.45 -14.94 -31.76
CA LEU E 209 -37.65 -14.18 -32.10
C LEU E 209 -38.07 -14.35 -33.56
N ILE E 210 -37.28 -15.03 -34.39
CA ILE E 210 -37.60 -15.15 -35.81
C ILE E 210 -37.72 -16.62 -36.21
N ASP E 211 -36.62 -17.36 -36.12
CA ASP E 211 -36.64 -18.75 -36.55
C ASP E 211 -37.17 -19.69 -35.47
N MET E 212 -36.80 -19.46 -34.21
CA MET E 212 -37.19 -20.35 -33.13
C MET E 212 -38.59 -20.01 -32.65
N LYS E 213 -39.54 -19.90 -33.57
CA LYS E 213 -40.90 -19.48 -33.26
C LYS E 213 -41.85 -20.64 -33.03
N ASN E 214 -41.43 -21.87 -33.29
CA ASN E 214 -42.28 -23.03 -33.04
C ASN E 214 -42.18 -23.50 -31.59
N ASP E 215 -40.96 -23.61 -31.07
CA ASP E 215 -40.78 -23.99 -29.67
C ASP E 215 -41.16 -22.84 -28.75
N PHE E 216 -40.89 -21.60 -29.15
CA PHE E 216 -41.15 -20.42 -28.34
C PHE E 216 -41.97 -19.43 -29.15
N PRO E 217 -43.29 -19.64 -29.23
CA PRO E 217 -44.13 -18.72 -30.00
C PRO E 217 -44.16 -17.32 -29.41
N ASP E 218 -44.25 -17.22 -28.08
CA ASP E 218 -44.31 -15.94 -27.39
C ASP E 218 -42.92 -15.65 -26.81
N ALA E 219 -42.04 -15.13 -27.65
CA ALA E 219 -40.67 -14.81 -27.28
C ALA E 219 -40.46 -13.31 -27.35
N LYS E 220 -39.92 -12.74 -26.29
CA LYS E 220 -39.58 -11.33 -26.20
C LYS E 220 -38.16 -11.20 -25.69
N PRO E 221 -37.48 -10.09 -26.00
CA PRO E 221 -36.11 -9.90 -25.49
C PRO E 221 -36.03 -9.88 -23.97
N GLU E 222 -37.11 -9.53 -23.27
CA GLU E 222 -37.06 -9.55 -21.81
C GLU E 222 -36.95 -10.97 -21.28
N ASN E 223 -37.44 -11.96 -22.02
CA ASN E 223 -37.36 -13.36 -21.62
C ASN E 223 -36.11 -14.06 -22.13
N ILE E 224 -35.21 -13.33 -22.79
CA ILE E 224 -34.01 -13.90 -23.36
C ILE E 224 -32.82 -13.49 -22.50
N LYS E 225 -32.08 -14.47 -21.99
CA LYS E 225 -30.87 -14.24 -21.23
C LYS E 225 -29.68 -14.76 -22.03
N VAL E 226 -28.66 -13.92 -22.18
CA VAL E 226 -27.48 -14.24 -22.97
C VAL E 226 -26.28 -14.35 -22.04
N LEU E 227 -25.60 -15.49 -22.10
CA LEU E 227 -24.36 -15.70 -21.36
C LEU E 227 -23.23 -15.70 -22.38
N ASN E 228 -22.70 -14.52 -22.67
CA ASN E 228 -21.62 -14.36 -23.64
C ASN E 228 -20.29 -14.58 -22.92
N ILE E 229 -19.67 -15.72 -23.16
CA ILE E 229 -18.36 -16.03 -22.59
C ILE E 229 -17.31 -15.42 -23.52
N GLY E 230 -16.49 -14.54 -22.97
CA GLY E 230 -15.52 -13.82 -23.77
C GLY E 230 -14.37 -14.69 -24.22
N THR E 231 -13.51 -14.07 -25.01
CA THR E 231 -12.33 -14.74 -25.57
C THR E 231 -11.05 -14.03 -25.14
N LEU E 232 -11.18 -12.93 -24.38
CA LEU E 232 -10.09 -11.99 -24.09
C LEU E 232 -9.67 -11.27 -25.37
N SER E 233 -10.66 -10.67 -26.03
CA SER E 233 -10.41 -9.92 -27.25
C SER E 233 -10.00 -8.50 -26.90
N GLU E 234 -9.04 -7.97 -27.66
CA GLU E 234 -8.53 -6.63 -27.45
C GLU E 234 -9.44 -5.61 -28.15
N ASP E 235 -8.99 -4.36 -28.19
CA ASP E 235 -9.72 -3.26 -28.80
C ASP E 235 -8.86 -2.57 -29.85
N TYR E 236 -8.30 -3.38 -30.75
CA TYR E 236 -7.29 -2.94 -31.71
C TYR E 236 -7.68 -1.63 -32.37
N CYS E 237 -6.83 -0.62 -32.19
CA CYS E 237 -6.95 0.67 -32.85
C CYS E 237 -5.58 1.08 -33.35
N ILE E 238 -5.57 1.93 -34.37
CA ILE E 238 -4.30 2.41 -34.90
C ILE E 238 -3.60 3.27 -33.86
N SER E 239 -2.28 3.10 -33.77
CA SER E 239 -1.52 3.81 -32.75
C SER E 239 -1.61 5.32 -32.97
N PRO E 240 -1.81 6.10 -31.92
CA PRO E 240 -1.89 7.56 -32.10
C PRO E 240 -0.63 8.15 -32.72
N GLU E 241 0.55 7.62 -32.37
CA GLU E 241 1.76 8.07 -33.02
C GLU E 241 1.78 7.66 -34.50
N THR E 242 1.30 6.46 -34.80
CA THR E 242 1.22 6.03 -36.19
C THR E 242 0.22 6.87 -36.98
N LEU E 243 -0.94 7.17 -36.38
CA LEU E 243 -1.93 7.99 -37.05
C LEU E 243 -1.41 9.41 -37.28
N SER E 244 -0.86 10.03 -36.23
CA SER E 244 -0.42 11.42 -36.34
C SER E 244 0.75 11.56 -37.31
N LYS E 245 1.71 10.63 -37.25
CA LYS E 245 2.89 10.76 -38.10
C LYS E 245 2.60 10.41 -39.56
N ASN E 246 1.79 9.39 -39.80
CA ASN E 246 1.62 8.83 -41.13
C ASN E 246 0.15 8.84 -41.56
N SER E 247 -0.56 9.94 -41.27
CA SER E 247 -1.93 10.06 -41.74
C SER E 247 -2.01 10.30 -43.23
N GLY E 248 -0.99 10.90 -43.83
CA GLY E 248 -0.97 11.20 -45.24
C GLY E 248 -0.26 10.19 -46.12
N LYS E 249 0.11 9.03 -45.58
CA LYS E 249 0.77 7.99 -46.35
C LYS E 249 -0.22 6.89 -46.68
N GLY E 250 0.28 5.83 -47.33
CA GLY E 250 -0.58 4.75 -47.76
C GLY E 250 0.04 3.37 -47.65
N TYR E 251 -0.75 2.40 -47.20
CA TYR E 251 -0.34 1.00 -47.07
C TYR E 251 0.90 0.85 -46.20
N LEU E 252 2.08 0.81 -46.81
CA LEU E 252 3.32 0.49 -46.11
C LEU E 252 3.43 1.15 -44.74
N SER E 253 3.05 2.43 -44.63
CA SER E 253 3.11 3.14 -43.36
C SER E 253 1.80 3.09 -42.61
N LEU E 254 0.73 3.60 -43.22
CA LEU E 254 -0.61 3.55 -42.64
C LEU E 254 -1.40 2.45 -43.34
N TRP E 255 -2.09 1.61 -42.55
CA TRP E 255 -2.65 0.35 -43.03
C TRP E 255 -1.54 -0.56 -43.56
N ASN E 256 -0.65 -0.98 -42.67
CA ASN E 256 0.49 -1.79 -43.07
C ASN E 256 0.04 -2.99 -43.88
N MET E 257 0.42 -3.02 -45.16
CA MET E 257 -0.16 -3.95 -46.13
C MET E 257 -1.68 -3.88 -46.06
N GLY E 258 -2.30 -4.78 -45.33
CA GLY E 258 -3.74 -4.71 -45.15
C GLY E 258 -4.16 -5.00 -43.72
N GLU E 259 -3.17 -5.11 -42.83
CA GLU E 259 -3.44 -5.57 -41.46
C GLU E 259 -4.35 -4.61 -40.72
N ARG E 260 -4.11 -3.30 -40.85
CA ARG E 260 -4.89 -2.35 -40.07
C ARG E 260 -6.31 -2.20 -40.59
N ILE E 261 -6.52 -2.37 -41.90
CA ILE E 261 -7.87 -2.23 -42.45
C ILE E 261 -8.75 -3.38 -41.99
N VAL E 262 -8.24 -4.62 -42.06
CA VAL E 262 -9.04 -5.77 -41.70
C VAL E 262 -9.31 -5.80 -40.19
N LEU E 263 -8.25 -5.60 -39.38
CA LEU E 263 -8.41 -5.64 -37.93
C LEU E 263 -9.35 -4.54 -37.44
N SER E 264 -9.27 -3.35 -38.04
CA SER E 264 -10.21 -2.30 -37.69
C SER E 264 -11.63 -2.68 -38.04
N THR E 265 -11.82 -3.35 -39.19
CA THR E 265 -13.15 -3.72 -39.64
C THR E 265 -13.79 -4.75 -38.71
N MET E 266 -13.02 -5.76 -38.30
CA MET E 266 -13.55 -6.73 -37.34
C MET E 266 -13.87 -6.07 -36.01
N THR E 267 -12.95 -5.26 -35.50
CA THR E 267 -13.16 -4.64 -34.19
C THR E 267 -14.35 -3.69 -34.21
N ALA E 268 -14.46 -2.88 -35.26
CA ALA E 268 -15.58 -1.96 -35.37
C ALA E 268 -16.90 -2.71 -35.51
N ASN E 269 -16.93 -3.75 -36.35
CA ASN E 269 -18.15 -4.52 -36.52
C ASN E 269 -18.51 -5.27 -35.24
N GLN E 270 -17.53 -5.90 -34.59
CA GLN E 270 -17.79 -6.57 -33.32
C GLN E 270 -18.27 -5.57 -32.27
N HIS E 271 -17.65 -4.39 -32.23
CA HIS E 271 -18.12 -3.35 -31.32
C HIS E 271 -19.55 -2.93 -31.66
N LEU E 272 -19.84 -2.79 -32.96
CA LEU E 272 -21.17 -2.34 -33.37
C LEU E 272 -22.24 -3.34 -32.95
N GLN E 273 -22.00 -4.63 -33.21
CA GLN E 273 -22.96 -5.64 -32.77
C GLN E 273 -23.06 -5.69 -31.25
N ARG E 274 -21.94 -5.55 -30.56
CA ARG E 274 -21.97 -5.43 -29.11
C ARG E 274 -22.71 -4.17 -28.69
N PHE E 275 -22.47 -3.06 -29.39
CA PHE E 275 -23.18 -1.82 -29.08
C PHE E 275 -24.68 -1.98 -29.31
N MET E 276 -25.06 -2.60 -30.43
CA MET E 276 -26.48 -2.78 -30.73
C MET E 276 -27.17 -3.61 -29.66
N LEU E 277 -26.50 -4.65 -29.17
CA LEU E 277 -27.07 -5.45 -28.09
C LEU E 277 -27.23 -4.61 -26.82
N LEU E 278 -26.22 -3.79 -26.50
CA LEU E 278 -26.29 -2.98 -25.28
C LEU E 278 -27.37 -1.92 -25.39
N ARG E 279 -27.43 -1.21 -26.53
CA ARG E 279 -28.48 -0.20 -26.70
C ARG E 279 -29.87 -0.81 -26.68
N GLU E 280 -30.04 -1.96 -27.34
CA GLU E 280 -31.34 -2.62 -27.36
C GLU E 280 -31.76 -3.05 -25.96
N PHE E 281 -30.83 -3.59 -25.18
CA PHE E 281 -31.17 -4.05 -23.83
C PHE E 281 -31.35 -2.88 -22.88
N GLU E 282 -30.49 -1.86 -22.97
CA GLU E 282 -30.61 -0.71 -22.07
C GLU E 282 -31.86 0.11 -22.38
N ALA E 283 -32.30 0.12 -23.64
CA ALA E 283 -33.55 0.79 -23.97
C ALA E 283 -34.75 0.05 -23.38
N LEU E 284 -34.66 -1.28 -23.29
CA LEU E 284 -35.72 -2.10 -22.73
C LEU E 284 -35.57 -2.30 -21.22
N LYS E 285 -34.55 -1.70 -20.61
CA LYS E 285 -34.29 -1.81 -19.18
C LYS E 285 -34.10 -3.25 -18.73
N ILE E 286 -33.50 -4.07 -19.59
CA ILE E 286 -33.27 -5.49 -19.30
C ILE E 286 -31.78 -5.78 -19.40
N GLU E 287 -30.94 -4.82 -19.03
CA GLU E 287 -29.50 -5.02 -19.07
C GLU E 287 -29.08 -6.20 -18.21
N LYS E 288 -29.84 -6.50 -17.16
CA LYS E 288 -29.54 -7.64 -16.29
C LYS E 288 -29.74 -8.99 -16.98
N ASN E 289 -30.14 -9.01 -18.25
CA ASN E 289 -30.25 -10.24 -19.01
C ASN E 289 -28.99 -10.61 -19.75
N TYR E 290 -28.18 -9.63 -20.12
CA TYR E 290 -26.93 -9.87 -20.83
C TYR E 290 -25.80 -10.01 -19.82
N VAL E 291 -25.29 -11.23 -19.68
CA VAL E 291 -24.17 -11.51 -18.79
C VAL E 291 -22.95 -11.78 -19.67
N GLU E 292 -22.02 -10.83 -19.70
CA GLU E 292 -20.80 -10.96 -20.48
C GLU E 292 -19.64 -11.19 -19.52
N ILE E 293 -18.86 -12.24 -19.79
CA ILE E 293 -17.70 -12.59 -18.96
C ILE E 293 -16.49 -12.49 -19.86
N ASP E 294 -15.86 -11.32 -19.88
CA ASP E 294 -14.68 -11.08 -20.69
C ASP E 294 -13.73 -10.17 -19.93
N GLU E 295 -12.44 -10.31 -20.23
CA GLU E 295 -11.40 -9.51 -19.58
C GLU E 295 -10.39 -9.07 -20.63
N THR E 296 -10.02 -7.79 -20.58
CA THR E 296 -8.98 -7.29 -21.46
C THR E 296 -7.63 -7.88 -21.05
N ILE E 297 -6.85 -8.30 -22.03
CA ILE E 297 -5.54 -8.87 -21.74
C ILE E 297 -4.66 -7.78 -21.12
N PRO E 298 -3.87 -8.09 -20.10
CA PRO E 298 -2.95 -7.08 -19.55
C PRO E 298 -1.96 -6.61 -20.60
N ASN E 299 -1.50 -5.36 -20.43
CA ASN E 299 -0.70 -4.71 -21.45
C ASN E 299 0.61 -5.46 -21.71
N GLU E 300 1.26 -5.95 -20.65
CA GLU E 300 2.47 -6.73 -20.85
C GLU E 300 2.15 -8.12 -21.35
N ALA E 301 1.01 -8.69 -20.92
CA ALA E 301 0.64 -10.04 -21.35
C ALA E 301 0.17 -10.06 -22.80
N ALA E 302 -0.44 -8.97 -23.27
CA ALA E 302 -0.99 -8.94 -24.62
C ALA E 302 0.08 -9.06 -25.70
N ALA E 303 1.32 -8.71 -25.39
CA ALA E 303 2.40 -8.89 -26.36
C ALA E 303 2.74 -10.36 -26.60
N GLU E 304 2.30 -11.25 -25.72
CA GLU E 304 2.57 -12.68 -25.84
C GLU E 304 1.32 -13.52 -26.04
N ILE E 305 0.19 -13.14 -25.45
CA ILE E 305 -1.06 -13.90 -25.57
C ILE E 305 -1.71 -13.43 -26.86
N THR E 306 -1.38 -14.10 -27.96
CA THR E 306 -1.98 -13.84 -29.25
C THR E 306 -3.10 -14.86 -29.50
N LEU E 307 -3.61 -14.88 -30.73
CA LEU E 307 -4.63 -15.84 -31.11
C LEU E 307 -4.05 -17.11 -31.72
N ASP E 308 -2.72 -17.22 -31.84
CA ASP E 308 -2.10 -18.39 -32.43
C ASP E 308 -0.85 -18.83 -31.69
N ASN E 309 -0.65 -18.41 -30.44
CA ASN E 309 0.55 -18.75 -29.68
C ASN E 309 0.24 -19.94 -28.78
N ALA E 310 0.67 -21.13 -29.19
CA ALA E 310 0.51 -22.34 -28.39
C ALA E 310 1.79 -22.66 -27.63
N SER E 311 2.17 -21.74 -26.74
CA SER E 311 3.33 -21.91 -25.88
C SER E 311 2.87 -22.24 -24.47
N GLU E 312 3.75 -22.93 -23.73
CA GLU E 312 3.38 -23.41 -22.40
C GLU E 312 3.02 -22.25 -21.48
N GLY E 313 3.83 -21.19 -21.51
CA GLY E 313 3.52 -20.03 -20.67
C GLY E 313 2.21 -19.38 -21.04
N CYS E 314 1.93 -19.25 -22.33
CA CYS E 314 0.67 -18.64 -22.76
C CYS E 314 -0.52 -19.49 -22.34
N LEU E 315 -0.41 -20.81 -22.48
CA LEU E 315 -1.53 -21.69 -22.10
C LEU E 315 -1.80 -21.61 -20.61
N LYS E 316 -0.76 -21.49 -19.78
CA LYS E 316 -0.95 -21.37 -18.34
C LYS E 316 -1.77 -20.13 -18.01
N ALA E 317 -1.44 -19.00 -18.63
CA ALA E 317 -2.16 -17.75 -18.36
C ALA E 317 -3.61 -17.85 -18.80
N LEU E 318 -3.86 -18.46 -19.95
CA LEU E 318 -5.23 -18.60 -20.44
C LEU E 318 -6.06 -19.48 -19.52
N ARG E 319 -5.51 -20.62 -19.10
CA ARG E 319 -6.23 -21.48 -18.15
C ARG E 319 -6.39 -20.80 -16.81
N GLY E 320 -5.35 -20.10 -16.34
CA GLY E 320 -5.44 -19.42 -15.06
C GLY E 320 -6.49 -18.33 -15.06
N SER E 321 -6.58 -17.57 -16.15
CA SER E 321 -7.60 -16.53 -16.25
C SER E 321 -9.00 -17.14 -16.26
N GLY E 322 -9.16 -18.28 -16.94
CA GLY E 322 -10.47 -18.92 -16.97
C GLY E 322 -10.91 -19.40 -15.60
N LYS E 323 -10.01 -20.05 -14.87
CA LYS E 323 -10.34 -20.51 -13.52
C LYS E 323 -10.61 -19.34 -12.59
N LYS E 324 -9.81 -18.28 -12.68
CA LYS E 324 -10.00 -17.11 -11.84
C LYS E 324 -11.32 -16.42 -12.12
N LEU E 325 -11.65 -16.24 -13.41
CA LEU E 325 -12.87 -15.53 -13.77
C LEU E 325 -14.12 -16.33 -13.41
N ALA E 326 -14.06 -17.65 -13.53
CA ALA E 326 -15.23 -18.48 -13.27
C ALA E 326 -15.67 -18.39 -11.82
N ALA E 327 -14.72 -18.43 -10.88
CA ALA E 327 -15.08 -18.39 -9.47
C ALA E 327 -15.49 -16.98 -9.05
N GLU E 328 -14.80 -15.95 -9.55
CA GLU E 328 -15.13 -14.58 -9.17
C GLU E 328 -16.53 -14.21 -9.64
N ARG E 329 -16.87 -14.51 -10.89
CA ARG E 329 -18.17 -14.15 -11.42
C ARG E 329 -19.28 -14.96 -10.78
N TYR E 330 -19.01 -16.23 -10.46
CA TYR E 330 -20.04 -17.05 -9.82
C TYR E 330 -20.39 -16.52 -8.43
N THR E 331 -19.39 -16.04 -7.70
CA THR E 331 -19.64 -15.49 -6.37
C THR E 331 -20.36 -14.14 -6.45
N LYS E 332 -19.93 -13.27 -7.36
CA LYS E 332 -20.47 -11.92 -7.45
C LYS E 332 -21.75 -11.87 -8.28
N ASN E 333 -21.67 -12.26 -9.56
CA ASN E 333 -22.79 -12.12 -10.47
C ASN E 333 -23.88 -13.11 -10.12
N GLU E 334 -24.98 -12.60 -9.55
CA GLU E 334 -26.12 -13.46 -9.22
C GLU E 334 -26.79 -14.01 -10.48
N GLU E 335 -26.85 -13.19 -11.54
CA GLU E 335 -27.49 -13.64 -12.77
C GLU E 335 -26.75 -14.79 -13.43
N LEU E 336 -25.43 -14.88 -13.24
CA LEU E 336 -24.68 -16.00 -13.76
C LEU E 336 -25.10 -17.30 -13.09
N ARG E 337 -25.35 -17.25 -11.78
CA ARG E 337 -25.82 -18.45 -11.08
C ARG E 337 -27.21 -18.87 -11.53
N ASN E 338 -28.03 -17.91 -11.97
CA ASN E 338 -29.39 -18.24 -12.39
C ASN E 338 -29.43 -19.01 -13.70
N PHE E 339 -28.33 -19.02 -14.46
CA PHE E 339 -28.30 -19.76 -15.72
C PHE E 339 -28.43 -21.26 -15.48
N PHE E 340 -27.78 -21.77 -14.44
CA PHE E 340 -27.71 -23.20 -14.17
C PHE E 340 -28.72 -23.64 -13.12
N LEU E 341 -29.77 -22.87 -12.89
CA LEU E 341 -30.79 -23.27 -11.92
C LEU E 341 -31.66 -24.41 -12.42
N LYS E 342 -31.82 -24.55 -13.74
CA LYS E 342 -32.68 -25.59 -14.29
C LYS E 342 -32.13 -25.99 -15.66
N LYS E 343 -32.22 -27.28 -15.97
CA LYS E 343 -31.76 -27.78 -17.26
C LYS E 343 -32.69 -27.33 -18.38
N ALA E 344 -32.12 -27.20 -19.57
CA ALA E 344 -32.88 -26.82 -20.76
C ALA E 344 -33.43 -28.06 -21.44
N GLU E 345 -34.68 -27.97 -21.90
CA GLU E 345 -35.31 -29.10 -22.55
C GLU E 345 -34.59 -29.44 -23.85
N PRO E 346 -34.39 -30.73 -24.15
CA PRO E 346 -33.69 -31.09 -25.38
C PRO E 346 -34.49 -30.71 -26.61
N PHE E 347 -33.76 -30.42 -27.69
CA PHE E 347 -34.36 -30.03 -28.95
C PHE E 347 -34.58 -31.28 -29.81
N VAL E 348 -35.83 -31.56 -30.14
CA VAL E 348 -36.19 -32.66 -31.02
C VAL E 348 -36.67 -32.07 -32.35
N PRO E 349 -36.06 -32.43 -33.48
CA PRO E 349 -36.50 -31.88 -34.77
C PRO E 349 -37.95 -32.25 -35.06
N TYR E 350 -38.65 -31.34 -35.72
CA TYR E 350 -40.07 -31.54 -36.05
C TYR E 350 -40.23 -32.64 -37.09
N SER F 8 -49.40 6.14 -37.05
CA SER F 8 -48.39 7.04 -37.57
C SER F 8 -47.55 6.35 -38.65
N GLU F 9 -46.54 7.05 -39.15
CA GLU F 9 -45.64 6.52 -40.18
C GLU F 9 -44.31 7.28 -40.08
N ILE F 10 -43.31 6.63 -39.52
CA ILE F 10 -41.97 7.21 -39.44
C ILE F 10 -41.23 6.83 -40.72
N LYS F 11 -40.93 7.84 -41.54
CA LYS F 11 -40.27 7.62 -42.82
C LYS F 11 -38.77 7.82 -42.65
N ILE F 12 -37.99 6.85 -43.12
CA ILE F 12 -36.53 6.88 -43.02
C ILE F 12 -35.97 6.81 -44.44
N LEU F 13 -35.06 7.73 -44.74
CA LEU F 13 -34.36 7.74 -46.03
C LEU F 13 -32.94 7.25 -45.80
N SER F 14 -32.64 6.06 -46.28
CA SER F 14 -31.33 5.45 -46.11
C SER F 14 -30.58 5.49 -47.43
N LEU F 15 -29.34 5.97 -47.39
CA LEU F 15 -28.50 6.09 -48.57
C LEU F 15 -27.19 5.37 -48.32
N ASN F 16 -26.79 4.52 -49.26
CA ASN F 16 -25.57 3.75 -49.15
C ASN F 16 -24.37 4.55 -49.63
N GLY F 17 -23.20 3.92 -49.63
CA GLY F 17 -21.98 4.58 -50.07
C GLY F 17 -21.31 3.87 -51.22
N GLY F 18 -21.11 4.57 -52.34
CA GLY F 18 -20.51 3.97 -53.51
C GLY F 18 -19.61 4.90 -54.31
N GLY F 19 -19.13 5.97 -53.68
CA GLY F 19 -18.32 6.94 -54.39
C GLY F 19 -19.08 7.70 -55.45
N VAL F 20 -18.61 7.65 -56.70
CA VAL F 20 -19.32 8.32 -57.79
C VAL F 20 -20.68 7.69 -58.04
N ARG F 21 -20.90 6.46 -57.57
CA ARG F 21 -22.20 5.82 -57.72
C ARG F 21 -23.29 6.54 -56.93
N GLY F 22 -22.93 7.44 -56.01
CA GLY F 22 -23.91 8.26 -55.36
C GLY F 22 -24.63 9.21 -56.28
N LEU F 23 -24.06 9.45 -57.48
CA LEU F 23 -24.75 10.23 -58.49
C LEU F 23 -26.07 9.57 -58.89
N PHE F 24 -26.10 8.23 -58.91
CA PHE F 24 -27.37 7.54 -59.12
C PHE F 24 -28.36 7.85 -58.00
N THR F 25 -27.88 7.88 -56.76
CA THR F 25 -28.75 8.18 -55.64
C THR F 25 -29.32 9.60 -55.74
N ILE F 26 -28.46 10.57 -56.07
CA ILE F 26 -28.92 11.95 -56.16
C ILE F 26 -29.77 12.17 -57.40
N THR F 27 -29.46 11.48 -58.50
CA THR F 27 -30.28 11.62 -59.71
C THR F 27 -31.67 11.04 -59.49
N LEU F 28 -31.76 9.90 -58.80
CA LEU F 28 -33.06 9.32 -58.50
C LEU F 28 -33.88 10.25 -57.62
N LEU F 29 -33.24 10.85 -56.62
CA LEU F 29 -33.95 11.78 -55.74
C LEU F 29 -34.32 13.06 -56.47
N ALA F 30 -33.45 13.54 -57.35
CA ALA F 30 -33.73 14.76 -58.10
C ALA F 30 -34.90 14.54 -59.06
N GLU F 31 -34.87 13.44 -59.82
CA GLU F 31 -35.95 13.16 -60.75
C GLU F 31 -37.26 12.90 -60.01
N LEU F 32 -37.17 12.28 -58.83
CA LEU F 32 -38.37 12.06 -58.02
C LEU F 32 -38.99 13.39 -57.59
N GLU F 33 -38.15 14.38 -57.29
CA GLU F 33 -38.65 15.71 -56.99
C GLU F 33 -39.39 16.31 -58.18
N SER F 34 -38.83 16.15 -59.38
CA SER F 34 -39.47 16.69 -60.57
C SER F 34 -40.81 16.01 -60.84
N ILE F 35 -40.90 14.71 -60.55
CA ILE F 35 -42.16 13.99 -60.74
C ILE F 35 -43.24 14.52 -59.81
N ILE F 36 -42.87 14.79 -58.55
CA ILE F 36 -43.84 15.32 -57.59
C ILE F 36 -44.34 16.69 -58.03
N GLU F 37 -43.44 17.50 -58.59
CA GLU F 37 -43.85 18.82 -59.08
C GLU F 37 -44.89 18.69 -60.20
N LYS F 38 -44.67 17.77 -61.13
CA LYS F 38 -45.56 17.65 -62.27
C LYS F 38 -46.93 17.11 -61.86
N ARG F 39 -46.95 16.06 -61.04
CA ARG F 39 -48.21 15.42 -60.69
C ARG F 39 -49.00 16.26 -59.69
N GLU F 40 -48.34 16.82 -58.68
CA GLU F 40 -49.02 17.55 -57.62
C GLU F 40 -49.20 19.03 -57.92
N LYS F 41 -48.62 19.52 -59.02
CA LYS F 41 -48.72 20.93 -59.40
C LYS F 41 -48.25 21.85 -58.27
N CYS F 42 -47.19 21.42 -57.58
CA CYS F 42 -46.60 22.18 -56.49
C CYS F 42 -45.29 22.83 -56.95
N GLU F 43 -44.76 23.71 -56.11
CA GLU F 43 -43.54 24.43 -56.40
C GLU F 43 -42.61 24.38 -55.21
N ASN F 44 -41.30 24.28 -55.49
CA ASN F 44 -40.26 24.28 -54.47
C ASN F 44 -40.49 23.18 -53.44
N VAL F 45 -40.44 21.94 -53.90
CA VAL F 45 -40.63 20.77 -53.06
C VAL F 45 -39.29 20.08 -52.88
N LYS F 46 -38.95 19.77 -51.63
CA LYS F 46 -37.73 19.07 -51.29
C LYS F 46 -38.09 17.74 -50.65
N ILE F 47 -37.50 16.66 -51.15
CA ILE F 47 -37.78 15.33 -50.59
C ILE F 47 -37.27 15.18 -49.16
N GLY F 48 -36.44 16.12 -48.68
CA GLY F 48 -36.02 16.08 -47.29
C GLY F 48 -37.13 16.43 -46.32
N ASP F 49 -38.20 17.05 -46.80
CA ASP F 49 -39.33 17.41 -45.94
C ASP F 49 -40.30 16.26 -45.71
N TYR F 50 -40.14 15.15 -46.42
CA TYR F 50 -41.03 14.01 -46.27
C TYR F 50 -40.46 12.90 -45.40
N PHE F 51 -39.30 13.12 -44.79
CA PHE F 51 -38.64 12.10 -44.00
C PHE F 51 -38.36 12.61 -42.60
N ASP F 52 -38.61 11.76 -41.60
CA ASP F 52 -38.35 12.12 -40.22
C ASP F 52 -36.91 11.81 -39.80
N LEU F 53 -36.15 11.10 -40.61
CA LEU F 53 -34.77 10.78 -40.30
C LEU F 53 -34.07 10.36 -41.58
N ILE F 54 -32.90 10.95 -41.83
CA ILE F 54 -32.11 10.65 -43.03
C ILE F 54 -30.79 10.04 -42.57
N THR F 55 -30.55 8.81 -42.99
CA THR F 55 -29.33 8.08 -42.63
C THR F 55 -28.49 7.86 -43.87
N GLY F 56 -27.18 8.10 -43.75
CA GLY F 56 -26.30 7.97 -44.88
C GLY F 56 -24.95 7.43 -44.48
N THR F 57 -24.15 7.10 -45.48
CA THR F 57 -22.81 6.56 -45.28
C THR F 57 -21.97 6.90 -46.51
N ALA F 58 -20.77 7.44 -46.28
CA ALA F 58 -19.84 7.84 -47.34
C ALA F 58 -20.54 8.86 -48.21
N ILE F 59 -20.72 8.61 -49.51
CA ILE F 59 -21.39 9.59 -50.36
C ILE F 59 -22.85 9.77 -49.93
N GLY F 60 -23.49 8.71 -49.46
CA GLY F 60 -24.84 8.84 -48.94
C GLY F 60 -24.90 9.74 -47.71
N GLY F 61 -23.85 9.74 -46.90
CA GLY F 61 -23.79 10.64 -45.77
C GLY F 61 -23.67 12.10 -46.19
N ILE F 62 -22.85 12.36 -47.22
CA ILE F 62 -22.69 13.73 -47.73
C ILE F 62 -24.02 14.23 -48.28
N LEU F 63 -24.71 13.41 -49.07
CA LEU F 63 -26.01 13.79 -49.59
C LEU F 63 -27.03 13.97 -48.47
N ALA F 64 -26.95 13.13 -47.44
CA ALA F 64 -27.86 13.25 -46.31
C ALA F 64 -27.67 14.57 -45.57
N LEU F 65 -26.42 14.97 -45.36
CA LEU F 65 -26.16 16.25 -44.70
C LEU F 65 -26.65 17.41 -45.55
N GLY F 66 -26.41 17.36 -46.86
CA GLY F 66 -26.97 18.37 -47.75
C GLY F 66 -28.48 18.37 -47.76
N LEU F 67 -29.08 17.17 -47.74
CA LEU F 67 -30.54 17.08 -47.65
C LEU F 67 -31.04 17.62 -46.32
N ALA F 68 -30.34 17.33 -45.23
CA ALA F 68 -30.77 17.82 -43.91
C ALA F 68 -30.54 19.31 -43.77
N SER F 69 -29.52 19.85 -44.43
CA SER F 69 -29.26 21.29 -44.36
C SER F 69 -30.42 22.07 -44.96
N GLY F 70 -30.96 21.61 -46.08
CA GLY F 70 -32.07 22.29 -46.72
C GLY F 70 -31.93 22.34 -48.22
N LYS F 71 -30.75 21.99 -48.73
CA LYS F 71 -30.51 21.98 -50.16
C LYS F 71 -31.37 20.93 -50.84
N SER F 72 -31.93 21.28 -51.99
CA SER F 72 -32.77 20.35 -52.73
C SER F 72 -31.92 19.26 -53.37
N ALA F 73 -32.57 18.16 -53.74
CA ALA F 73 -31.87 17.08 -54.43
C ALA F 73 -31.34 17.54 -55.76
N ARG F 74 -32.09 18.40 -56.46
CA ARG F 74 -31.63 18.92 -57.74
C ARG F 74 -30.38 19.79 -57.58
N GLU F 75 -30.35 20.64 -56.54
CA GLU F 75 -29.19 21.49 -56.32
C GLU F 75 -27.95 20.67 -56.04
N LEU F 76 -28.07 19.64 -55.20
CA LEU F 76 -26.93 18.77 -54.94
C LEU F 76 -26.55 17.97 -56.18
N LYS F 77 -27.54 17.60 -57.00
CA LYS F 77 -27.25 16.88 -58.24
C LYS F 77 -26.42 17.75 -59.18
N GLU F 78 -26.76 19.02 -59.31
CA GLU F 78 -25.96 19.93 -60.12
C GLU F 78 -24.55 20.08 -59.55
N ALA F 79 -24.46 20.23 -58.23
CA ALA F 79 -23.14 20.36 -57.59
C ALA F 79 -22.33 19.08 -57.74
N PHE F 80 -22.99 17.92 -57.69
CA PHE F 80 -22.28 16.66 -57.88
C PHE F 80 -21.66 16.59 -59.27
N GLU F 81 -22.42 16.97 -60.30
CA GLU F 81 -21.96 16.81 -61.67
C GLU F 81 -20.70 17.64 -61.93
N ILE F 82 -20.68 18.89 -61.47
CA ILE F 82 -19.53 19.75 -61.74
C ILE F 82 -18.33 19.32 -60.91
N ASN F 83 -18.55 19.00 -59.64
CA ASN F 83 -17.46 18.69 -58.72
C ASN F 83 -16.93 17.27 -58.85
N ALA F 84 -17.64 16.39 -59.56
CA ALA F 84 -17.21 15.00 -59.65
C ALA F 84 -15.84 14.87 -60.29
N THR F 85 -15.58 15.67 -61.33
CA THR F 85 -14.27 15.64 -61.97
C THR F 85 -13.18 16.19 -61.06
N LYS F 86 -13.51 17.17 -60.22
CA LYS F 86 -12.52 17.72 -59.30
C LYS F 86 -12.17 16.73 -58.20
N ILE F 87 -13.18 16.05 -57.64
CA ILE F 87 -12.93 15.12 -56.55
C ILE F 87 -12.12 13.92 -57.04
N PHE F 88 -12.39 13.46 -58.26
CA PHE F 88 -11.70 12.32 -58.87
C PHE F 88 -11.11 12.77 -60.20
N PRO F 89 -10.01 13.51 -60.17
CA PRO F 89 -9.44 14.03 -61.42
C PRO F 89 -8.94 12.91 -62.32
N LEU F 90 -9.02 13.17 -63.63
CA LEU F 90 -8.48 12.22 -64.61
C LEU F 90 -6.97 12.11 -64.54
N LYS F 91 -6.29 13.08 -63.92
CA LYS F 91 -4.88 12.93 -63.63
C LYS F 91 -4.64 11.75 -62.71
N ARG F 92 -5.49 11.60 -61.70
CA ARG F 92 -5.52 10.39 -60.89
C ARG F 92 -6.37 9.35 -61.62
N PHE F 93 -6.60 8.20 -60.98
CA PHE F 93 -7.43 7.12 -61.49
C PHE F 93 -6.73 6.41 -62.65
N LYS F 94 -5.63 6.97 -63.13
CA LYS F 94 -4.81 6.32 -64.15
C LYS F 94 -3.40 6.03 -63.67
N ASN F 95 -2.95 6.63 -62.58
CA ASN F 95 -1.67 6.31 -61.96
C ASN F 95 -1.84 5.52 -60.66
N LYS F 96 -2.95 4.79 -60.53
CA LYS F 96 -3.18 3.96 -59.36
C LYS F 96 -2.38 2.67 -59.45
N GLN F 97 -1.07 2.79 -59.64
CA GLN F 97 -0.19 1.63 -59.68
C GLN F 97 0.04 1.12 -58.27
N TRP F 98 0.74 -0.02 -58.17
CA TRP F 98 1.03 -0.57 -56.85
C TRP F 98 2.06 0.27 -56.10
N TRP F 99 2.98 0.91 -56.82
CA TRP F 99 4.00 1.70 -56.15
C TRP F 99 3.42 3.01 -55.61
N ASN F 100 2.44 3.58 -56.31
CA ASN F 100 1.83 4.82 -55.83
C ASN F 100 0.95 4.57 -54.61
N LEU F 101 0.18 3.47 -54.63
CA LEU F 101 -0.67 3.15 -53.50
C LEU F 101 0.15 2.71 -52.29
N LEU F 102 1.27 2.03 -52.51
CA LEU F 102 2.13 1.59 -51.42
C LEU F 102 2.86 2.74 -50.75
N ARG F 103 2.95 3.89 -51.42
CA ARG F 103 3.69 5.05 -50.90
C ARG F 103 2.76 6.08 -50.25
N ARG F 104 1.73 6.51 -50.96
CA ARG F 104 0.79 7.50 -50.44
C ARG F 104 -0.63 7.08 -50.81
N SER F 105 -1.59 7.92 -50.42
CA SER F 105 -3.00 7.68 -50.71
C SER F 105 -3.38 8.43 -51.98
N ILE F 106 -3.93 7.72 -52.96
CA ILE F 106 -4.36 8.37 -54.19
C ILE F 106 -5.50 9.33 -53.89
N TYR F 107 -5.67 10.32 -54.77
CA TYR F 107 -6.63 11.41 -54.60
C TYR F 107 -6.28 12.31 -53.43
N GLU F 108 -6.81 13.53 -53.43
CA GLU F 108 -6.58 14.50 -52.37
C GLU F 108 -7.91 14.87 -51.73
N SER F 109 -7.87 15.17 -50.43
CA SER F 109 -9.08 15.54 -49.71
C SER F 109 -9.46 17.00 -49.94
N GLU F 110 -8.55 17.82 -50.44
CA GLU F 110 -8.86 19.24 -50.67
C GLU F 110 -9.96 19.44 -51.70
N PRO F 111 -9.95 18.80 -52.89
CA PRO F 111 -11.09 18.97 -53.79
C PRO F 111 -12.41 18.50 -53.19
N LEU F 112 -12.38 17.43 -52.40
CA LEU F 112 -13.60 16.97 -51.75
C LEU F 112 -14.07 17.97 -50.70
N TYR F 113 -13.12 18.61 -49.99
CA TYR F 113 -13.50 19.60 -48.99
C TYR F 113 -14.19 20.79 -49.62
N ASP F 114 -13.69 21.27 -50.77
CA ASP F 114 -14.30 22.41 -51.45
C ASP F 114 -15.69 22.06 -51.96
N ALA F 115 -15.87 20.85 -52.49
CA ALA F 115 -17.16 20.46 -53.04
C ALA F 115 -18.24 20.45 -51.96
N VAL F 116 -17.93 19.89 -50.79
CA VAL F 116 -18.89 19.88 -49.69
C VAL F 116 -19.12 21.30 -49.18
N LYS F 117 -18.08 22.14 -49.18
CA LYS F 117 -18.23 23.51 -48.71
C LYS F 117 -19.18 24.30 -49.61
N SER F 118 -19.12 24.08 -50.92
CA SER F 118 -20.03 24.77 -51.83
C SER F 118 -21.48 24.37 -51.57
N MET F 119 -21.75 23.08 -51.38
CA MET F 119 -23.11 22.62 -51.13
C MET F 119 -23.65 23.16 -49.82
N ILE F 120 -22.83 23.13 -48.77
CA ILE F 120 -23.21 23.65 -47.47
C ILE F 120 -21.97 24.24 -46.81
N GLY F 121 -22.14 25.34 -46.10
CA GLY F 121 -21.01 26.08 -45.57
C GLY F 121 -20.25 25.31 -44.50
N GLU F 122 -19.07 25.84 -44.18
CA GLU F 122 -18.19 25.24 -43.19
C GLU F 122 -18.42 25.77 -41.79
N THR F 123 -19.46 26.59 -41.60
CA THR F 123 -19.82 27.08 -40.27
C THR F 123 -21.09 26.45 -39.72
N ILE F 124 -21.86 25.73 -40.55
CA ILE F 124 -23.06 25.07 -40.06
C ILE F 124 -22.70 23.93 -39.13
N LYS F 125 -23.53 23.71 -38.12
CA LYS F 125 -23.28 22.69 -37.11
C LYS F 125 -24.54 21.87 -36.90
N PHE F 126 -24.38 20.72 -36.22
CA PHE F 126 -25.49 19.80 -36.03
C PHE F 126 -26.61 20.42 -35.21
N GLU F 127 -26.30 21.43 -34.39
CA GLU F 127 -27.34 22.10 -33.62
C GLU F 127 -28.24 22.97 -34.48
N ASP F 128 -27.77 23.37 -35.65
CA ASP F 128 -28.54 24.25 -36.54
C ASP F 128 -29.45 23.50 -37.49
N LEU F 129 -29.35 22.18 -37.57
CA LEU F 129 -30.13 21.39 -38.51
C LEU F 129 -31.58 21.27 -38.05
N ASN F 130 -32.50 21.37 -39.01
CA ASN F 130 -33.92 21.20 -38.75
C ASN F 130 -34.43 19.84 -39.17
N ARG F 131 -33.56 18.96 -39.65
CA ARG F 131 -33.92 17.61 -40.04
C ARG F 131 -32.98 16.62 -39.36
N ARG F 132 -33.55 15.58 -38.74
CA ARG F 132 -32.73 14.57 -38.09
C ARG F 132 -31.87 13.85 -39.12
N VAL F 133 -30.59 13.67 -38.80
CA VAL F 133 -29.65 13.01 -39.69
C VAL F 133 -28.76 12.10 -38.86
N MET F 134 -28.37 10.96 -39.43
CA MET F 134 -27.49 10.00 -38.79
C MET F 134 -26.38 9.65 -39.76
N ILE F 135 -25.16 10.03 -39.44
CA ILE F 135 -23.99 9.80 -40.28
C ILE F 135 -23.09 8.79 -39.61
N THR F 136 -22.72 7.75 -40.34
CA THR F 136 -21.93 6.64 -39.80
C THR F 136 -20.47 6.82 -40.15
N SER F 137 -19.60 6.57 -39.17
CA SER F 137 -18.16 6.63 -39.36
C SER F 137 -17.50 5.74 -38.33
N VAL F 138 -16.23 5.42 -38.57
CA VAL F 138 -15.44 4.59 -37.68
C VAL F 138 -14.34 5.43 -37.05
N ASN F 139 -14.20 5.34 -35.73
CA ASN F 139 -13.18 6.08 -34.99
C ASN F 139 -11.90 5.25 -35.00
N LEU F 140 -10.94 5.65 -35.82
CA LEU F 140 -9.69 4.89 -35.92
C LEU F 140 -8.92 4.94 -34.61
N SER F 141 -8.96 6.07 -33.91
CA SER F 141 -8.18 6.22 -32.69
C SER F 141 -8.70 5.32 -31.58
N THR F 142 -10.00 5.04 -31.54
CA THR F 142 -10.58 4.17 -30.53
C THR F 142 -11.05 2.84 -31.08
N GLY F 143 -10.99 2.63 -32.40
CA GLY F 143 -11.44 1.39 -32.99
C GLY F 143 -12.90 1.10 -32.81
N LYS F 144 -13.74 2.14 -32.79
CA LYS F 144 -15.17 1.99 -32.61
C LYS F 144 -15.91 2.79 -33.67
N PRO F 145 -17.13 2.38 -33.99
CA PRO F 145 -17.96 3.18 -34.92
C PRO F 145 -18.48 4.43 -34.21
N LYS F 146 -18.15 5.59 -34.76
CA LYS F 146 -18.64 6.86 -34.26
C LYS F 146 -19.74 7.36 -35.17
N PHE F 147 -20.92 7.60 -34.59
CA PHE F 147 -22.11 7.98 -35.35
C PHE F 147 -22.44 9.42 -35.02
N PHE F 148 -22.22 10.32 -35.99
CA PHE F 148 -22.61 11.71 -35.84
C PHE F 148 -24.11 11.85 -36.08
N LYS F 149 -24.79 12.61 -35.22
CA LYS F 149 -26.22 12.77 -35.38
C LYS F 149 -26.66 14.06 -34.70
N THR F 150 -27.78 14.60 -35.17
CA THR F 150 -28.40 15.74 -34.53
C THR F 150 -28.95 15.32 -33.17
N PRO F 151 -29.04 16.25 -32.22
CA PRO F 151 -29.56 15.89 -30.90
C PRO F 151 -31.05 15.62 -30.88
N HIS F 152 -31.50 14.56 -31.56
CA HIS F 152 -32.90 14.17 -31.46
C HIS F 152 -33.23 13.70 -30.05
N ASN F 153 -32.32 12.94 -29.44
CA ASN F 153 -32.45 12.62 -28.02
C ASN F 153 -31.70 13.68 -27.22
N PRO F 154 -32.39 14.48 -26.40
CA PRO F 154 -31.75 15.67 -25.82
C PRO F 154 -30.67 15.35 -24.79
N MET F 155 -30.54 14.11 -24.36
CA MET F 155 -29.68 13.78 -23.23
C MET F 155 -28.21 13.62 -23.62
N PHE F 156 -27.87 13.75 -24.89
CA PHE F 156 -26.48 13.64 -25.31
C PHE F 156 -25.98 14.94 -25.94
N THR F 157 -24.70 15.23 -25.74
CA THR F 157 -24.09 16.43 -26.31
C THR F 157 -22.62 16.13 -26.59
N MET F 158 -22.35 15.67 -27.81
CA MET F 158 -20.98 15.54 -28.30
C MET F 158 -20.79 16.03 -29.73
N ASP F 159 -21.83 16.03 -30.56
CA ASP F 159 -21.72 16.46 -31.94
C ASP F 159 -22.50 17.74 -32.23
N ARG F 160 -23.12 18.34 -31.21
CA ARG F 160 -23.91 19.56 -31.44
C ARG F 160 -23.05 20.66 -32.04
N GLU F 161 -21.90 20.95 -31.42
CA GLU F 161 -21.01 21.99 -31.89
C GLU F 161 -19.96 21.48 -32.87
N ILE F 162 -20.25 20.38 -33.56
CA ILE F 162 -19.36 19.83 -34.58
C ILE F 162 -19.88 20.26 -35.94
N ARG F 163 -19.00 20.83 -36.76
CA ARG F 163 -19.40 21.29 -38.09
C ARG F 163 -19.80 20.11 -38.96
N LEU F 164 -20.82 20.32 -39.78
CA LEU F 164 -21.31 19.26 -40.66
C LEU F 164 -20.23 18.84 -41.66
N ILE F 165 -19.43 19.79 -42.14
CA ILE F 165 -18.39 19.46 -43.10
C ILE F 165 -17.33 18.56 -42.49
N ASP F 166 -17.19 18.56 -41.17
CA ASP F 166 -16.27 17.62 -40.52
C ASP F 166 -16.81 16.20 -40.55
N ALA F 167 -18.10 16.04 -40.25
CA ALA F 167 -18.72 14.72 -40.31
C ALA F 167 -18.78 14.21 -41.75
N ALA F 168 -19.09 15.09 -42.70
CA ALA F 168 -19.15 14.69 -44.10
C ALA F 168 -17.79 14.24 -44.60
N MET F 169 -16.74 14.96 -44.22
CA MET F 169 -15.39 14.57 -44.64
C MET F 169 -14.93 13.31 -43.93
N ALA F 170 -15.40 13.08 -42.70
CA ALA F 170 -14.99 11.88 -41.97
C ALA F 170 -15.61 10.62 -42.57
N THR F 171 -16.92 10.66 -42.83
CA THR F 171 -17.62 9.46 -43.30
C THR F 171 -17.25 9.08 -44.73
N SER F 172 -16.71 10.02 -45.51
CA SER F 172 -16.34 9.76 -46.89
C SER F 172 -14.87 9.46 -47.05
N ALA F 173 -14.13 9.34 -45.96
CA ALA F 173 -12.69 9.09 -46.01
C ALA F 173 -12.46 7.59 -46.22
N ALA F 174 -12.50 7.18 -47.48
CA ALA F 174 -12.25 5.79 -47.82
C ALA F 174 -10.84 5.39 -47.39
N PRO F 175 -10.66 4.24 -46.73
CA PRO F 175 -9.34 3.92 -46.17
C PRO F 175 -8.23 3.87 -47.20
N THR F 176 -8.55 3.53 -48.45
CA THR F 176 -7.53 3.44 -49.50
C THR F 176 -7.50 4.65 -50.41
N TYR F 177 -8.65 5.31 -50.62
CA TYR F 177 -8.75 6.39 -51.59
C TYR F 177 -8.69 7.78 -50.98
N PHE F 178 -8.72 7.90 -49.65
CA PHE F 178 -8.64 9.20 -49.01
C PHE F 178 -7.91 9.06 -47.68
N LYS F 179 -7.23 10.12 -47.27
CA LYS F 179 -6.58 10.12 -45.98
C LYS F 179 -7.61 10.15 -44.86
N PRO F 180 -7.29 9.59 -43.69
CA PRO F 180 -8.22 9.66 -42.57
C PRO F 180 -8.44 11.09 -42.12
N HIS F 181 -9.70 11.52 -42.14
CA HIS F 181 -10.04 12.88 -41.74
C HIS F 181 -9.83 13.04 -40.24
N TYR F 182 -9.13 14.10 -39.85
CA TYR F 182 -8.80 14.38 -38.46
C TYR F 182 -9.68 15.54 -37.97
N ILE F 183 -10.60 15.24 -37.07
CA ILE F 183 -11.46 16.27 -36.49
C ILE F 183 -10.70 16.94 -35.35
N GLU F 184 -10.57 18.26 -35.43
CA GLU F 184 -9.83 18.99 -34.40
C GLU F 184 -10.62 19.13 -33.11
N LYS F 185 -11.95 19.16 -33.19
CA LYS F 185 -12.75 19.28 -31.98
C LYS F 185 -12.72 17.99 -31.15
N LEU F 186 -12.62 16.84 -31.80
CA LEU F 186 -12.56 15.55 -31.12
C LEU F 186 -11.14 15.01 -30.99
N GLU F 187 -10.18 15.59 -31.69
CA GLU F 187 -8.78 15.15 -31.67
C GLU F 187 -8.63 13.68 -32.06
N ASN F 188 -9.57 13.18 -32.87
CA ASN F 188 -9.59 11.78 -33.27
C ASN F 188 -9.61 11.69 -34.79
N TYR F 189 -9.01 10.63 -35.31
CA TYR F 189 -9.00 10.36 -36.75
C TYR F 189 -10.13 9.41 -37.10
N PHE F 190 -10.73 9.63 -38.27
CA PHE F 190 -11.88 8.86 -38.72
C PHE F 190 -11.66 8.37 -40.14
N ALA F 191 -12.30 7.26 -40.47
CA ALA F 191 -12.23 6.67 -41.80
C ALA F 191 -13.65 6.48 -42.34
N ASP F 192 -13.74 5.79 -43.48
CA ASP F 192 -15.03 5.61 -44.15
C ASP F 192 -16.01 4.87 -43.26
N GLY F 193 -17.26 5.33 -43.27
CA GLY F 193 -18.31 4.64 -42.54
C GLY F 193 -18.81 3.37 -43.20
N GLY F 194 -18.38 3.11 -44.44
CA GLY F 194 -18.75 1.88 -45.11
C GLY F 194 -18.09 0.66 -44.52
N LEU F 195 -17.03 0.84 -43.74
CA LEU F 195 -16.43 -0.29 -43.03
C LEU F 195 -17.39 -0.87 -42.00
N VAL F 196 -18.19 -0.03 -41.36
CA VAL F 196 -19.09 -0.46 -40.30
C VAL F 196 -20.44 -0.83 -40.86
N ALA F 197 -21.04 0.08 -41.63
CA ALA F 197 -22.38 -0.13 -42.19
C ALA F 197 -22.46 0.57 -43.54
N ASN F 198 -22.21 -0.18 -44.62
CA ASN F 198 -22.36 0.38 -45.95
C ASN F 198 -23.83 0.59 -46.30
N ASN F 199 -24.73 -0.17 -45.68
CA ASN F 199 -26.17 -0.01 -45.84
C ASN F 199 -26.75 0.40 -44.49
N PRO F 200 -26.92 1.69 -44.23
CA PRO F 200 -27.39 2.13 -42.92
C PRO F 200 -28.89 2.02 -42.71
N SER F 201 -29.60 1.26 -43.54
CA SER F 201 -31.04 1.15 -43.39
C SER F 201 -31.41 0.40 -42.11
N TYR F 202 -30.65 -0.65 -41.76
CA TYR F 202 -30.97 -1.41 -40.57
C TYR F 202 -30.74 -0.60 -39.30
N ILE F 203 -29.58 0.05 -39.20
CA ILE F 203 -29.30 0.86 -38.02
C ILE F 203 -30.20 2.09 -37.96
N GLY F 204 -30.75 2.52 -39.10
CA GLY F 204 -31.71 3.61 -39.09
C GLY F 204 -32.99 3.24 -38.38
N ILE F 205 -33.44 1.99 -38.53
CA ILE F 205 -34.64 1.54 -37.83
C ILE F 205 -34.37 1.47 -36.33
N ARG F 206 -33.16 1.06 -35.93
CA ARG F 206 -32.83 0.99 -34.52
C ARG F 206 -32.82 2.38 -33.89
N GLU F 207 -32.35 3.39 -34.63
CA GLU F 207 -32.27 4.74 -34.11
C GLU F 207 -33.66 5.27 -33.73
N VAL F 208 -34.66 4.98 -34.55
CA VAL F 208 -36.02 5.46 -34.26
C VAL F 208 -36.55 4.84 -32.98
N LEU F 209 -36.30 3.54 -32.78
CA LEU F 209 -36.86 2.81 -31.66
C LEU F 209 -36.04 2.91 -30.38
N ILE F 210 -34.84 3.51 -30.45
CA ILE F 210 -33.94 3.58 -29.31
C ILE F 210 -33.62 5.01 -28.91
N ASP F 211 -33.25 5.85 -29.89
CA ASP F 211 -32.87 7.23 -29.60
C ASP F 211 -34.03 8.20 -29.75
N MET F 212 -34.84 8.05 -30.79
CA MET F 212 -35.92 9.01 -31.07
C MET F 212 -37.21 8.62 -30.36
N LYS F 213 -37.12 8.42 -29.05
CA LYS F 213 -38.28 8.08 -28.23
C LYS F 213 -38.96 9.30 -27.63
N ASN F 214 -38.45 10.51 -27.90
CA ASN F 214 -39.08 11.73 -27.42
C ASN F 214 -40.12 12.25 -28.41
N ASP F 215 -39.75 12.33 -29.69
CA ASP F 215 -40.72 12.71 -30.72
C ASP F 215 -41.69 11.58 -31.04
N PHE F 216 -41.22 10.33 -30.97
CA PHE F 216 -42.04 9.15 -31.28
C PHE F 216 -41.92 8.17 -30.12
N PRO F 217 -42.64 8.42 -29.03
CA PRO F 217 -42.57 7.49 -27.88
C PRO F 217 -43.11 6.11 -28.21
N ASP F 218 -44.33 6.02 -28.74
CA ASP F 218 -44.94 4.74 -29.07
C ASP F 218 -44.62 4.38 -30.52
N ALA F 219 -43.36 4.01 -30.73
CA ALA F 219 -42.84 3.67 -32.05
C ALA F 219 -42.59 2.17 -32.12
N LYS F 220 -43.08 1.55 -33.19
CA LYS F 220 -42.89 0.13 -33.46
C LYS F 220 -42.36 -0.04 -34.87
N PRO F 221 -41.65 -1.12 -35.16
CA PRO F 221 -41.19 -1.36 -36.53
C PRO F 221 -42.32 -1.51 -37.53
N GLU F 222 -43.53 -1.85 -37.07
CA GLU F 222 -44.68 -1.91 -37.97
C GLU F 222 -45.00 -0.53 -38.54
N ASN F 223 -44.89 0.52 -37.72
CA ASN F 223 -45.14 1.89 -38.15
C ASN F 223 -43.90 2.58 -38.67
N ILE F 224 -42.91 1.84 -39.12
CA ILE F 224 -41.67 2.40 -39.65
C ILE F 224 -41.55 2.01 -41.11
N LYS F 225 -41.38 3.00 -41.98
CA LYS F 225 -41.22 2.80 -43.41
C LYS F 225 -39.84 3.29 -43.82
N VAL F 226 -39.11 2.47 -44.57
CA VAL F 226 -37.74 2.76 -44.95
C VAL F 226 -37.66 2.86 -46.46
N LEU F 227 -37.05 3.93 -46.95
CA LEU F 227 -36.78 4.12 -48.37
C LEU F 227 -35.27 4.09 -48.56
N ASN F 228 -34.74 2.88 -48.74
CA ASN F 228 -33.31 2.69 -48.93
C ASN F 228 -32.99 2.80 -50.40
N ILE F 229 -32.25 3.84 -50.77
CA ILE F 229 -31.80 4.04 -52.14
C ILE F 229 -30.35 3.60 -52.23
N GLY F 230 -30.09 2.54 -53.01
CA GLY F 230 -28.76 2.01 -53.14
C GLY F 230 -27.89 2.83 -54.06
N THR F 231 -26.64 2.42 -54.16
CA THR F 231 -25.68 3.07 -55.04
C THR F 231 -25.18 2.08 -56.08
N LEU F 232 -26.10 1.35 -56.70
CA LEU F 232 -25.78 0.30 -57.67
C LEU F 232 -24.85 -0.73 -57.02
N SER F 233 -25.34 -1.33 -55.93
CA SER F 233 -24.55 -2.28 -55.17
C SER F 233 -24.23 -3.51 -56.01
N GLU F 234 -22.97 -3.92 -55.99
CA GLU F 234 -22.49 -5.08 -56.73
C GLU F 234 -22.15 -6.19 -55.75
N ASP F 235 -22.79 -7.34 -55.92
CA ASP F 235 -22.51 -8.47 -55.04
C ASP F 235 -21.12 -9.00 -55.29
N TYR F 236 -20.20 -8.69 -54.37
CA TYR F 236 -18.81 -9.10 -54.50
C TYR F 236 -18.64 -10.55 -54.07
N CYS F 237 -17.80 -11.27 -54.81
CA CYS F 237 -17.49 -12.66 -54.48
C CYS F 237 -16.15 -13.01 -55.10
N ILE F 238 -15.50 -14.02 -54.54
CA ILE F 238 -14.21 -14.46 -55.06
C ILE F 238 -14.43 -15.30 -56.31
N SER F 239 -13.53 -15.16 -57.28
CA SER F 239 -13.69 -15.86 -58.54
C SER F 239 -13.59 -17.37 -58.32
N PRO F 240 -14.45 -18.17 -58.95
CA PRO F 240 -14.35 -19.63 -58.77
C PRO F 240 -13.02 -20.21 -59.18
N GLU F 241 -12.40 -19.66 -60.23
CA GLU F 241 -11.10 -20.18 -60.66
C GLU F 241 -10.04 -19.92 -59.59
N THR F 242 -10.02 -18.72 -59.01
CA THR F 242 -9.06 -18.43 -57.94
C THR F 242 -9.39 -19.21 -56.68
N LEU F 243 -10.67 -19.39 -56.37
CA LEU F 243 -11.06 -20.14 -55.19
C LEU F 243 -10.74 -21.63 -55.31
N SER F 244 -10.47 -22.11 -56.51
CA SER F 244 -10.17 -23.52 -56.74
C SER F 244 -8.69 -23.77 -57.01
N LYS F 245 -8.01 -22.86 -57.71
CA LYS F 245 -6.61 -23.06 -58.03
C LYS F 245 -5.66 -22.44 -57.02
N ASN F 246 -6.09 -21.38 -56.33
CA ASN F 246 -5.24 -20.67 -55.39
C ASN F 246 -5.73 -20.76 -53.95
N SER F 247 -6.67 -21.67 -53.66
CA SER F 247 -7.17 -21.80 -52.29
C SER F 247 -6.08 -22.21 -51.32
N GLY F 248 -5.14 -23.04 -51.76
CA GLY F 248 -4.04 -23.46 -50.92
C GLY F 248 -2.90 -22.47 -50.81
N LYS F 249 -2.96 -21.36 -51.55
CA LYS F 249 -1.95 -20.32 -51.50
C LYS F 249 -2.38 -19.23 -50.53
N GLY F 250 -1.62 -18.14 -50.48
CA GLY F 250 -1.92 -17.07 -49.53
C GLY F 250 -1.51 -15.72 -50.08
N TYR F 251 -2.21 -14.68 -49.63
CA TYR F 251 -1.96 -13.29 -49.99
C TYR F 251 -1.74 -13.08 -51.49
N LEU F 252 -0.52 -13.31 -51.97
CA LEU F 252 -0.18 -12.92 -53.34
C LEU F 252 -1.14 -13.51 -54.36
N SER F 253 -1.57 -14.76 -54.16
CA SER F 253 -2.52 -15.38 -55.08
C SER F 253 -3.96 -15.25 -54.59
N LEU F 254 -4.25 -15.79 -53.41
CA LEU F 254 -5.56 -15.67 -52.79
C LEU F 254 -5.52 -14.60 -51.73
N TRP F 255 -6.56 -13.76 -51.68
CA TRP F 255 -6.55 -12.51 -50.92
C TRP F 255 -5.40 -11.61 -51.37
N ASN F 256 -5.52 -11.13 -52.61
CA ASN F 256 -4.44 -10.31 -53.17
C ASN F 256 -4.22 -9.08 -52.29
N MET F 257 -3.10 -9.07 -51.56
CA MET F 257 -2.87 -8.12 -50.49
C MET F 257 -4.08 -8.09 -49.56
N GLY F 258 -4.46 -6.91 -49.09
CA GLY F 258 -5.64 -6.84 -48.27
C GLY F 258 -6.94 -6.70 -49.03
N GLU F 259 -6.88 -6.70 -50.37
CA GLU F 259 -8.05 -6.30 -51.17
C GLU F 259 -9.21 -7.26 -50.98
N ARG F 260 -8.97 -8.56 -51.15
CA ARG F 260 -10.07 -9.52 -51.10
C ARG F 260 -10.60 -9.73 -49.69
N ILE F 261 -9.77 -9.57 -48.67
CA ILE F 261 -10.26 -9.73 -47.30
C ILE F 261 -11.17 -8.58 -46.90
N VAL F 262 -10.76 -7.34 -47.21
CA VAL F 262 -11.58 -6.19 -46.86
C VAL F 262 -12.87 -6.18 -47.70
N LEU F 263 -12.75 -6.46 -48.99
CA LEU F 263 -13.93 -6.42 -49.86
C LEU F 263 -14.94 -7.47 -49.45
N SER F 264 -14.48 -8.68 -49.11
CA SER F 264 -15.38 -9.70 -48.60
C SER F 264 -16.00 -9.29 -47.28
N THR F 265 -15.20 -8.67 -46.40
CA THR F 265 -15.72 -8.27 -45.09
C THR F 265 -16.81 -7.21 -45.21
N MET F 266 -16.62 -6.21 -46.07
CA MET F 266 -17.64 -5.18 -46.24
C MET F 266 -18.90 -5.75 -46.88
N THR F 267 -18.76 -6.50 -47.98
CA THR F 267 -19.93 -6.97 -48.69
C THR F 267 -20.70 -8.02 -47.89
N ALA F 268 -19.99 -8.85 -47.11
CA ALA F 268 -20.68 -9.84 -46.28
C ALA F 268 -21.36 -9.17 -45.09
N ASN F 269 -20.70 -8.20 -44.46
CA ASN F 269 -21.34 -7.46 -43.38
C ASN F 269 -22.53 -6.66 -43.90
N GLN F 270 -22.36 -6.01 -45.05
CA GLN F 270 -23.47 -5.25 -45.63
C GLN F 270 -24.63 -6.17 -45.99
N HIS F 271 -24.33 -7.36 -46.51
CA HIS F 271 -25.37 -8.36 -46.70
C HIS F 271 -25.99 -8.76 -45.37
N LEU F 272 -25.17 -8.87 -44.33
CA LEU F 272 -25.66 -9.33 -43.03
C LEU F 272 -26.69 -8.36 -42.46
N GLN F 273 -26.39 -7.07 -42.46
CA GLN F 273 -27.33 -6.10 -41.91
C GLN F 273 -28.62 -6.05 -42.71
N ARG F 274 -28.52 -6.17 -44.04
CA ARG F 274 -29.73 -6.24 -44.86
C ARG F 274 -30.51 -7.50 -44.55
N PHE F 275 -29.82 -8.60 -44.28
CA PHE F 275 -30.51 -9.85 -43.97
C PHE F 275 -31.32 -9.73 -42.69
N MET F 276 -30.76 -9.09 -41.65
CA MET F 276 -31.53 -8.85 -40.44
C MET F 276 -32.72 -7.96 -40.71
N LEU F 277 -32.56 -6.97 -41.58
CA LEU F 277 -33.68 -6.11 -41.96
C LEU F 277 -34.79 -6.91 -42.62
N LEU F 278 -34.42 -7.77 -43.57
CA LEU F 278 -35.41 -8.58 -44.27
C LEU F 278 -36.05 -9.59 -43.33
N ARG F 279 -35.23 -10.27 -42.52
CA ARG F 279 -35.75 -11.29 -41.62
C ARG F 279 -36.70 -10.71 -40.58
N GLU F 280 -36.37 -9.52 -40.06
CA GLU F 280 -37.24 -8.90 -39.05
C GLU F 280 -38.60 -8.53 -39.65
N PHE F 281 -38.61 -8.03 -40.89
CA PHE F 281 -39.86 -7.60 -41.48
C PHE F 281 -40.74 -8.78 -41.88
N GLU F 282 -40.15 -9.89 -42.32
CA GLU F 282 -40.96 -11.08 -42.61
C GLU F 282 -41.60 -11.64 -41.36
N ALA F 283 -40.93 -11.53 -40.21
CA ALA F 283 -41.51 -12.01 -38.96
C ALA F 283 -42.78 -11.25 -38.62
N LEU F 284 -42.78 -9.94 -38.83
CA LEU F 284 -43.95 -9.11 -38.57
C LEU F 284 -44.85 -8.97 -39.80
N LYS F 285 -44.51 -9.61 -40.92
CA LYS F 285 -45.28 -9.54 -42.16
C LYS F 285 -45.47 -8.09 -42.60
N ILE F 286 -44.40 -7.32 -42.57
CA ILE F 286 -44.42 -5.91 -42.97
C ILE F 286 -43.35 -5.67 -44.02
N GLU F 287 -43.07 -6.68 -44.85
CA GLU F 287 -42.03 -6.57 -45.86
C GLU F 287 -42.24 -5.40 -46.81
N LYS F 288 -43.49 -4.96 -46.99
CA LYS F 288 -43.76 -3.82 -47.86
C LYS F 288 -43.17 -2.52 -47.33
N ASN F 289 -42.88 -2.45 -46.03
CA ASN F 289 -42.30 -1.24 -45.47
C ASN F 289 -40.93 -0.95 -46.05
N TYR F 290 -40.11 -1.99 -46.23
CA TYR F 290 -38.77 -1.82 -46.76
C TYR F 290 -38.85 -1.63 -48.26
N VAL F 291 -38.96 -0.37 -48.69
CA VAL F 291 -38.98 -0.03 -50.10
C VAL F 291 -37.54 0.26 -50.52
N GLU F 292 -36.89 -0.75 -51.10
CA GLU F 292 -35.49 -0.63 -51.50
C GLU F 292 -35.43 -0.42 -53.01
N ILE F 293 -34.78 0.65 -53.44
CA ILE F 293 -34.63 0.95 -54.85
C ILE F 293 -33.17 0.78 -55.25
N ASP F 294 -32.81 -0.39 -55.72
CA ASP F 294 -31.45 -0.67 -56.17
C ASP F 294 -31.51 -1.76 -57.23
N GLU F 295 -30.46 -1.83 -58.04
CA GLU F 295 -30.40 -2.82 -59.10
C GLU F 295 -28.95 -3.20 -59.36
N THR F 296 -28.76 -4.39 -59.91
CA THR F 296 -27.44 -4.84 -60.30
C THR F 296 -27.01 -4.14 -61.59
N ILE F 297 -25.70 -4.08 -61.79
CA ILE F 297 -25.13 -3.46 -62.98
C ILE F 297 -24.72 -4.57 -63.96
N PRO F 298 -24.77 -4.34 -65.27
CA PRO F 298 -24.39 -5.39 -66.21
C PRO F 298 -22.91 -5.72 -66.12
N ASN F 299 -22.60 -6.98 -66.44
CA ASN F 299 -21.22 -7.44 -66.34
C ASN F 299 -20.30 -6.69 -67.30
N GLU F 300 -20.81 -6.27 -68.45
CA GLU F 300 -19.99 -5.50 -69.38
C GLU F 300 -19.62 -4.15 -68.80
N ALA F 301 -20.53 -3.52 -68.06
CA ALA F 301 -20.25 -2.23 -67.44
C ALA F 301 -19.46 -2.37 -66.15
N ALA F 302 -19.22 -3.59 -65.66
CA ALA F 302 -18.46 -3.76 -64.43
C ALA F 302 -17.03 -3.27 -64.59
N ALA F 303 -16.42 -3.55 -65.75
CA ALA F 303 -15.05 -3.10 -65.99
C ALA F 303 -14.94 -1.59 -66.13
N GLU F 304 -16.04 -0.89 -66.35
CA GLU F 304 -16.01 0.55 -66.56
C GLU F 304 -16.75 1.35 -65.50
N ILE F 305 -17.86 0.85 -64.97
CA ILE F 305 -18.64 1.57 -63.97
C ILE F 305 -18.17 1.07 -62.61
N THR F 306 -17.22 1.81 -62.03
CA THR F 306 -16.72 1.54 -60.69
C THR F 306 -16.79 2.84 -59.89
N LEU F 307 -16.50 2.74 -58.60
CA LEU F 307 -16.37 3.94 -57.80
C LEU F 307 -15.12 4.70 -58.21
N ASP F 308 -15.04 5.95 -57.76
CA ASP F 308 -13.93 6.87 -58.06
C ASP F 308 -13.67 7.02 -59.57
N ASN F 309 -14.64 6.63 -60.39
CA ASN F 309 -14.55 6.82 -61.84
C ASN F 309 -15.41 8.02 -62.23
N ALA F 310 -14.77 9.06 -62.76
CA ALA F 310 -15.44 10.31 -63.11
C ALA F 310 -15.47 10.54 -64.62
N SER F 311 -15.41 9.48 -65.41
CA SER F 311 -15.50 9.63 -66.85
C SER F 311 -16.89 10.10 -67.24
N GLU F 312 -16.93 11.06 -68.18
CA GLU F 312 -18.21 11.65 -68.57
C GLU F 312 -19.15 10.63 -69.18
N GLY F 313 -18.61 9.58 -69.82
CA GLY F 313 -19.46 8.51 -70.29
C GLY F 313 -20.10 7.73 -69.15
N CYS F 314 -19.32 7.44 -68.11
CA CYS F 314 -19.86 6.72 -66.96
C CYS F 314 -20.87 7.56 -66.21
N LEU F 315 -20.62 8.87 -66.09
CA LEU F 315 -21.53 9.74 -65.34
C LEU F 315 -22.93 9.74 -65.96
N LYS F 316 -23.00 9.74 -67.30
CA LYS F 316 -24.30 9.68 -67.96
C LYS F 316 -25.04 8.39 -67.65
N ALA F 317 -24.29 7.28 -67.53
CA ALA F 317 -24.91 6.01 -67.18
C ALA F 317 -25.54 6.06 -65.80
N LEU F 318 -24.85 6.68 -64.83
CA LEU F 318 -25.42 6.84 -63.50
C LEU F 318 -26.68 7.70 -63.53
N ARG F 319 -26.65 8.81 -64.28
CA ARG F 319 -27.83 9.65 -64.41
C ARG F 319 -28.96 8.91 -65.11
N GLY F 320 -28.64 8.18 -66.19
CA GLY F 320 -29.67 7.46 -66.91
C GLY F 320 -30.35 6.40 -66.05
N SER F 321 -29.57 5.68 -65.25
CA SER F 321 -30.15 4.68 -64.35
C SER F 321 -31.07 5.33 -63.33
N GLY F 322 -30.66 6.48 -62.79
CA GLY F 322 -31.49 7.16 -61.80
C GLY F 322 -32.81 7.65 -62.38
N LYS F 323 -32.76 8.23 -63.58
CA LYS F 323 -33.98 8.72 -64.21
C LYS F 323 -34.95 7.58 -64.51
N LYS F 324 -34.43 6.48 -65.05
CA LYS F 324 -35.31 5.37 -65.43
C LYS F 324 -35.83 4.61 -64.22
N LEU F 325 -35.03 4.51 -63.15
CA LEU F 325 -35.47 3.79 -61.96
C LEU F 325 -36.58 4.54 -61.24
N ALA F 326 -36.45 5.87 -61.14
CA ALA F 326 -37.47 6.67 -60.46
C ALA F 326 -38.81 6.58 -61.19
N ALA F 327 -38.79 6.63 -62.53
CA ALA F 327 -40.03 6.61 -63.29
C ALA F 327 -40.74 5.27 -63.18
N GLU F 328 -40.00 4.17 -63.38
CA GLU F 328 -40.63 2.84 -63.33
C GLU F 328 -41.14 2.53 -61.93
N ARG F 329 -40.33 2.82 -60.91
CA ARG F 329 -40.73 2.48 -59.54
C ARG F 329 -41.93 3.30 -59.09
N TYR F 330 -42.00 4.57 -59.51
CA TYR F 330 -43.12 5.42 -59.09
C TYR F 330 -44.45 4.88 -59.60
N THR F 331 -44.48 4.45 -60.87
CA THR F 331 -45.72 3.91 -61.43
C THR F 331 -46.09 2.57 -60.81
N LYS F 332 -45.09 1.71 -60.58
CA LYS F 332 -45.34 0.36 -60.09
C LYS F 332 -45.48 0.32 -58.57
N ASN F 333 -44.45 0.77 -57.84
CA ASN F 333 -44.42 0.66 -56.39
C ASN F 333 -45.38 1.68 -55.79
N GLU F 334 -46.52 1.19 -55.30
CA GLU F 334 -47.47 2.08 -54.62
C GLU F 334 -46.88 2.64 -53.33
N GLU F 335 -46.12 1.81 -52.61
CA GLU F 335 -45.56 2.26 -51.33
C GLU F 335 -44.58 3.41 -51.53
N LEU F 336 -43.88 3.45 -52.68
CA LEU F 336 -42.99 4.56 -52.96
C LEU F 336 -43.77 5.87 -53.08
N ARG F 337 -44.93 5.83 -53.73
CA ARG F 337 -45.76 7.02 -53.87
C ARG F 337 -46.32 7.48 -52.52
N ASN F 338 -46.66 6.54 -51.63
CA ASN F 338 -47.22 6.86 -50.34
C ASN F 338 -46.25 7.61 -49.43
N PHE F 339 -44.96 7.63 -49.79
CA PHE F 339 -43.97 8.26 -48.92
C PHE F 339 -44.06 9.78 -48.98
N PHE F 340 -44.51 10.33 -50.11
CA PHE F 340 -44.57 11.77 -50.33
C PHE F 340 -45.99 12.31 -50.22
N LEU F 341 -46.90 11.55 -49.61
CA LEU F 341 -48.27 12.01 -49.44
C LEU F 341 -48.38 13.12 -48.40
N LYS F 342 -47.40 13.26 -47.53
CA LYS F 342 -47.44 14.27 -46.48
C LYS F 342 -46.02 14.60 -46.05
N LYS F 343 -45.76 15.88 -45.80
CA LYS F 343 -44.45 16.34 -45.36
C LYS F 343 -44.22 15.97 -43.90
N ALA F 344 -42.97 15.67 -43.57
CA ALA F 344 -42.60 15.34 -42.21
C ALA F 344 -42.49 16.59 -41.36
N GLU F 345 -42.84 16.46 -40.09
CA GLU F 345 -42.77 17.60 -39.17
C GLU F 345 -41.31 18.03 -38.98
N PRO F 346 -41.05 19.33 -38.90
CA PRO F 346 -39.67 19.78 -38.71
C PRO F 346 -39.14 19.36 -37.34
N PHE F 347 -37.81 19.18 -37.30
CA PHE F 347 -37.13 18.77 -36.07
C PHE F 347 -36.68 20.00 -35.30
N VAL F 348 -37.21 20.17 -34.10
CA VAL F 348 -36.82 21.25 -33.20
C VAL F 348 -36.07 20.62 -32.02
N PRO F 349 -34.77 20.85 -31.89
CA PRO F 349 -34.01 20.25 -30.78
C PRO F 349 -34.52 20.74 -29.43
N TYR F 350 -34.64 19.82 -28.48
CA TYR F 350 -35.10 20.16 -27.15
C TYR F 350 -33.91 20.47 -26.23
OAC 4BW G . 8.42 -11.34 38.52
CBC 4BW G . 8.45 -10.26 37.93
NAT 4BW G . 9.51 -9.37 38.17
CBA 4BW G . 9.68 -8.14 37.58
NAA 4BW G . 10.77 -7.43 37.96
NAS 4BW G . 8.84 -7.66 36.69
CBG 4BW G . 7.81 -8.47 36.43
CBE 4BW G . 7.56 -9.73 36.97
NAR 4BW G . 6.39 -10.25 36.43
CAL 4BW G . 5.97 -9.34 35.59
NBQ 4BW G . 6.79 -8.24 35.54
CBO 4BW G . 6.61 -7.03 34.73
CBI 4BW G . 6.30 -5.79 35.56
OAG 4BW G . 5.06 -5.26 35.16
OAX 4BW G . 7.76 -6.78 33.94
CBK 4BW G . 8.04 -5.37 33.92
CAN 4BW G . 9.51 -5.10 33.73
OAV 4BW G . 10.27 -5.92 34.61
PBR 4BW G . 11.77 -5.55 35.12
O3' 4BW G . 11.82 -3.92 35.00
OAH 4BW G . 11.91 -5.82 36.58
OAD 4BW G . 12.70 -6.16 34.12
CBM 4BW G . 7.46 -4.84 35.23
OAZ 4BW G . 7.11 -3.49 35.07
PBS 4BW G . 7.20 -2.43 36.31
OAI 4BW G . 6.73 -3.11 37.56
OAE 4BW G . 6.58 -1.18 35.84
O5' 4BW G . 8.80 -2.26 36.47
C5' 4BW G . 9.57 -1.73 35.38
C4' 4BW G . 11.03 -1.76 35.70
O4' 4BW G . 11.32 -0.86 36.79
C3' 4BW G . 11.64 -3.09 36.14
C2' 4BW G . 12.87 -2.66 36.94
O2' 4BW G . 13.90 -2.32 36.06
C1' 4BW G . 12.32 -1.39 37.62
N9 4BW G . 11.75 -1.62 38.96
C8 4BW G . 10.78 -2.52 39.34
N7 4BW G . 10.50 -2.46 40.62
C5 4BW G . 11.31 -1.46 41.11
C4 4BW G . 12.10 -0.93 40.09
N3 4BW G . 13.00 0.05 40.21
C2 4BW G . 13.07 0.50 41.46
N1 4BW G . 12.39 0.07 42.53
C6 4BW G . 11.48 -0.91 42.38
N6 4BW G . 10.80 -1.33 43.47
OAC 4BW H . 22.24 26.46 46.96
CBC 4BW H . 22.33 25.31 47.38
NAT 4BW H . 22.15 24.21 46.52
CBA 4BW H . 22.23 22.90 46.87
NAA 4BW H . 22.03 21.98 45.89
NAS 4BW H . 22.50 22.50 48.09
CBG 4BW H . 22.69 23.51 48.96
CBE 4BW H . 22.63 24.88 48.71
NAR 4BW H . 22.87 25.59 49.86
CAL 4BW H . 23.08 24.70 50.78
NBQ 4BW H . 22.98 23.40 50.30
CBO 4BW H . 23.15 22.17 51.07
CBI 4BW H . 21.89 21.28 51.06
OAG 4BW H . 21.45 21.12 52.39
OAX 4BW H . 24.23 21.41 50.58
CBK 4BW H . 23.92 20.01 50.63
CAN 4BW H . 24.70 19.25 49.56
OAV 4BW H . 24.41 19.76 48.27
PBR 4BW H . 24.77 18.98 46.89
O3' 4BW H . 24.30 17.44 47.19
OAH 4BW H . 23.89 19.42 45.77
OAD 4BW H . 26.26 19.04 46.78
CBM 4BW H . 22.41 19.95 50.47
OAZ 4BW H . 21.92 18.78 51.10
PBS 4BW H . 20.58 18.03 50.57
OAI 4BW H . 19.56 19.05 50.17
OAE 4BW H . 20.27 16.99 51.59
O5' 4BW H . 21.12 17.37 49.21
C5' 4BW H . 22.16 16.38 49.26
C4' 4BW H . 22.56 15.93 47.88
O4' 4BW H . 21.46 15.27 47.24
C3' 4BW H . 22.99 17.00 46.89
C2' 4BW H . 22.76 16.31 45.54
O2' 4BW H . 23.83 15.43 45.30
C1' 4BW H . 21.48 15.51 45.85
N9 4BW H . 20.24 16.20 45.47
C8 4BW H . 19.89 17.52 45.65
N7 4BW H . 18.70 17.79 45.20
C5 4BW H . 18.22 16.60 44.69
C4 4BW H . 19.17 15.60 44.85
N3 4BW H . 19.04 14.32 44.48
C2 4BW H . 17.86 14.08 43.91
N1 4BW H . 16.86 14.95 43.70
C6 4BW H . 17.01 16.23 44.08
N6 4BW H . 16.01 17.10 43.86
OAC 4BW I . -12.68 -18.37 -1.46
CBC 4BW I . -12.61 -17.24 -1.96
NAT 4BW I . -11.63 -16.35 -1.53
CBA 4BW I . -11.43 -15.07 -2.01
NAA 4BW I . -10.43 -14.36 -1.48
NAS 4BW I . -12.19 -14.55 -2.96
CBG 4BW I . -13.15 -15.38 -3.40
CBE 4BW I . -13.42 -16.68 -2.97
NAR 4BW I . -14.49 -17.20 -3.67
CAL 4BW I . -14.87 -16.26 -4.49
NBQ 4BW I . -14.09 -15.12 -4.38
CBO 4BW I . -14.24 -13.88 -5.13
CBI 4BW I . -14.67 -12.70 -4.25
OAG 4BW I . -15.92 -12.23 -4.69
OAX 4BW I . -13.04 -13.53 -5.78
CBK 4BW I . -12.87 -12.11 -5.77
CAN 4BW I . -11.42 -11.73 -5.88
OAV 4BW I . -10.64 -12.44 -4.93
PBR 4BW I . -9.13 -12.01 -4.51
O3' 4BW I . -9.19 -10.38 -4.51
OAH 4BW I . -8.85 -12.37 -3.10
OAD 4BW I . -8.26 -12.49 -5.62
CBM 4BW I . -13.55 -11.66 -4.49
OAZ 4BW I . -14.00 -10.33 -4.63
PBS 4BW I . -14.05 -9.29 -3.37
OAI 4BW I . -14.52 -10.01 -2.15
OAE 4BW I . -14.74 -8.08 -3.88
O5' 4BW I . -12.47 -9.02 -3.17
C5' 4BW I . -11.70 -8.46 -4.23
C4' 4BW I . -10.26 -8.36 -3.83
O4' 4BW I . -10.14 -7.46 -2.71
C3' 4BW I . -9.57 -9.64 -3.38
C2' 4BW I . -8.46 -9.11 -2.46
O2' 4BW I . -7.38 -8.67 -3.27
C1' 4BW I . -9.13 -7.90 -1.81
N9 4BW I . -9.75 -8.16 -0.51
C8 4BW I . -10.71 -9.10 -0.19
N7 4BW I . -11.05 -9.06 1.08
C5 4BW I . -10.28 -8.05 1.62
C4 4BW I . -9.48 -7.47 0.64
N3 4BW I . -8.62 -6.47 0.80
C2 4BW I . -8.59 -6.03 2.06
N1 4BW I . -9.32 -6.48 3.10
C6 4BW I . -10.17 -7.50 2.91
N6 4BW I . -10.90 -7.95 3.94
OAC 4BW J . -1.87 20.27 8.92
CBC 4BW J . -1.73 19.12 9.32
NAT 4BW J . -1.87 18.05 8.43
CBA 4BW J . -1.74 16.71 8.74
NAA 4BW J . -1.91 15.82 7.74
NAS 4BW J . -1.46 16.29 9.95
CBG 4BW J . -1.31 17.28 10.84
CBE 4BW J . -1.43 18.66 10.62
NAR 4BW J . -1.21 19.35 11.80
CAL 4BW J . -0.97 18.43 12.70
NBQ 4BW J . -1.02 17.15 12.18
CBO 4BW J . -0.81 15.89 12.89
CBI 4BW J . -2.02 14.95 12.87
OAG 4BW J . -2.45 14.71 14.20
OAX 4BW J . 0.30 15.21 12.34
CBK 4BW J . 0.05 13.80 12.34
CAN 4BW J . 0.83 13.11 11.25
OAV 4BW J . 0.55 13.68 9.98
PBR 4BW J . 0.96 12.97 8.57
O3' 4BW J . 0.61 11.40 8.82
OAH 4BW J . 0.04 13.39 7.48
OAD 4BW J . 2.43 13.16 8.45
CBM 4BW J . -1.46 13.67 12.22
OAZ 4BW J . -1.87 12.46 12.83
PBS 4BW J . -3.14 11.61 12.28
OAI 4BW J . -4.25 12.55 11.90
OAE 4BW J . -3.36 10.52 13.28
O5' 4BW J . -2.54 11.02 10.90
C5' 4BW J . -1.40 10.16 10.94
C4' 4BW J . -0.99 9.76 9.55
O4' 4BW J . -2.06 9.02 8.93
C3' 4BW J . -0.67 10.87 8.56
C2' 4BW J . -0.92 10.20 7.20
O2' 4BW J . 0.22 9.41 6.88
C1' 4BW J . -2.11 9.29 7.54
N9 4BW J . -3.42 9.88 7.23
C8 4BW J . -3.96 11.07 7.66
N7 4BW J . -5.17 11.29 7.19
C5 4BW J . -5.45 10.17 6.43
C4 4BW J . -4.37 9.28 6.44
N3 4BW J . -4.31 8.11 5.81
C2 4BW J . -5.42 7.85 5.14
N1 4BW J . -6.51 8.60 5.03
C6 4BW J . -6.57 9.78 5.68
N6 4BW J . -7.67 10.54 5.56
OAC 4BW K . -31.16 -25.34 -42.53
CBC 4BW K . -31.22 -24.18 -42.94
NAT 4BW K . -30.39 -23.19 -42.37
CBA 4BW K . -30.36 -21.87 -42.73
NAA 4BW K . -29.50 -21.07 -42.07
NAS 4BW K . -31.13 -21.37 -43.69
CBG 4BW K . -31.94 -22.28 -44.26
CBE 4BW K . -32.05 -23.64 -43.97
NAR 4BW K . -32.99 -24.23 -44.77
CAL 4BW K . -33.44 -23.26 -45.54
NBQ 4BW K . -32.85 -22.05 -45.27
CBO 4BW K . -33.12 -20.77 -45.93
CBI 4BW K . -33.51 -19.63 -44.99
OAG 4BW K . -34.75 -19.09 -45.39
OAX 4BW K . -31.99 -20.37 -46.69
CBK 4BW K . -31.77 -18.97 -46.54
CAN 4BW K . -30.30 -18.61 -46.70
OAV 4BW K . -29.53 -19.15 -45.62
PBR 4BW K . -28.10 -18.56 -45.13
O3' 4BW K . -28.34 -16.93 -45.10
OAH 4BW K . -27.82 -18.92 -43.72
OAD 4BW K . -27.14 -18.90 -46.22
CBM 4BW K . -32.34 -18.63 -45.18
OAZ 4BW K . -32.70 -17.26 -45.16
PBS 4BW K . -33.03 -16.49 -43.75
OAI 4BW K . -34.35 -15.80 -43.85
OAE 4BW K . -32.74 -17.47 -42.67
O5' 4BW K . -31.90 -15.33 -43.77
C5' 4BW K . -30.99 -15.24 -44.87
C4' 4BW K . -29.57 -15.03 -44.37
O4' 4BW K . -29.57 -14.19 -43.21
C3' 4BW K . -28.79 -16.26 -43.94
C2' 4BW K . -27.74 -15.68 -42.99
O2' 4BW K . -26.69 -15.12 -43.75
C1' 4BW K . -28.55 -14.56 -42.32
N9 4BW K . -29.14 -14.93 -41.03
C8 4BW K . -29.93 -16.02 -40.72
N7 4BW K . -30.30 -16.05 -39.47
C5 4BW K . -29.74 -14.91 -38.91
C4 4BW K . -29.02 -14.20 -39.87
N3 4BW K . -28.35 -13.06 -39.68
C2 4BW K . -28.45 -12.64 -38.42
N1 4BW K . -29.10 -13.21 -37.40
C6 4BW K . -29.77 -14.36 -37.61
N6 4BW K . -30.43 -14.93 -36.59
OAC 4BW L . -23.94 13.45 -30.32
CBC 4BW L . -23.80 12.30 -29.91
NAT 4BW L . -23.98 11.21 -30.78
CBA 4BW L . -23.86 9.89 -30.44
NAA 4BW L . -24.06 8.98 -31.42
NAS 4BW L . -23.58 9.49 -29.22
CBG 4BW L . -23.41 10.50 -28.34
CBE 4BW L . -23.50 11.86 -28.59
NAR 4BW L . -23.26 12.57 -27.43
CAL 4BW L . -23.03 11.68 -26.52
NBQ 4BW L . -23.11 10.38 -27.01
CBO 4BW L . -22.90 9.15 -26.24
CBI 4BW L . -24.03 8.11 -26.37
OAG 4BW L . -24.52 7.81 -25.08
OAX 4BW L . -21.69 8.55 -26.63
CBK 4BW L . -21.84 7.13 -26.75
CAN 4BW L . -20.94 6.58 -27.83
OAV 4BW L . -21.13 7.29 -29.05
PBR 4BW L . -20.70 6.71 -30.51
O3' 4BW L . -20.94 5.10 -30.35
OAH 4BW L . -21.69 7.12 -31.54
OAD 4BW L . -19.25 7.00 -30.64
CBM 4BW L . -23.32 6.91 -27.01
OAZ 4BW L . -23.69 5.65 -26.50
PBS 4BW L . -24.88 4.77 -27.18
OAI 4BW L . -25.99 5.68 -27.59
OAE 4BW L . -25.13 3.63 -26.26
O5' 4BW L . -24.16 4.28 -28.54
C5' 4BW L . -22.97 3.49 -28.47
C4' 4BW L . -22.41 3.26 -29.86
O4' 4BW L . -23.33 2.45 -30.63
C3' 4BW L . -22.15 4.48 -30.73
C2' 4BW L . -22.23 3.91 -32.15
O2' 4BW L . -21.01 3.27 -32.46
C1' 4BW L . -23.34 2.86 -31.98
N9 4BW L . -24.69 3.36 -32.31
C8 4BW L . -25.33 4.48 -31.84
N7 4BW L . -26.54 4.61 -32.35
C5 4BW L . -26.71 3.53 -33.18
C4 4BW L . -25.56 2.73 -33.16
N3 4BW L . -25.38 1.60 -33.86
C2 4BW L . -26.43 1.29 -34.60
N1 4BW L . -27.59 1.96 -34.70
C6 4BW L . -27.76 3.09 -34.00
N6 4BW L . -28.92 3.76 -34.11
#